data_7HI9
# 
_entry.id   7HI9 
# 
_audit_conform.dict_name       mmcif_pdbx.dic 
_audit_conform.dict_version    5.397 
_audit_conform.dict_location   http://mmcif.pdb.org/dictionaries/ascii/mmcif_pdbx.dic 
# 
loop_
_database_2.database_id 
_database_2.database_code 
_database_2.pdbx_database_accession 
_database_2.pdbx_DOI 
PDB   7HI9         pdb_00007hi9 10.2210/pdb7hi9/pdb 
WWPDB D_1001407507 ?            ?                   
# 
_pdbx_audit_revision_history.ordinal             1 
_pdbx_audit_revision_history.data_content_type   'Structure model' 
_pdbx_audit_revision_history.major_revision      1 
_pdbx_audit_revision_history.minor_revision      0 
_pdbx_audit_revision_history.revision_date       2024-10-16 
# 
_pdbx_audit_revision_details.ordinal             1 
_pdbx_audit_revision_details.revision_ordinal    1 
_pdbx_audit_revision_details.data_content_type   'Structure model' 
_pdbx_audit_revision_details.provider            repository 
_pdbx_audit_revision_details.type                'Initial release' 
_pdbx_audit_revision_details.description         ? 
_pdbx_audit_revision_details.details             ? 
# 
_pdbx_database_status.entry_id                        7HI9 
_pdbx_database_status.status_code                     REL 
_pdbx_database_status.status_code_sf                  REL 
_pdbx_database_status.status_code_mr                  ? 
_pdbx_database_status.status_code_cs                  ? 
_pdbx_database_status.recvd_initial_deposition_date   2024-09-20 
_pdbx_database_status.status_code_nmr_data            ? 
_pdbx_database_status.deposit_site                    RCSB 
_pdbx_database_status.process_site                    RCSB 
_pdbx_database_status.SG_entry                        ? 
_pdbx_database_status.pdb_format_compatible           Y 
_pdbx_database_status.methods_development_category    ? 
# 
_pdbx_contact_author.id                 1 
_pdbx_contact_author.email              joseph.newman@sgc.ox.ac.uk 
_pdbx_contact_author.name_first         Joseph 
_pdbx_contact_author.name_last          Newman 
_pdbx_contact_author.identifier_ORCID   0000-0003-4488-0516 
_pdbx_contact_author.role               'principal investigator/group leader' 
_pdbx_contact_author.name_mi            ? 
# 
loop_
_audit_author.name 
_audit_author.pdbx_ordinal 
'Newman, J.A.'        1 
'Gavard, A.E.'        2 
'Sherestha, L.'       3 
'Burgess-Brown, N.A.' 4 
'von Delft, F.'       5 
'Arrowsmith, C.H.'    6 
'Edwards, A.'         7 
'Bountra, C.'         8 
'Gileadi, O.'         9 
# 
_citation.id                        primary 
_citation.title                     'PanDDA analysis group deposition of ground-state model' 
_citation.journal_abbrev            'To Be Published' 
_citation.journal_volume            ? 
_citation.page_first                ? 
_citation.page_last                 ? 
_citation.year                      ? 
_citation.journal_id_ASTM           ? 
_citation.country                   ? 
_citation.journal_id_ISSN           ? 
_citation.journal_id_CSD            0353 
_citation.book_publisher            ? 
_citation.pdbx_database_id_PubMed   ? 
_citation.pdbx_database_id_DOI      ? 
# 
loop_
_citation_author.citation_id 
_citation_author.name 
_citation_author.identifier_ORCID 
_citation_author.ordinal 
primary 'Newman, J.A.'        ? 1 
primary 'Gavard, A.E.'        ? 2 
primary 'Sherestha, L.'       ? 3 
primary 'Burgess-Brown, N.A.' ? 4 
primary 'von Delft, F.'       ? 5 
primary 'Arrowsmith, C.H.'    ? 6 
primary 'Edwards, A.'         ? 7 
primary 'Bountra, C.'         ? 8 
primary 'Gileadi, O.'         ? 9 
# 
loop_
_entity.id 
_entity.type 
_entity.src_method 
_entity.pdbx_description 
_entity.formula_weight 
_entity.pdbx_number_of_molecules 
_entity.pdbx_ec 
_entity.pdbx_mutation 
_entity.pdbx_fragment 
_entity.details 
1 polymer     man 'T-box transcription factor T' 19752.738 1   ? G177D ? ? 
2 non-polymer syn 'SODIUM ION'                   22.990    1   ? ?     ? ? 
3 water       nat water                          18.015    187 ? ?     ? ? 
# 
_entity_name_com.entity_id   1 
_entity_name_com.name        'Brachyury protein,Protein T' 
# 
_entity_poly.entity_id                      1 
_entity_poly.type                           'polypeptide(L)' 
_entity_poly.nstd_linkage                   no 
_entity_poly.nstd_monomer                   no 
_entity_poly.pdbx_seq_one_letter_code       
;GELRVGLEESELWLRFKELTNEMIVTKNGRRMFPVLKVNVSGLDPNAMYSFLLDFVAADNHRWKYVNGEWVPGGKPEPQA
PSCVYIHPDSPNFGAHWMKAPVSFSKVKLTNKLNGGGQIMLNSLHKYEPRIHIVRVGDPQRMITSHCFPETQFIAVTAYQ
NEEITALKIKYNP
;
_entity_poly.pdbx_seq_one_letter_code_can   
;GELRVGLEESELWLRFKELTNEMIVTKNGRRMFPVLKVNVSGLDPNAMYSFLLDFVAADNHRWKYVNGEWVPGGKPEPQA
PSCVYIHPDSPNFGAHWMKAPVSFSKVKLTNKLNGGGQIMLNSLHKYEPRIHIVRVGDPQRMITSHCFPETQFIAVTAYQ
NEEITALKIKYNP
;
_entity_poly.pdbx_strand_id                 A 
_entity_poly.pdbx_target_identifier         ? 
# 
loop_
_pdbx_entity_nonpoly.entity_id 
_pdbx_entity_nonpoly.name 
_pdbx_entity_nonpoly.comp_id 
2 'SODIUM ION' NA  
3 water        HOH 
# 
loop_
_entity_poly_seq.entity_id 
_entity_poly_seq.num 
_entity_poly_seq.mon_id 
_entity_poly_seq.hetero 
1 1   GLY n 
1 2   GLU n 
1 3   LEU n 
1 4   ARG n 
1 5   VAL n 
1 6   GLY n 
1 7   LEU n 
1 8   GLU n 
1 9   GLU n 
1 10  SER n 
1 11  GLU n 
1 12  LEU n 
1 13  TRP n 
1 14  LEU n 
1 15  ARG n 
1 16  PHE n 
1 17  LYS n 
1 18  GLU n 
1 19  LEU n 
1 20  THR n 
1 21  ASN n 
1 22  GLU n 
1 23  MET n 
1 24  ILE n 
1 25  VAL n 
1 26  THR n 
1 27  LYS n 
1 28  ASN n 
1 29  GLY n 
1 30  ARG n 
1 31  ARG n 
1 32  MET n 
1 33  PHE n 
1 34  PRO n 
1 35  VAL n 
1 36  LEU n 
1 37  LYS n 
1 38  VAL n 
1 39  ASN n 
1 40  VAL n 
1 41  SER n 
1 42  GLY n 
1 43  LEU n 
1 44  ASP n 
1 45  PRO n 
1 46  ASN n 
1 47  ALA n 
1 48  MET n 
1 49  TYR n 
1 50  SER n 
1 51  PHE n 
1 52  LEU n 
1 53  LEU n 
1 54  ASP n 
1 55  PHE n 
1 56  VAL n 
1 57  ALA n 
1 58  ALA n 
1 59  ASP n 
1 60  ASN n 
1 61  HIS n 
1 62  ARG n 
1 63  TRP n 
1 64  LYS n 
1 65  TYR n 
1 66  VAL n 
1 67  ASN n 
1 68  GLY n 
1 69  GLU n 
1 70  TRP n 
1 71  VAL n 
1 72  PRO n 
1 73  GLY n 
1 74  GLY n 
1 75  LYS n 
1 76  PRO n 
1 77  GLU n 
1 78  PRO n 
1 79  GLN n 
1 80  ALA n 
1 81  PRO n 
1 82  SER n 
1 83  CYS n 
1 84  VAL n 
1 85  TYR n 
1 86  ILE n 
1 87  HIS n 
1 88  PRO n 
1 89  ASP n 
1 90  SER n 
1 91  PRO n 
1 92  ASN n 
1 93  PHE n 
1 94  GLY n 
1 95  ALA n 
1 96  HIS n 
1 97  TRP n 
1 98  MET n 
1 99  LYS n 
1 100 ALA n 
1 101 PRO n 
1 102 VAL n 
1 103 SER n 
1 104 PHE n 
1 105 SER n 
1 106 LYS n 
1 107 VAL n 
1 108 LYS n 
1 109 LEU n 
1 110 THR n 
1 111 ASN n 
1 112 LYS n 
1 113 LEU n 
1 114 ASN n 
1 115 GLY n 
1 116 GLY n 
1 117 GLY n 
1 118 GLN n 
1 119 ILE n 
1 120 MET n 
1 121 LEU n 
1 122 ASN n 
1 123 SER n 
1 124 LEU n 
1 125 HIS n 
1 126 LYS n 
1 127 TYR n 
1 128 GLU n 
1 129 PRO n 
1 130 ARG n 
1 131 ILE n 
1 132 HIS n 
1 133 ILE n 
1 134 VAL n 
1 135 ARG n 
1 136 VAL n 
1 137 GLY n 
1 138 ASP n 
1 139 PRO n 
1 140 GLN n 
1 141 ARG n 
1 142 MET n 
1 143 ILE n 
1 144 THR n 
1 145 SER n 
1 146 HIS n 
1 147 CYS n 
1 148 PHE n 
1 149 PRO n 
1 150 GLU n 
1 151 THR n 
1 152 GLN n 
1 153 PHE n 
1 154 ILE n 
1 155 ALA n 
1 156 VAL n 
1 157 THR n 
1 158 ALA n 
1 159 TYR n 
1 160 GLN n 
1 161 ASN n 
1 162 GLU n 
1 163 GLU n 
1 164 ILE n 
1 165 THR n 
1 166 ALA n 
1 167 LEU n 
1 168 LYS n 
1 169 ILE n 
1 170 LYS n 
1 171 TYR n 
1 172 ASN n 
1 173 PRO n 
# 
_entity_src_gen.entity_id                          1 
_entity_src_gen.pdbx_src_id                        1 
_entity_src_gen.pdbx_alt_source_flag               sample 
_entity_src_gen.pdbx_seq_type                      'Biological sequence' 
_entity_src_gen.pdbx_beg_seq_num                   1 
_entity_src_gen.pdbx_end_seq_num                   173 
_entity_src_gen.gene_src_common_name               human 
_entity_src_gen.gene_src_genus                     ? 
_entity_src_gen.pdbx_gene_src_gene                 'TBXT, T' 
_entity_src_gen.gene_src_species                   ? 
_entity_src_gen.gene_src_strain                    ? 
_entity_src_gen.gene_src_tissue                    ? 
_entity_src_gen.gene_src_tissue_fraction           ? 
_entity_src_gen.gene_src_details                   ? 
_entity_src_gen.pdbx_gene_src_fragment             ? 
_entity_src_gen.pdbx_gene_src_scientific_name      'Homo sapiens' 
_entity_src_gen.pdbx_gene_src_ncbi_taxonomy_id     9606 
_entity_src_gen.pdbx_gene_src_variant              ? 
_entity_src_gen.pdbx_gene_src_cell_line            ? 
_entity_src_gen.pdbx_gene_src_atcc                 ? 
_entity_src_gen.pdbx_gene_src_organ                ? 
_entity_src_gen.pdbx_gene_src_organelle            ? 
_entity_src_gen.pdbx_gene_src_cell                 ? 
_entity_src_gen.pdbx_gene_src_cellular_location    ? 
_entity_src_gen.host_org_common_name               ? 
_entity_src_gen.pdbx_host_org_scientific_name      'escherichia coli' 
_entity_src_gen.pdbx_host_org_ncbi_taxonomy_id     562 
_entity_src_gen.host_org_genus                     ? 
_entity_src_gen.pdbx_host_org_gene                 ? 
_entity_src_gen.pdbx_host_org_organ                ? 
_entity_src_gen.host_org_species                   ? 
_entity_src_gen.pdbx_host_org_tissue               ? 
_entity_src_gen.pdbx_host_org_tissue_fraction      ? 
_entity_src_gen.pdbx_host_org_strain               ? 
_entity_src_gen.pdbx_host_org_variant              ? 
_entity_src_gen.pdbx_host_org_cell_line            ? 
_entity_src_gen.pdbx_host_org_atcc                 ? 
_entity_src_gen.pdbx_host_org_culture_collection   ? 
_entity_src_gen.pdbx_host_org_cell                 ? 
_entity_src_gen.pdbx_host_org_organelle            ? 
_entity_src_gen.pdbx_host_org_cellular_location    ? 
_entity_src_gen.pdbx_host_org_vector_type          ? 
_entity_src_gen.pdbx_host_org_vector               ? 
_entity_src_gen.host_org_details                   ? 
_entity_src_gen.expression_system_id               ? 
_entity_src_gen.plasmid_name                       ? 
_entity_src_gen.plasmid_details                    ? 
_entity_src_gen.pdbx_description                   ? 
# 
loop_
_chem_comp.id 
_chem_comp.type 
_chem_comp.mon_nstd_flag 
_chem_comp.name 
_chem_comp.pdbx_synonyms 
_chem_comp.formula 
_chem_comp.formula_weight 
ALA 'L-peptide linking' y ALANINE         ? 'C3 H7 N O2'     89.093  
ARG 'L-peptide linking' y ARGININE        ? 'C6 H15 N4 O2 1' 175.209 
ASN 'L-peptide linking' y ASPARAGINE      ? 'C4 H8 N2 O3'    132.118 
ASP 'L-peptide linking' y 'ASPARTIC ACID' ? 'C4 H7 N O4'     133.103 
CYS 'L-peptide linking' y CYSTEINE        ? 'C3 H7 N O2 S'   121.158 
GLN 'L-peptide linking' y GLUTAMINE       ? 'C5 H10 N2 O3'   146.144 
GLU 'L-peptide linking' y 'GLUTAMIC ACID' ? 'C5 H9 N O4'     147.129 
GLY 'peptide linking'   y GLYCINE         ? 'C2 H5 N O2'     75.067  
HIS 'L-peptide linking' y HISTIDINE       ? 'C6 H10 N3 O2 1' 156.162 
HOH non-polymer         . WATER           ? 'H2 O'           18.015  
ILE 'L-peptide linking' y ISOLEUCINE      ? 'C6 H13 N O2'    131.173 
LEU 'L-peptide linking' y LEUCINE         ? 'C6 H13 N O2'    131.173 
LYS 'L-peptide linking' y LYSINE          ? 'C6 H15 N2 O2 1' 147.195 
MET 'L-peptide linking' y METHIONINE      ? 'C5 H11 N O2 S'  149.211 
NA  non-polymer         . 'SODIUM ION'    ? 'Na 1'           22.990  
PHE 'L-peptide linking' y PHENYLALANINE   ? 'C9 H11 N O2'    165.189 
PRO 'L-peptide linking' y PROLINE         ? 'C5 H9 N O2'     115.130 
SER 'L-peptide linking' y SERINE          ? 'C3 H7 N O3'     105.093 
THR 'L-peptide linking' y THREONINE       ? 'C4 H9 N O3'     119.119 
TRP 'L-peptide linking' y TRYPTOPHAN      ? 'C11 H12 N2 O2'  204.225 
TYR 'L-peptide linking' y TYROSINE        ? 'C9 H11 N O3'    181.189 
VAL 'L-peptide linking' y VALINE          ? 'C5 H11 N O2'    117.146 
# 
loop_
_pdbx_poly_seq_scheme.asym_id 
_pdbx_poly_seq_scheme.entity_id 
_pdbx_poly_seq_scheme.seq_id 
_pdbx_poly_seq_scheme.mon_id 
_pdbx_poly_seq_scheme.ndb_seq_num 
_pdbx_poly_seq_scheme.pdb_seq_num 
_pdbx_poly_seq_scheme.auth_seq_num 
_pdbx_poly_seq_scheme.pdb_mon_id 
_pdbx_poly_seq_scheme.auth_mon_id 
_pdbx_poly_seq_scheme.pdb_strand_id 
_pdbx_poly_seq_scheme.pdb_ins_code 
_pdbx_poly_seq_scheme.hetero 
A 1 1   GLY 1   40  ?   ?   ?   A . n 
A 1 2   GLU 2   41  41  GLU GLU A . n 
A 1 3   LEU 3   42  42  LEU LEU A . n 
A 1 4   ARG 4   43  43  ARG ARG A . n 
A 1 5   VAL 5   44  44  VAL VAL A . n 
A 1 6   GLY 6   45  45  GLY GLY A . n 
A 1 7   LEU 7   46  46  LEU LEU A . n 
A 1 8   GLU 8   47  47  GLU GLU A . n 
A 1 9   GLU 9   48  48  GLU GLU A . n 
A 1 10  SER 10  49  49  SER SER A . n 
A 1 11  GLU 11  50  50  GLU GLU A . n 
A 1 12  LEU 12  51  51  LEU LEU A . n 
A 1 13  TRP 13  52  52  TRP TRP A . n 
A 1 14  LEU 14  53  53  LEU LEU A . n 
A 1 15  ARG 15  54  54  ARG ARG A . n 
A 1 16  PHE 16  55  55  PHE PHE A . n 
A 1 17  LYS 17  56  56  LYS LYS A . n 
A 1 18  GLU 18  57  57  GLU GLU A . n 
A 1 19  LEU 19  58  58  LEU LEU A . n 
A 1 20  THR 20  59  59  THR THR A . n 
A 1 21  ASN 21  60  60  ASN ASN A . n 
A 1 22  GLU 22  61  61  GLU GLU A . n 
A 1 23  MET 23  62  62  MET MET A . n 
A 1 24  ILE 24  63  63  ILE ILE A . n 
A 1 25  VAL 25  64  64  VAL VAL A . n 
A 1 26  THR 26  65  65  THR THR A . n 
A 1 27  LYS 27  66  66  LYS LYS A . n 
A 1 28  ASN 28  67  67  ASN ASN A . n 
A 1 29  GLY 29  68  68  GLY GLY A . n 
A 1 30  ARG 30  69  69  ARG ARG A . n 
A 1 31  ARG 31  70  70  ARG ARG A . n 
A 1 32  MET 32  71  71  MET MET A . n 
A 1 33  PHE 33  72  72  PHE PHE A . n 
A 1 34  PRO 34  73  73  PRO PRO A . n 
A 1 35  VAL 35  74  74  VAL VAL A . n 
A 1 36  LEU 36  75  75  LEU LEU A . n 
A 1 37  LYS 37  76  76  LYS LYS A . n 
A 1 38  VAL 38  77  77  VAL VAL A . n 
A 1 39  ASN 39  78  78  ASN ASN A . n 
A 1 40  VAL 40  79  79  VAL VAL A . n 
A 1 41  SER 41  80  80  SER SER A . n 
A 1 42  GLY 42  81  81  GLY GLY A . n 
A 1 43  LEU 43  82  82  LEU LEU A . n 
A 1 44  ASP 44  83  83  ASP ASP A . n 
A 1 45  PRO 45  84  84  PRO PRO A . n 
A 1 46  ASN 46  85  85  ASN ASN A . n 
A 1 47  ALA 47  86  86  ALA ALA A . n 
A 1 48  MET 48  87  87  MET MET A . n 
A 1 49  TYR 49  88  88  TYR TYR A . n 
A 1 50  SER 50  89  89  SER SER A . n 
A 1 51  PHE 51  90  90  PHE PHE A . n 
A 1 52  LEU 52  91  91  LEU LEU A . n 
A 1 53  LEU 53  92  92  LEU LEU A . n 
A 1 54  ASP 54  93  93  ASP ASP A . n 
A 1 55  PHE 55  94  94  PHE PHE A . n 
A 1 56  VAL 56  95  95  VAL VAL A . n 
A 1 57  ALA 57  96  96  ALA ALA A . n 
A 1 58  ALA 58  97  97  ALA ALA A . n 
A 1 59  ASP 59  98  98  ASP ASP A . n 
A 1 60  ASN 60  99  99  ASN ASN A . n 
A 1 61  HIS 61  100 100 HIS HIS A . n 
A 1 62  ARG 62  101 101 ARG ARG A . n 
A 1 63  TRP 63  102 102 TRP TRP A . n 
A 1 64  LYS 64  103 103 LYS LYS A . n 
A 1 65  TYR 65  104 104 TYR TYR A . n 
A 1 66  VAL 66  105 105 VAL VAL A . n 
A 1 67  ASN 67  106 106 ASN ASN A . n 
A 1 68  GLY 68  107 107 GLY GLY A . n 
A 1 69  GLU 69  108 108 GLU GLU A . n 
A 1 70  TRP 70  109 109 TRP TRP A . n 
A 1 71  VAL 71  110 110 VAL VAL A . n 
A 1 72  PRO 72  111 111 PRO PRO A . n 
A 1 73  GLY 73  112 112 GLY GLY A . n 
A 1 74  GLY 74  113 113 GLY GLY A . n 
A 1 75  LYS 75  114 114 LYS LYS A . n 
A 1 76  PRO 76  115 115 PRO PRO A . n 
A 1 77  GLU 77  116 116 GLU GLU A . n 
A 1 78  PRO 78  117 117 PRO PRO A . n 
A 1 79  GLN 79  118 118 GLN GLN A . n 
A 1 80  ALA 80  119 119 ALA ALA A . n 
A 1 81  PRO 81  120 120 PRO PRO A . n 
A 1 82  SER 82  121 121 SER SER A . n 
A 1 83  CYS 83  122 122 CYS CYS A . n 
A 1 84  VAL 84  123 123 VAL VAL A . n 
A 1 85  TYR 85  124 124 TYR TYR A . n 
A 1 86  ILE 86  125 125 ILE ILE A . n 
A 1 87  HIS 87  126 126 HIS HIS A . n 
A 1 88  PRO 88  127 127 PRO PRO A . n 
A 1 89  ASP 89  128 128 ASP ASP A . n 
A 1 90  SER 90  129 129 SER SER A . n 
A 1 91  PRO 91  130 130 PRO PRO A . n 
A 1 92  ASN 92  131 131 ASN ASN A . n 
A 1 93  PHE 93  132 132 PHE PHE A . n 
A 1 94  GLY 94  133 133 GLY GLY A . n 
A 1 95  ALA 95  134 134 ALA ALA A . n 
A 1 96  HIS 96  135 135 HIS HIS A . n 
A 1 97  TRP 97  136 136 TRP TRP A . n 
A 1 98  MET 98  137 137 MET MET A . n 
A 1 99  LYS 99  138 138 LYS LYS A . n 
A 1 100 ALA 100 139 139 ALA ALA A . n 
A 1 101 PRO 101 140 140 PRO PRO A . n 
A 1 102 VAL 102 141 141 VAL VAL A . n 
A 1 103 SER 103 142 142 SER SER A . n 
A 1 104 PHE 104 143 143 PHE PHE A . n 
A 1 105 SER 105 144 144 SER SER A . n 
A 1 106 LYS 106 145 145 LYS LYS A . n 
A 1 107 VAL 107 146 146 VAL VAL A . n 
A 1 108 LYS 108 147 147 LYS LYS A . n 
A 1 109 LEU 109 148 148 LEU LEU A . n 
A 1 110 THR 110 149 149 THR THR A . n 
A 1 111 ASN 111 150 150 ASN ASN A . n 
A 1 112 LYS 112 151 151 LYS LYS A . n 
A 1 113 LEU 113 152 152 LEU LEU A . n 
A 1 114 ASN 114 153 153 ASN ASN A . n 
A 1 115 GLY 115 154 154 GLY GLY A . n 
A 1 116 GLY 116 155 155 GLY GLY A . n 
A 1 117 GLY 117 156 156 GLY GLY A . n 
A 1 118 GLN 118 157 157 GLN GLN A . n 
A 1 119 ILE 119 158 158 ILE ILE A . n 
A 1 120 MET 120 159 159 MET MET A . n 
A 1 121 LEU 121 160 160 LEU LEU A . n 
A 1 122 ASN 122 161 161 ASN ASN A . n 
A 1 123 SER 123 162 162 SER SER A . n 
A 1 124 LEU 124 163 163 LEU LEU A . n 
A 1 125 HIS 125 164 164 HIS HIS A . n 
A 1 126 LYS 126 165 165 LYS LYS A . n 
A 1 127 TYR 127 166 166 TYR TYR A . n 
A 1 128 GLU 128 167 167 GLU GLU A . n 
A 1 129 PRO 129 168 168 PRO PRO A . n 
A 1 130 ARG 130 169 169 ARG ARG A . n 
A 1 131 ILE 131 170 170 ILE ILE A . n 
A 1 132 HIS 132 171 171 HIS HIS A . n 
A 1 133 ILE 133 172 172 ILE ILE A . n 
A 1 134 VAL 134 173 173 VAL VAL A . n 
A 1 135 ARG 135 174 174 ARG ARG A . n 
A 1 136 VAL 136 175 175 VAL VAL A . n 
A 1 137 GLY 137 176 176 GLY GLY A . n 
A 1 138 ASP 138 177 177 ASP ASP A . n 
A 1 139 PRO 139 178 178 PRO PRO A . n 
A 1 140 GLN 140 179 179 GLN GLN A . n 
A 1 141 ARG 141 180 180 ARG ARG A . n 
A 1 142 MET 142 181 181 MET MET A . n 
A 1 143 ILE 143 182 182 ILE ILE A . n 
A 1 144 THR 144 183 183 THR THR A . n 
A 1 145 SER 145 184 184 SER SER A . n 
A 1 146 HIS 146 185 185 HIS HIS A . n 
A 1 147 CYS 147 186 186 CYS CYS A . n 
A 1 148 PHE 148 187 187 PHE PHE A . n 
A 1 149 PRO 149 188 188 PRO PRO A . n 
A 1 150 GLU 150 189 189 GLU GLU A . n 
A 1 151 THR 151 190 190 THR THR A . n 
A 1 152 GLN 152 191 191 GLN GLN A . n 
A 1 153 PHE 153 192 192 PHE PHE A . n 
A 1 154 ILE 154 193 193 ILE ILE A . n 
A 1 155 ALA 155 194 194 ALA ALA A . n 
A 1 156 VAL 156 195 195 VAL VAL A . n 
A 1 157 THR 157 196 196 THR THR A . n 
A 1 158 ALA 158 197 197 ALA ALA A . n 
A 1 159 TYR 159 198 198 TYR TYR A . n 
A 1 160 GLN 160 199 199 GLN GLN A . n 
A 1 161 ASN 161 200 200 ASN ASN A . n 
A 1 162 GLU 162 201 201 GLU GLU A . n 
A 1 163 GLU 163 202 202 GLU GLU A . n 
A 1 164 ILE 164 203 203 ILE ILE A . n 
A 1 165 THR 165 204 204 THR THR A . n 
A 1 166 ALA 166 205 205 ALA ALA A . n 
A 1 167 LEU 167 206 206 LEU LEU A . n 
A 1 168 LYS 168 207 207 LYS LYS A . n 
A 1 169 ILE 169 208 208 ILE ILE A . n 
A 1 170 LYS 170 209 209 LYS LYS A . n 
A 1 171 TYR 171 210 210 TYR TYR A . n 
A 1 172 ASN 172 211 211 ASN ASN A . n 
A 1 173 PRO 173 212 ?   ?   ?   A . n 
# 
loop_
_pdbx_nonpoly_scheme.asym_id 
_pdbx_nonpoly_scheme.entity_id 
_pdbx_nonpoly_scheme.mon_id 
_pdbx_nonpoly_scheme.ndb_seq_num 
_pdbx_nonpoly_scheme.pdb_seq_num 
_pdbx_nonpoly_scheme.auth_seq_num 
_pdbx_nonpoly_scheme.pdb_mon_id 
_pdbx_nonpoly_scheme.auth_mon_id 
_pdbx_nonpoly_scheme.pdb_strand_id 
_pdbx_nonpoly_scheme.pdb_ins_code 
B 2 NA  1   301 1   NA  NA  A . 
C 3 HOH 1   401 77  HOH HOH A . 
C 3 HOH 2   402 113 HOH HOH A . 
C 3 HOH 3   403 171 HOH HOH A . 
C 3 HOH 4   404 157 HOH HOH A . 
C 3 HOH 5   405 101 HOH HOH A . 
C 3 HOH 6   406 106 HOH HOH A . 
C 3 HOH 7   407 46  HOH HOH A . 
C 3 HOH 8   408 111 HOH HOH A . 
C 3 HOH 9   409 166 HOH HOH A . 
C 3 HOH 10  410 34  HOH HOH A . 
C 3 HOH 11  411 31  HOH HOH A . 
C 3 HOH 12  412 162 HOH HOH A . 
C 3 HOH 13  413 27  HOH HOH A . 
C 3 HOH 14  414 78  HOH HOH A . 
C 3 HOH 15  415 150 HOH HOH A . 
C 3 HOH 16  416 165 HOH HOH A . 
C 3 HOH 17  417 170 HOH HOH A . 
C 3 HOH 18  418 30  HOH HOH A . 
C 3 HOH 19  419 180 HOH HOH A . 
C 3 HOH 20  420 61  HOH HOH A . 
C 3 HOH 21  421 210 HOH HOH A . 
C 3 HOH 22  422 32  HOH HOH A . 
C 3 HOH 23  423 44  HOH HOH A . 
C 3 HOH 24  424 149 HOH HOH A . 
C 3 HOH 25  425 81  HOH HOH A . 
C 3 HOH 26  426 125 HOH HOH A . 
C 3 HOH 27  427 40  HOH HOH A . 
C 3 HOH 28  428 14  HOH HOH A . 
C 3 HOH 29  429 104 HOH HOH A . 
C 3 HOH 30  430 88  HOH HOH A . 
C 3 HOH 31  431 62  HOH HOH A . 
C 3 HOH 32  432 89  HOH HOH A . 
C 3 HOH 33  433 23  HOH HOH A . 
C 3 HOH 34  434 235 HOH HOH A . 
C 3 HOH 35  435 152 HOH HOH A . 
C 3 HOH 36  436 122 HOH HOH A . 
C 3 HOH 37  437 118 HOH HOH A . 
C 3 HOH 38  438 176 HOH HOH A . 
C 3 HOH 39  439 167 HOH HOH A . 
C 3 HOH 40  440 195 HOH HOH A . 
C 3 HOH 41  441 156 HOH HOH A . 
C 3 HOH 42  442 67  HOH HOH A . 
C 3 HOH 43  443 57  HOH HOH A . 
C 3 HOH 44  444 59  HOH HOH A . 
C 3 HOH 45  445 103 HOH HOH A . 
C 3 HOH 46  446 159 HOH HOH A . 
C 3 HOH 47  447 15  HOH HOH A . 
C 3 HOH 48  448 48  HOH HOH A . 
C 3 HOH 49  449 26  HOH HOH A . 
C 3 HOH 50  450 17  HOH HOH A . 
C 3 HOH 51  451 174 HOH HOH A . 
C 3 HOH 52  452 76  HOH HOH A . 
C 3 HOH 53  453 154 HOH HOH A . 
C 3 HOH 54  454 207 HOH HOH A . 
C 3 HOH 55  455 133 HOH HOH A . 
C 3 HOH 56  456 158 HOH HOH A . 
C 3 HOH 57  457 42  HOH HOH A . 
C 3 HOH 58  458 41  HOH HOH A . 
C 3 HOH 59  459 4   HOH HOH A . 
C 3 HOH 60  460 22  HOH HOH A . 
C 3 HOH 61  461 68  HOH HOH A . 
C 3 HOH 62  462 64  HOH HOH A . 
C 3 HOH 63  463 188 HOH HOH A . 
C 3 HOH 64  464 220 HOH HOH A . 
C 3 HOH 65  465 12  HOH HOH A . 
C 3 HOH 66  466 47  HOH HOH A . 
C 3 HOH 67  467 3   HOH HOH A . 
C 3 HOH 68  468 228 HOH HOH A . 
C 3 HOH 69  469 109 HOH HOH A . 
C 3 HOH 70  470 141 HOH HOH A . 
C 3 HOH 71  471 124 HOH HOH A . 
C 3 HOH 72  472 236 HOH HOH A . 
C 3 HOH 73  473 164 HOH HOH A . 
C 3 HOH 74  474 5   HOH HOH A . 
C 3 HOH 75  475 206 HOH HOH A . 
C 3 HOH 76  476 60  HOH HOH A . 
C 3 HOH 77  477 35  HOH HOH A . 
C 3 HOH 78  478 9   HOH HOH A . 
C 3 HOH 79  479 96  HOH HOH A . 
C 3 HOH 80  480 13  HOH HOH A . 
C 3 HOH 81  481 1   HOH HOH A . 
C 3 HOH 82  482 45  HOH HOH A . 
C 3 HOH 83  483 43  HOH HOH A . 
C 3 HOH 84  484 204 HOH HOH A . 
C 3 HOH 85  485 72  HOH HOH A . 
C 3 HOH 86  486 208 HOH HOH A . 
C 3 HOH 87  487 36  HOH HOH A . 
C 3 HOH 88  488 50  HOH HOH A . 
C 3 HOH 89  489 6   HOH HOH A . 
C 3 HOH 90  490 107 HOH HOH A . 
C 3 HOH 91  491 194 HOH HOH A . 
C 3 HOH 92  492 191 HOH HOH A . 
C 3 HOH 93  493 70  HOH HOH A . 
C 3 HOH 94  494 209 HOH HOH A . 
C 3 HOH 95  495 24  HOH HOH A . 
C 3 HOH 96  496 151 HOH HOH A . 
C 3 HOH 97  497 54  HOH HOH A . 
C 3 HOH 98  498 213 HOH HOH A . 
C 3 HOH 99  499 37  HOH HOH A . 
C 3 HOH 100 500 25  HOH HOH A . 
C 3 HOH 101 501 237 HOH HOH A . 
C 3 HOH 102 502 222 HOH HOH A . 
C 3 HOH 103 503 87  HOH HOH A . 
C 3 HOH 104 504 83  HOH HOH A . 
C 3 HOH 105 505 66  HOH HOH A . 
C 3 HOH 106 506 33  HOH HOH A . 
C 3 HOH 107 507 39  HOH HOH A . 
C 3 HOH 108 508 38  HOH HOH A . 
C 3 HOH 109 509 16  HOH HOH A . 
C 3 HOH 110 510 192 HOH HOH A . 
C 3 HOH 111 511 86  HOH HOH A . 
C 3 HOH 112 512 52  HOH HOH A . 
C 3 HOH 113 513 181 HOH HOH A . 
C 3 HOH 114 514 161 HOH HOH A . 
C 3 HOH 115 515 163 HOH HOH A . 
C 3 HOH 116 516 199 HOH HOH A . 
C 3 HOH 117 517 58  HOH HOH A . 
C 3 HOH 118 518 117 HOH HOH A . 
C 3 HOH 119 519 218 HOH HOH A . 
C 3 HOH 120 520 92  HOH HOH A . 
C 3 HOH 121 521 51  HOH HOH A . 
C 3 HOH 122 522 138 HOH HOH A . 
C 3 HOH 123 523 28  HOH HOH A . 
C 3 HOH 124 524 82  HOH HOH A . 
C 3 HOH 125 525 20  HOH HOH A . 
C 3 HOH 126 526 7   HOH HOH A . 
C 3 HOH 127 527 56  HOH HOH A . 
C 3 HOH 128 528 184 HOH HOH A . 
C 3 HOH 129 529 2   HOH HOH A . 
C 3 HOH 130 530 178 HOH HOH A . 
C 3 HOH 131 531 234 HOH HOH A . 
C 3 HOH 132 532 172 HOH HOH A . 
C 3 HOH 133 533 216 HOH HOH A . 
C 3 HOH 134 534 185 HOH HOH A . 
C 3 HOH 135 535 85  HOH HOH A . 
C 3 HOH 136 536 100 HOH HOH A . 
C 3 HOH 137 537 231 HOH HOH A . 
C 3 HOH 138 538 224 HOH HOH A . 
C 3 HOH 139 539 99  HOH HOH A . 
C 3 HOH 140 540 142 HOH HOH A . 
C 3 HOH 141 541 182 HOH HOH A . 
C 3 HOH 142 542 179 HOH HOH A . 
C 3 HOH 143 543 168 HOH HOH A . 
C 3 HOH 144 544 186 HOH HOH A . 
C 3 HOH 145 545 29  HOH HOH A . 
C 3 HOH 146 546 175 HOH HOH A . 
C 3 HOH 147 547 84  HOH HOH A . 
C 3 HOH 148 548 121 HOH HOH A . 
C 3 HOH 149 549 135 HOH HOH A . 
C 3 HOH 150 550 217 HOH HOH A . 
C 3 HOH 151 551 160 HOH HOH A . 
C 3 HOH 152 552 131 HOH HOH A . 
C 3 HOH 153 553 80  HOH HOH A . 
C 3 HOH 154 554 238 HOH HOH A . 
C 3 HOH 155 555 143 HOH HOH A . 
C 3 HOH 156 556 90  HOH HOH A . 
C 3 HOH 157 557 136 HOH HOH A . 
C 3 HOH 158 558 214 HOH HOH A . 
C 3 HOH 159 559 19  HOH HOH A . 
C 3 HOH 160 560 187 HOH HOH A . 
C 3 HOH 161 561 98  HOH HOH A . 
C 3 HOH 162 562 200 HOH HOH A . 
C 3 HOH 163 563 94  HOH HOH A . 
C 3 HOH 164 564 97  HOH HOH A . 
C 3 HOH 165 565 219 HOH HOH A . 
C 3 HOH 166 566 229 HOH HOH A . 
C 3 HOH 167 567 173 HOH HOH A . 
C 3 HOH 168 568 144 HOH HOH A . 
C 3 HOH 169 569 129 HOH HOH A . 
C 3 HOH 170 570 116 HOH HOH A . 
C 3 HOH 171 571 21  HOH HOH A . 
C 3 HOH 172 572 55  HOH HOH A . 
C 3 HOH 173 573 65  HOH HOH A . 
C 3 HOH 174 574 221 HOH HOH A . 
C 3 HOH 175 575 155 HOH HOH A . 
C 3 HOH 176 576 11  HOH HOH A . 
C 3 HOH 177 577 177 HOH HOH A . 
C 3 HOH 178 578 110 HOH HOH A . 
C 3 HOH 179 579 71  HOH HOH A . 
C 3 HOH 180 580 73  HOH HOH A . 
C 3 HOH 181 581 49  HOH HOH A . 
C 3 HOH 182 582 153 HOH HOH A . 
C 3 HOH 183 583 75  HOH HOH A . 
C 3 HOH 184 584 137 HOH HOH A . 
C 3 HOH 185 585 102 HOH HOH A . 
C 3 HOH 186 586 211 HOH HOH A . 
C 3 HOH 187 587 145 HOH HOH A . 
# 
loop_
_software.pdbx_ordinal 
_software.name 
_software.version 
_software.date 
_software.type 
_software.contact_author 
_software.contact_author_email 
_software.classification 
_software.location 
_software.language 
_software.citation_id 
1 REFMAC      5.8.0238 ?               program 'Garib N. Murshudov' garib@ysbl.york.ac.uk    refinement        
http://www.ccp4.ac.uk/dist/html/refmac5.html        Fortran_77 ? 
2 Aimless     0.7.3    15/08/18        program 'Phil Evans'         ?                        'data scaling'    
http://www.mrc-lmb.cam.ac.uk/harry/pre/aimless.html ?          ? 
3 PDB_EXTRACT 3.23     'SEP. 23, 2016' package PDB                  deposit@deposit.rcsb.org 'data extraction' 
http://sw-tools.pdb.org/apps/PDB_EXTRACT/           C++        ? 
4 XDS         .        ?               program ?                    ?                        'data reduction'  ? ?          ? 
5 REFMAC      .        ?               program ?                    ?                        phasing           ? ?          ? 
# 
_cell.entry_id           7HI9 
_cell.length_a           99.734 
_cell.length_b           99.734 
_cell.length_c           99.325 
_cell.angle_alpha        90.000 
_cell.angle_beta         90.000 
_cell.angle_gamma        120.000 
_cell.Z_PDB              18 
_cell.pdbx_unique_axis   ? 
# 
_symmetry.entry_id                         7HI9 
_symmetry.Int_Tables_number                155 
_symmetry.space_group_name_H-M             'H 3 2' 
_symmetry.pdbx_full_space_group_name_H-M   ? 
_symmetry.cell_setting                     ? 
# 
_exptl.crystals_number   1 
_exptl.entry_id          7HI9 
_exptl.method            'X-RAY DIFFRACTION' 
# 
_exptl_crystal.id                    1 
_exptl_crystal.pdbx_mosaicity        0.000 
_exptl_crystal.pdbx_mosaicity_esd    ? 
_exptl_crystal.density_Matthews      2.41 
_exptl_crystal.density_diffrn        ? 
_exptl_crystal.density_meas          ? 
_exptl_crystal.density_meas_temp     ? 
_exptl_crystal.density_percent_sol   48.89 
_exptl_crystal.size_max              ? 
_exptl_crystal.size_mid              ? 
_exptl_crystal.size_min              ? 
_exptl_crystal.size_rad              ? 
_exptl_crystal.description           ? 
# 
_exptl_crystal_grow.crystal_id      1 
_exptl_crystal_grow.method          'VAPOR DIFFUSION, SITTING DROP' 
_exptl_crystal_grow.pH              7 
_exptl_crystal_grow.temp            298 
_exptl_crystal_grow.pdbx_details    '0.1 M SPG pH 7.0, 30 % PEG 1000' 
_exptl_crystal_grow.temp_details    ? 
_exptl_crystal_grow.pdbx_pH_range   ? 
# 
_diffrn.id                     1 
_diffrn.ambient_temp           100 
_diffrn.crystal_id             1 
_diffrn.ambient_temp_details   ? 
# 
_diffrn_detector.detector               PIXEL 
_diffrn_detector.type                   'DECTRIS PILATUS 6M' 
_diffrn_detector.pdbx_collection_date   2018-12-08 
_diffrn_detector.diffrn_id              1 
_diffrn_detector.details                ? 
# 
_diffrn_radiation.diffrn_id                        1 
_diffrn_radiation.wavelength_id                    1 
_diffrn_radiation.pdbx_diffrn_protocol             'SINGLE WAVELENGTH' 
_diffrn_radiation.pdbx_monochromatic_or_laue_m_l   ? 
_diffrn_radiation.monochromator                    ? 
_diffrn_radiation.pdbx_scattering_type             x-ray 
# 
_diffrn_radiation_wavelength.id           1 
_diffrn_radiation_wavelength.wavelength   0.91587 
_diffrn_radiation_wavelength.wt           1.0 
# 
_diffrn_source.diffrn_id                   1 
_diffrn_source.source                      SYNCHROTRON 
_diffrn_source.type                        'DIAMOND BEAMLINE I04-1' 
_diffrn_source.pdbx_wavelength_list        0.91587 
_diffrn_source.pdbx_synchrotron_site       Diamond 
_diffrn_source.pdbx_synchrotron_beamline   I04-1 
_diffrn_source.pdbx_wavelength             ? 
# 
_reflns.entry_id                     7HI9 
_reflns.pdbx_diffrn_id               1 
_reflns.pdbx_ordinal                 1 
_reflns.observed_criterion_sigma_I   ? 
_reflns.observed_criterion_sigma_F   ? 
_reflns.d_resolution_low             49.860 
_reflns.d_resolution_high            1.420 
_reflns.number_obs                   35889 
_reflns.number_all                   ? 
_reflns.percent_possible_obs         100.000 
_reflns.pdbx_Rmerge_I_obs            0.038 
_reflns.pdbx_Rsym_value              ? 
_reflns.pdbx_netI_over_sigmaI        21.000 
_reflns.B_iso_Wilson_estimate        ? 
_reflns.pdbx_redundancy              8.200 
_reflns.pdbx_Rrim_I_all              0.040 
_reflns.pdbx_Rpim_I_all              0.013 
_reflns.pdbx_CC_half                 1.000 
_reflns.pdbx_netI_over_av_sigmaI     ? 
_reflns.pdbx_number_measured_all     295722 
_reflns.pdbx_scaling_rejects         238 
_reflns.pdbx_chi_squared             ? 
_reflns.Rmerge_F_all                 ? 
_reflns.Rmerge_F_obs                 ? 
_reflns.observed_criterion_F_max     ? 
_reflns.observed_criterion_F_min     ? 
_reflns.observed_criterion_I_max     ? 
_reflns.observed_criterion_I_min     ? 
_reflns.pdbx_d_res_high_opt          ? 
_reflns.pdbx_d_res_low_opt           ? 
_reflns.details                      ? 
_reflns.pdbx_CC_star                 ? 
# 
loop_
_reflns_shell.pdbx_diffrn_id 
_reflns_shell.pdbx_ordinal 
_reflns_shell.d_res_high 
_reflns_shell.d_res_low 
_reflns_shell.number_measured_obs 
_reflns_shell.number_measured_all 
_reflns_shell.number_unique_obs 
_reflns_shell.pdbx_rejects 
_reflns_shell.Rmerge_I_obs 
_reflns_shell.meanI_over_sigI_obs 
_reflns_shell.pdbx_Rsym_value 
_reflns_shell.pdbx_chi_squared 
_reflns_shell.pdbx_redundancy 
_reflns_shell.percent_possible_obs 
_reflns_shell.pdbx_netI_over_sigmaI_obs 
_reflns_shell.number_possible 
_reflns_shell.number_unique_all 
_reflns_shell.Rmerge_F_all 
_reflns_shell.Rmerge_F_obs 
_reflns_shell.Rmerge_I_all 
_reflns_shell.meanI_over_sigI_all 
_reflns_shell.percent_possible_all 
_reflns_shell.pdbx_Rrim_I_all 
_reflns_shell.pdbx_Rpim_I_all 
_reflns_shell.pdbx_CC_half 
_reflns_shell.pdbx_CC_star 
1 1 1.420 1.460  ? 13585 2607 ? 1.198 ? ? ? 5.200 ? 1.200  ? ? ? ? ? ? 100.000 1.332 0.575 0.562 ? 
1 2 6.350 49.860 ? 3986  450  ? 0.022 ? ? ? 8.900 ? 73.000 ? ? ? ? ? ? 99.800  0.024 0.008 1.000 ? 
# 
_refine.entry_id                                 7HI9 
_refine.pdbx_refine_id                           'X-RAY DIFFRACTION' 
_refine.ls_d_res_high                            1.4200 
_refine.ls_d_res_low                             49.8700 
_refine.pdbx_ls_sigma_F                          0.000 
_refine.pdbx_data_cutoff_high_absF               ? 
_refine.pdbx_data_cutoff_low_absF                ? 
_refine.ls_percent_reflns_obs                    99.9400 
_refine.ls_number_reflns_obs                     34177 
_refine.ls_number_reflns_all                     ? 
_refine.pdbx_ls_cross_valid_method               THROUGHOUT 
_refine.ls_matrix_type                           ? 
_refine.pdbx_R_Free_selection_details            RANDOM 
_refine.details                                  
'HYDROGENS HAVE BEEN ADDED IN THE RIDING POSITIONS U VALUES      : REFINED INDIVIDUALLY' 
_refine.ls_R_factor_all                          ? 
_refine.ls_R_factor_obs                          0.1988 
_refine.ls_R_factor_R_work                       0.1975 
_refine.ls_wR_factor_R_work                      ? 
_refine.ls_R_factor_R_free                       0.2231 
_refine.ls_wR_factor_R_free                      ? 
_refine.ls_percent_reflns_R_free                 4.8000 
_refine.ls_number_reflns_R_free                  1709 
_refine.ls_number_reflns_R_work                  ? 
_refine.ls_R_factor_R_free_error                 ? 
_refine.B_iso_mean                               23.5830 
_refine.solvent_model_param_bsol                 ? 
_refine.solvent_model_param_ksol                 ? 
_refine.pdbx_isotropic_thermal_model             ? 
_refine.aniso_B[1][1]                            -0.4600 
_refine.aniso_B[2][2]                            -0.4600 
_refine.aniso_B[3][3]                            1.5100 
_refine.aniso_B[1][2]                            -0.2300 
_refine.aniso_B[1][3]                            -0.0000 
_refine.aniso_B[2][3]                            -0.0000 
_refine.correlation_coeff_Fo_to_Fc               0.9670 
_refine.correlation_coeff_Fo_to_Fc_free          0.9590 
_refine.overall_SU_R_Cruickshank_DPI             ? 
_refine.pdbx_overall_SU_R_free_Cruickshank_DPI   ? 
_refine.pdbx_overall_SU_R_Blow_DPI               ? 
_refine.pdbx_overall_SU_R_free_Blow_DPI          ? 
_refine.overall_SU_R_free                        ? 
_refine.pdbx_overall_ESU_R                       0.0690 
_refine.pdbx_overall_ESU_R_Free                  0.0700 
_refine.overall_SU_ML                            0.0560 
_refine.overall_SU_B                             1.5010 
_refine.solvent_model_details                    MASK 
_refine.pdbx_solvent_vdw_probe_radii             1.2000 
_refine.pdbx_solvent_ion_probe_radii             0.8000 
_refine.pdbx_solvent_shrinkage_radii             0.8000 
_refine.ls_number_parameters                     ? 
_refine.ls_number_restraints                     ? 
_refine.pdbx_starting_model                      6f58 
_refine.pdbx_method_to_determine_struct          'FOURIER SYNTHESIS' 
_refine.pdbx_stereochemistry_target_values       'MAXIMUM LIKELIHOOD' 
_refine.pdbx_stereochem_target_val_spec_case     ? 
_refine.overall_FOM_work_R_set                   ? 
_refine.B_iso_max                                92.200 
_refine.B_iso_min                                13.860 
_refine.pdbx_overall_phase_error                 ? 
_refine.occupancy_max                            ? 
_refine.occupancy_min                            ? 
_refine.pdbx_diffrn_id                           1 
_refine.pdbx_TLS_residual_ADP_flag               ? 
_refine.pdbx_ls_sigma_I                          ? 
_refine.pdbx_data_cutoff_high_rms_absF           ? 
_refine.ls_R_factor_R_free_error_details         ? 
# 
_refine_hist.cycle_id                         final 
_refine_hist.pdbx_refine_id                   'X-RAY DIFFRACTION' 
_refine_hist.d_res_high                       1.4200 
_refine_hist.d_res_low                        49.8700 
_refine_hist.pdbx_number_atoms_ligand         1 
_refine_hist.number_atoms_solvent             187 
_refine_hist.number_atoms_total               1568 
_refine_hist.pdbx_number_residues_total       171 
_refine_hist.pdbx_B_iso_mean_ligand           90.90 
_refine_hist.pdbx_B_iso_mean_solvent          35.52 
_refine_hist.pdbx_number_atoms_protein        1380 
_refine_hist.pdbx_number_atoms_nucleic_acid   0 
# 
loop_
_refine_ls_restr.pdbx_refine_id 
_refine_ls_restr.type 
_refine_ls_restr.number 
_refine_ls_restr.dev_ideal 
_refine_ls_restr.dev_ideal_target 
_refine_ls_restr.weight 
_refine_ls_restr.pdbx_restraint_function 
'X-RAY DIFFRACTION' r_bond_refined_d       1466 0.012  0.013  ? ? 
'X-RAY DIFFRACTION' r_bond_other_d         1356 0.001  0.017  ? ? 
'X-RAY DIFFRACTION' r_angle_refined_deg    1992 1.715  1.645  ? ? 
'X-RAY DIFFRACTION' r_angle_other_deg      3160 1.428  1.572  ? ? 
'X-RAY DIFFRACTION' r_dihedral_angle_1_deg 179  7.034  5.000  ? ? 
'X-RAY DIFFRACTION' r_dihedral_angle_2_deg 74   28.440 22.432 ? ? 
'X-RAY DIFFRACTION' r_dihedral_angle_3_deg 255  14.698 15.000 ? ? 
'X-RAY DIFFRACTION' r_dihedral_angle_4_deg 8    10.633 15.000 ? ? 
'X-RAY DIFFRACTION' r_chiral_restr         184  0.088  0.200  ? ? 
'X-RAY DIFFRACTION' r_gen_planes_refined   1637 0.010  0.020  ? ? 
'X-RAY DIFFRACTION' r_gen_planes_other     307  0.001  0.020  ? ? 
'X-RAY DIFFRACTION' r_mcbond_it            710  1.936  2.224  ? ? 
'X-RAY DIFFRACTION' r_mcbond_other         709  1.919  2.221  ? ? 
'X-RAY DIFFRACTION' r_mcangle_it           890  2.989  3.325  ? ? 
# 
_refine_ls_shell.d_res_high                       1.4200 
_refine_ls_shell.d_res_low                        1.4570 
_refine_ls_shell.pdbx_total_number_of_bins_used   20 
_refine_ls_shell.percent_reflns_obs               99.5800 
_refine_ls_shell.number_reflns_R_work             2483 
_refine_ls_shell.R_factor_all                     ? 
_refine_ls_shell.R_factor_R_work                  0.3210 
_refine_ls_shell.R_factor_R_free                  0.3200 
_refine_ls_shell.percent_reflns_R_free            ? 
_refine_ls_shell.number_reflns_R_free             124 
_refine_ls_shell.R_factor_R_free_error            ? 
_refine_ls_shell.number_reflns_all                2607 
_refine_ls_shell.number_reflns_obs                ? 
_refine_ls_shell.pdbx_refine_id                   'X-RAY DIFFRACTION' 
_refine_ls_shell.R_factor_obs                     ? 
# 
_struct.entry_id                  7HI9 
_struct.title                     'PanDDA analysis group deposition of ground-state model of human Brachyury G177D variant' 
_struct.pdbx_model_details        ? 
_struct.pdbx_CASP_flag            ? 
_struct.pdbx_model_type_details   ? 
# 
_struct_keywords.entry_id        7HI9 
_struct_keywords.text            'SGC - Diamond I04-1 fragment screening, PanDDA, XChemExplorer, TRANSCRIPTION' 
_struct_keywords.pdbx_keywords   TRANSCRIPTION 
# 
loop_
_struct_asym.id 
_struct_asym.pdbx_blank_PDB_chainid_flag 
_struct_asym.pdbx_modified 
_struct_asym.entity_id 
_struct_asym.details 
A N N 1 ? 
B N N 2 ? 
C N N 3 ? 
# 
_struct_ref.id                         1 
_struct_ref.db_name                    UNP 
_struct_ref.db_code                    TBXT_HUMAN 
_struct_ref.pdbx_db_accession          O15178 
_struct_ref.pdbx_db_isoform            ? 
_struct_ref.entity_id                  1 
_struct_ref.pdbx_seq_one_letter_code   
;ELRVGLEESELWLRFKELTNEMIVTKNGRRMFPVLKVNVSGLDPNAMYSFLLDFVAADNHRWKYVNGEWVPGGKPEPQAP
SCVYIHPDSPNFGAHWMKAPVSFSKVKLTNKLNGGGQIMLNSLHKYEPRIHIVRVGGPQRMITSHCFPETQFIAVTAYQN
EEITALKIKYNP
;
_struct_ref.pdbx_align_begin           41 
# 
_struct_ref_seq.align_id                      1 
_struct_ref_seq.ref_id                        1 
_struct_ref_seq.pdbx_PDB_id_code              7HI9 
_struct_ref_seq.pdbx_strand_id                A 
_struct_ref_seq.seq_align_beg                 2 
_struct_ref_seq.pdbx_seq_align_beg_ins_code   ? 
_struct_ref_seq.seq_align_end                 173 
_struct_ref_seq.pdbx_seq_align_end_ins_code   ? 
_struct_ref_seq.pdbx_db_accession             O15178 
_struct_ref_seq.db_align_beg                  41 
_struct_ref_seq.pdbx_db_align_beg_ins_code    ? 
_struct_ref_seq.db_align_end                  212 
_struct_ref_seq.pdbx_db_align_end_ins_code    ? 
_struct_ref_seq.pdbx_auth_seq_align_beg       41 
_struct_ref_seq.pdbx_auth_seq_align_end       212 
# 
loop_
_struct_ref_seq_dif.align_id 
_struct_ref_seq_dif.pdbx_pdb_id_code 
_struct_ref_seq_dif.mon_id 
_struct_ref_seq_dif.pdbx_pdb_strand_id 
_struct_ref_seq_dif.seq_num 
_struct_ref_seq_dif.pdbx_pdb_ins_code 
_struct_ref_seq_dif.pdbx_seq_db_name 
_struct_ref_seq_dif.pdbx_seq_db_accession_code 
_struct_ref_seq_dif.db_mon_id 
_struct_ref_seq_dif.pdbx_seq_db_seq_num 
_struct_ref_seq_dif.details 
_struct_ref_seq_dif.pdbx_auth_seq_num 
_struct_ref_seq_dif.pdbx_ordinal 
1 7HI9 GLY A 1   ? UNP O15178 ?   ?   'expression tag'      40  1 
1 7HI9 ASP A 138 ? UNP O15178 GLY 177 'engineered mutation' 177 2 
# 
_pdbx_struct_assembly.id                   1 
_pdbx_struct_assembly.details              author_and_software_defined_assembly 
_pdbx_struct_assembly.method_details       PISA 
_pdbx_struct_assembly.oligomeric_details   monomeric 
_pdbx_struct_assembly.oligomeric_count     1 
# 
_pdbx_struct_assembly_gen.assembly_id       1 
_pdbx_struct_assembly_gen.oper_expression   1 
_pdbx_struct_assembly_gen.asym_id_list      A,B,C 
# 
_pdbx_struct_oper_list.id                   1 
_pdbx_struct_oper_list.type                 'identity operation' 
_pdbx_struct_oper_list.name                 1_555 
_pdbx_struct_oper_list.symmetry_operation   x,y,z 
_pdbx_struct_oper_list.matrix[1][1]         1.0000000000 
_pdbx_struct_oper_list.matrix[1][2]         0.0000000000 
_pdbx_struct_oper_list.matrix[1][3]         0.0000000000 
_pdbx_struct_oper_list.vector[1]            0.0000000000 
_pdbx_struct_oper_list.matrix[2][1]         0.0000000000 
_pdbx_struct_oper_list.matrix[2][2]         1.0000000000 
_pdbx_struct_oper_list.matrix[2][3]         0.0000000000 
_pdbx_struct_oper_list.vector[2]            0.0000000000 
_pdbx_struct_oper_list.matrix[3][1]         0.0000000000 
_pdbx_struct_oper_list.matrix[3][2]         0.0000000000 
_pdbx_struct_oper_list.matrix[3][3]         1.0000000000 
_pdbx_struct_oper_list.vector[3]            0.0000000000 
# 
loop_
_struct_conf.conf_type_id 
_struct_conf.id 
_struct_conf.pdbx_PDB_helix_id 
_struct_conf.beg_label_comp_id 
_struct_conf.beg_label_asym_id 
_struct_conf.beg_label_seq_id 
_struct_conf.pdbx_beg_PDB_ins_code 
_struct_conf.end_label_comp_id 
_struct_conf.end_label_asym_id 
_struct_conf.end_label_seq_id 
_struct_conf.pdbx_end_PDB_ins_code 
_struct_conf.beg_auth_comp_id 
_struct_conf.beg_auth_asym_id 
_struct_conf.beg_auth_seq_id 
_struct_conf.end_auth_comp_id 
_struct_conf.end_auth_asym_id 
_struct_conf.end_auth_seq_id 
_struct_conf.pdbx_PDB_helix_class 
_struct_conf.details 
_struct_conf.pdbx_PDB_helix_length 
HELX_P HELX_P1 AA1 GLU A 9   ? THR A 20  ? GLU A 48  THR A 59  1 ? 12 
HELX_P HELX_P2 AA2 GLY A 94  ? ALA A 100 ? GLY A 133 ALA A 139 1 ? 7  
HELX_P HELX_P3 AA3 PRO A 149 ? GLN A 152 ? PRO A 188 GLN A 191 5 ? 4  
HELX_P HELX_P4 AA4 ASN A 161 ? ASN A 172 ? ASN A 200 ASN A 211 1 ? 12 
# 
_struct_conf_type.id          HELX_P 
_struct_conf_type.criteria    ? 
_struct_conf_type.reference   ? 
# 
_struct_conn.id                            metalc1 
_struct_conn.conn_type_id                  metalc 
_struct_conn.pdbx_leaving_atom_flag        ? 
_struct_conn.pdbx_PDB_id                   ? 
_struct_conn.ptnr1_label_asym_id           B 
_struct_conn.ptnr1_label_comp_id           NA 
_struct_conn.ptnr1_label_seq_id            . 
_struct_conn.ptnr1_label_atom_id           NA 
_struct_conn.pdbx_ptnr1_label_alt_id       ? 
_struct_conn.pdbx_ptnr1_PDB_ins_code       ? 
_struct_conn.pdbx_ptnr1_standard_comp_id   ? 
_struct_conn.ptnr1_symmetry                1_555 
_struct_conn.ptnr2_label_asym_id           C 
_struct_conn.ptnr2_label_comp_id           HOH 
_struct_conn.ptnr2_label_seq_id            . 
_struct_conn.ptnr2_label_atom_id           O 
_struct_conn.pdbx_ptnr2_label_alt_id       ? 
_struct_conn.pdbx_ptnr2_PDB_ins_code       ? 
_struct_conn.ptnr1_auth_asym_id            A 
_struct_conn.ptnr1_auth_comp_id            NA 
_struct_conn.ptnr1_auth_seq_id             301 
_struct_conn.ptnr2_auth_asym_id            A 
_struct_conn.ptnr2_auth_comp_id            HOH 
_struct_conn.ptnr2_auth_seq_id             520 
_struct_conn.ptnr2_symmetry                16_544 
_struct_conn.pdbx_ptnr3_label_atom_id      ? 
_struct_conn.pdbx_ptnr3_label_seq_id       ? 
_struct_conn.pdbx_ptnr3_label_comp_id      ? 
_struct_conn.pdbx_ptnr3_label_asym_id      ? 
_struct_conn.pdbx_ptnr3_label_alt_id       ? 
_struct_conn.pdbx_ptnr3_PDB_ins_code       ? 
_struct_conn.details                       ? 
_struct_conn.pdbx_dist_value               2.574 
_struct_conn.pdbx_value_order              ? 
_struct_conn.pdbx_role                     ? 
# 
_struct_conn_type.id          metalc 
_struct_conn_type.criteria    ? 
_struct_conn_type.reference   ? 
# 
loop_
_struct_mon_prot_cis.pdbx_id 
_struct_mon_prot_cis.label_comp_id 
_struct_mon_prot_cis.label_seq_id 
_struct_mon_prot_cis.label_asym_id 
_struct_mon_prot_cis.label_alt_id 
_struct_mon_prot_cis.pdbx_PDB_ins_code 
_struct_mon_prot_cis.auth_comp_id 
_struct_mon_prot_cis.auth_seq_id 
_struct_mon_prot_cis.auth_asym_id 
_struct_mon_prot_cis.pdbx_label_comp_id_2 
_struct_mon_prot_cis.pdbx_label_seq_id_2 
_struct_mon_prot_cis.pdbx_label_asym_id_2 
_struct_mon_prot_cis.pdbx_PDB_ins_code_2 
_struct_mon_prot_cis.pdbx_auth_comp_id_2 
_struct_mon_prot_cis.pdbx_auth_seq_id_2 
_struct_mon_prot_cis.pdbx_auth_asym_id_2 
_struct_mon_prot_cis.pdbx_PDB_model_num 
_struct_mon_prot_cis.pdbx_omega_angle 
1 PHE 33 A . ? PHE 72  A PRO 34 A ? PRO 73  A 1 -8.84  
2 SER 90 A . ? SER 129 A PRO 91 A ? PRO 130 A 1 -10.98 
# 
loop_
_struct_sheet.id 
_struct_sheet.type 
_struct_sheet.number_strands 
_struct_sheet.details 
AA1 ? 3 ? 
AA2 ? 5 ? 
AA3 ? 4 ? 
AA4 ? 3 ? 
AA5 ? 2 ? 
# 
loop_
_struct_sheet_order.sheet_id 
_struct_sheet_order.range_id_1 
_struct_sheet_order.range_id_2 
_struct_sheet_order.offset 
_struct_sheet_order.sense 
AA1 1 2 ? anti-parallel 
AA1 2 3 ? anti-parallel 
AA2 1 2 ? parallel      
AA2 2 3 ? anti-parallel 
AA2 3 4 ? anti-parallel 
AA2 4 5 ? anti-parallel 
AA3 1 2 ? anti-parallel 
AA3 2 3 ? anti-parallel 
AA3 3 4 ? anti-parallel 
AA4 1 2 ? anti-parallel 
AA4 2 3 ? parallel      
AA5 1 2 ? anti-parallel 
# 
loop_
_struct_sheet_range.sheet_id 
_struct_sheet_range.id 
_struct_sheet_range.beg_label_comp_id 
_struct_sheet_range.beg_label_asym_id 
_struct_sheet_range.beg_label_seq_id 
_struct_sheet_range.pdbx_beg_PDB_ins_code 
_struct_sheet_range.end_label_comp_id 
_struct_sheet_range.end_label_asym_id 
_struct_sheet_range.end_label_seq_id 
_struct_sheet_range.pdbx_end_PDB_ins_code 
_struct_sheet_range.beg_auth_comp_id 
_struct_sheet_range.beg_auth_asym_id 
_struct_sheet_range.beg_auth_seq_id 
_struct_sheet_range.end_auth_comp_id 
_struct_sheet_range.end_auth_asym_id 
_struct_sheet_range.end_auth_seq_id 
AA1 1 ARG A 4   ? LEU A 7   ? ARG A 43  LEU A 46  
AA1 2 LYS A 37  ? SER A 41  ? LYS A 76  SER A 80  
AA1 3 VAL A 102 ? SER A 103 ? VAL A 141 SER A 142 
AA2 1 GLU A 22  ? ILE A 24  ? GLU A 61  ILE A 63  
AA2 2 PHE A 153 ? VAL A 156 ? PHE A 192 VAL A 195 
AA2 3 LYS A 126 ? ARG A 135 ? LYS A 165 ARG A 174 
AA2 4 MET A 48  ? ALA A 57  ? MET A 87  ALA A 96  
AA2 5 ASN A 92  ? PHE A 93  ? ASN A 131 PHE A 132 
AA3 1 TYR A 85  ? ILE A 86  ? TYR A 124 ILE A 125 
AA3 2 MET A 48  ? ALA A 57  ? MET A 87  ALA A 96  
AA3 3 LYS A 126 ? ARG A 135 ? LYS A 165 ARG A 174 
AA3 4 ILE A 143 ? CYS A 147 ? ILE A 182 CYS A 186 
AA4 1 ARG A 30  ? ARG A 31  ? ARG A 69  ARG A 70  
AA4 2 LYS A 108 ? THR A 110 ? LYS A 147 THR A 149 
AA4 3 ILE A 119 ? MET A 120 ? ILE A 158 MET A 159 
AA5 1 ARG A 62  ? VAL A 66  ? ARG A 101 VAL A 105 
AA5 2 GLU A 69  ? GLY A 74  ? GLU A 108 GLY A 113 
# 
loop_
_pdbx_struct_sheet_hbond.sheet_id 
_pdbx_struct_sheet_hbond.range_id_1 
_pdbx_struct_sheet_hbond.range_id_2 
_pdbx_struct_sheet_hbond.range_1_label_atom_id 
_pdbx_struct_sheet_hbond.range_1_label_comp_id 
_pdbx_struct_sheet_hbond.range_1_label_asym_id 
_pdbx_struct_sheet_hbond.range_1_label_seq_id 
_pdbx_struct_sheet_hbond.range_1_PDB_ins_code 
_pdbx_struct_sheet_hbond.range_1_auth_atom_id 
_pdbx_struct_sheet_hbond.range_1_auth_comp_id 
_pdbx_struct_sheet_hbond.range_1_auth_asym_id 
_pdbx_struct_sheet_hbond.range_1_auth_seq_id 
_pdbx_struct_sheet_hbond.range_2_label_atom_id 
_pdbx_struct_sheet_hbond.range_2_label_comp_id 
_pdbx_struct_sheet_hbond.range_2_label_asym_id 
_pdbx_struct_sheet_hbond.range_2_label_seq_id 
_pdbx_struct_sheet_hbond.range_2_PDB_ins_code 
_pdbx_struct_sheet_hbond.range_2_auth_atom_id 
_pdbx_struct_sheet_hbond.range_2_auth_comp_id 
_pdbx_struct_sheet_hbond.range_2_auth_asym_id 
_pdbx_struct_sheet_hbond.range_2_auth_seq_id 
AA1 1 2 N GLY A 6   ? N GLY A 45  O ASN A 39  ? O ASN A 78  
AA1 2 3 N VAL A 38  ? N VAL A 77  O VAL A 102 ? O VAL A 141 
AA2 1 2 N MET A 23  ? N MET A 62  O VAL A 156 ? O VAL A 195 
AA2 2 3 O PHE A 153 ? O PHE A 192 N TYR A 127 ? N TYR A 166 
AA2 3 4 O VAL A 134 ? O VAL A 173 N SER A 50  ? N SER A 89  
AA2 4 5 N TYR A 49  ? N TYR A 88  O ASN A 92  ? O ASN A 131 
AA3 1 2 O TYR A 85  ? O TYR A 124 N LEU A 53  ? N LEU A 92  
AA3 2 3 N SER A 50  ? N SER A 89  O VAL A 134 ? O VAL A 173 
AA3 3 4 N ILE A 133 ? N ILE A 172 O THR A 144 ? O THR A 183 
AA4 1 2 N ARG A 30  ? N ARG A 69  O LEU A 109 ? O LEU A 148 
AA4 2 3 N THR A 110 ? N THR A 149 O ILE A 119 ? O ILE A 158 
AA5 1 2 N VAL A 66  ? N VAL A 105 O GLU A 69  ? O GLU A 108 
# 
_pdbx_entry_details.entry_id                   7HI9 
_pdbx_entry_details.compound_details           ? 
_pdbx_entry_details.source_details             ? 
_pdbx_entry_details.nonpolymer_details         ? 
_pdbx_entry_details.sequence_details           ? 
_pdbx_entry_details.has_ligand_of_interest     ? 
_pdbx_entry_details.has_protein_modification   N 
# 
loop_
_pdbx_validate_close_contact.id 
_pdbx_validate_close_contact.PDB_model_num 
_pdbx_validate_close_contact.auth_atom_id_1 
_pdbx_validate_close_contact.auth_asym_id_1 
_pdbx_validate_close_contact.auth_comp_id_1 
_pdbx_validate_close_contact.auth_seq_id_1 
_pdbx_validate_close_contact.PDB_ins_code_1 
_pdbx_validate_close_contact.label_alt_id_1 
_pdbx_validate_close_contact.auth_atom_id_2 
_pdbx_validate_close_contact.auth_asym_id_2 
_pdbx_validate_close_contact.auth_comp_id_2 
_pdbx_validate_close_contact.auth_seq_id_2 
_pdbx_validate_close_contact.PDB_ins_code_2 
_pdbx_validate_close_contact.label_alt_id_2 
_pdbx_validate_close_contact.dist 
1 1 O   A HOH 470 ? ? O A HOH 558 ? ? 1.85 
2 1 O   A HOH 403 ? ? O A HOH 521 ? ? 1.87 
3 1 O   A HOH 555 ? ? O A HOH 565 ? ? 2.11 
4 1 NH1 A ARG 43  ? ? O A HOH 401 ? ? 2.16 
# 
loop_
_pdbx_validate_symm_contact.id 
_pdbx_validate_symm_contact.PDB_model_num 
_pdbx_validate_symm_contact.auth_atom_id_1 
_pdbx_validate_symm_contact.auth_asym_id_1 
_pdbx_validate_symm_contact.auth_comp_id_1 
_pdbx_validate_symm_contact.auth_seq_id_1 
_pdbx_validate_symm_contact.PDB_ins_code_1 
_pdbx_validate_symm_contact.label_alt_id_1 
_pdbx_validate_symm_contact.site_symmetry_1 
_pdbx_validate_symm_contact.auth_atom_id_2 
_pdbx_validate_symm_contact.auth_asym_id_2 
_pdbx_validate_symm_contact.auth_comp_id_2 
_pdbx_validate_symm_contact.auth_seq_id_2 
_pdbx_validate_symm_contact.PDB_ins_code_2 
_pdbx_validate_symm_contact.label_alt_id_2 
_pdbx_validate_symm_contact.site_symmetry_2 
_pdbx_validate_symm_contact.dist 
1 1 O   A HOH 556 ? ? 1_555 O   A HOH 564 ? ? 2_445 1.61 
2 1 OE1 A GLU 167 ? ? 1_555 NH2 A ARG 180 ? ? 6_555 1.91 
# 
loop_
_pdbx_validate_torsion.id 
_pdbx_validate_torsion.PDB_model_num 
_pdbx_validate_torsion.auth_comp_id 
_pdbx_validate_torsion.auth_asym_id 
_pdbx_validate_torsion.auth_seq_id 
_pdbx_validate_torsion.PDB_ins_code 
_pdbx_validate_torsion.label_alt_id 
_pdbx_validate_torsion.phi 
_pdbx_validate_torsion.psi 
1 1 THR A 59  ? ? 78.68   112.37 
2 1 ASN A 99  ? ? -94.59  31.52  
3 1 PHE A 143 ? ? -103.73 50.06  
4 1 PHE A 143 ? ? -98.05  50.06  
5 1 LEU A 152 ? ? -56.75  84.21  
# 
_pdbx_struct_special_symmetry.id              1 
_pdbx_struct_special_symmetry.PDB_model_num   1 
_pdbx_struct_special_symmetry.auth_asym_id    A 
_pdbx_struct_special_symmetry.auth_comp_id    HOH 
_pdbx_struct_special_symmetry.auth_seq_id     485 
_pdbx_struct_special_symmetry.PDB_ins_code    ? 
_pdbx_struct_special_symmetry.label_asym_id   C 
_pdbx_struct_special_symmetry.label_comp_id   HOH 
_pdbx_struct_special_symmetry.label_seq_id    . 
# 
_phasing.method   MR 
# 
_pdbx_distant_solvent_atoms.id                                1 
_pdbx_distant_solvent_atoms.PDB_model_num                     1 
_pdbx_distant_solvent_atoms.auth_atom_id                      O 
_pdbx_distant_solvent_atoms.label_alt_id                      ? 
_pdbx_distant_solvent_atoms.auth_asym_id                      A 
_pdbx_distant_solvent_atoms.auth_comp_id                      HOH 
_pdbx_distant_solvent_atoms.auth_seq_id                       587 
_pdbx_distant_solvent_atoms.PDB_ins_code                      ? 
_pdbx_distant_solvent_atoms.neighbor_macromolecule_distance   6.55 
_pdbx_distant_solvent_atoms.neighbor_ligand_distance          . 
# 
loop_
_pdbx_unobs_or_zero_occ_residues.id 
_pdbx_unobs_or_zero_occ_residues.PDB_model_num 
_pdbx_unobs_or_zero_occ_residues.polymer_flag 
_pdbx_unobs_or_zero_occ_residues.occupancy_flag 
_pdbx_unobs_or_zero_occ_residues.auth_asym_id 
_pdbx_unobs_or_zero_occ_residues.auth_comp_id 
_pdbx_unobs_or_zero_occ_residues.auth_seq_id 
_pdbx_unobs_or_zero_occ_residues.PDB_ins_code 
_pdbx_unobs_or_zero_occ_residues.label_asym_id 
_pdbx_unobs_or_zero_occ_residues.label_comp_id 
_pdbx_unobs_or_zero_occ_residues.label_seq_id 
1 1 Y 1 A GLY 40  ? A GLY 1   
2 1 Y 1 A PRO 212 ? A PRO 173 
# 
loop_
_chem_comp_atom.comp_id 
_chem_comp_atom.atom_id 
_chem_comp_atom.type_symbol 
_chem_comp_atom.pdbx_aromatic_flag 
_chem_comp_atom.pdbx_stereo_config 
_chem_comp_atom.pdbx_ordinal 
ALA N    N  N N 1   
ALA CA   C  N S 2   
ALA C    C  N N 3   
ALA O    O  N N 4   
ALA CB   C  N N 5   
ALA OXT  O  N N 6   
ALA H    H  N N 7   
ALA H2   H  N N 8   
ALA HA   H  N N 9   
ALA HB1  H  N N 10  
ALA HB2  H  N N 11  
ALA HB3  H  N N 12  
ALA HXT  H  N N 13  
ARG N    N  N N 14  
ARG CA   C  N S 15  
ARG C    C  N N 16  
ARG O    O  N N 17  
ARG CB   C  N N 18  
ARG CG   C  N N 19  
ARG CD   C  N N 20  
ARG NE   N  N N 21  
ARG CZ   C  N N 22  
ARG NH1  N  N N 23  
ARG NH2  N  N N 24  
ARG OXT  O  N N 25  
ARG H    H  N N 26  
ARG H2   H  N N 27  
ARG HA   H  N N 28  
ARG HB2  H  N N 29  
ARG HB3  H  N N 30  
ARG HG2  H  N N 31  
ARG HG3  H  N N 32  
ARG HD2  H  N N 33  
ARG HD3  H  N N 34  
ARG HE   H  N N 35  
ARG HH11 H  N N 36  
ARG HH12 H  N N 37  
ARG HH21 H  N N 38  
ARG HH22 H  N N 39  
ARG HXT  H  N N 40  
ASN N    N  N N 41  
ASN CA   C  N S 42  
ASN C    C  N N 43  
ASN O    O  N N 44  
ASN CB   C  N N 45  
ASN CG   C  N N 46  
ASN OD1  O  N N 47  
ASN ND2  N  N N 48  
ASN OXT  O  N N 49  
ASN H    H  N N 50  
ASN H2   H  N N 51  
ASN HA   H  N N 52  
ASN HB2  H  N N 53  
ASN HB3  H  N N 54  
ASN HD21 H  N N 55  
ASN HD22 H  N N 56  
ASN HXT  H  N N 57  
ASP N    N  N N 58  
ASP CA   C  N S 59  
ASP C    C  N N 60  
ASP O    O  N N 61  
ASP CB   C  N N 62  
ASP CG   C  N N 63  
ASP OD1  O  N N 64  
ASP OD2  O  N N 65  
ASP OXT  O  N N 66  
ASP H    H  N N 67  
ASP H2   H  N N 68  
ASP HA   H  N N 69  
ASP HB2  H  N N 70  
ASP HB3  H  N N 71  
ASP HD2  H  N N 72  
ASP HXT  H  N N 73  
CYS N    N  N N 74  
CYS CA   C  N R 75  
CYS C    C  N N 76  
CYS O    O  N N 77  
CYS CB   C  N N 78  
CYS SG   S  N N 79  
CYS OXT  O  N N 80  
CYS H    H  N N 81  
CYS H2   H  N N 82  
CYS HA   H  N N 83  
CYS HB2  H  N N 84  
CYS HB3  H  N N 85  
CYS HG   H  N N 86  
CYS HXT  H  N N 87  
GLN N    N  N N 88  
GLN CA   C  N S 89  
GLN C    C  N N 90  
GLN O    O  N N 91  
GLN CB   C  N N 92  
GLN CG   C  N N 93  
GLN CD   C  N N 94  
GLN OE1  O  N N 95  
GLN NE2  N  N N 96  
GLN OXT  O  N N 97  
GLN H    H  N N 98  
GLN H2   H  N N 99  
GLN HA   H  N N 100 
GLN HB2  H  N N 101 
GLN HB3  H  N N 102 
GLN HG2  H  N N 103 
GLN HG3  H  N N 104 
GLN HE21 H  N N 105 
GLN HE22 H  N N 106 
GLN HXT  H  N N 107 
GLU N    N  N N 108 
GLU CA   C  N S 109 
GLU C    C  N N 110 
GLU O    O  N N 111 
GLU CB   C  N N 112 
GLU CG   C  N N 113 
GLU CD   C  N N 114 
GLU OE1  O  N N 115 
GLU OE2  O  N N 116 
GLU OXT  O  N N 117 
GLU H    H  N N 118 
GLU H2   H  N N 119 
GLU HA   H  N N 120 
GLU HB2  H  N N 121 
GLU HB3  H  N N 122 
GLU HG2  H  N N 123 
GLU HG3  H  N N 124 
GLU HE2  H  N N 125 
GLU HXT  H  N N 126 
GLY N    N  N N 127 
GLY CA   C  N N 128 
GLY C    C  N N 129 
GLY O    O  N N 130 
GLY OXT  O  N N 131 
GLY H    H  N N 132 
GLY H2   H  N N 133 
GLY HA2  H  N N 134 
GLY HA3  H  N N 135 
GLY HXT  H  N N 136 
HIS N    N  N N 137 
HIS CA   C  N S 138 
HIS C    C  N N 139 
HIS O    O  N N 140 
HIS CB   C  N N 141 
HIS CG   C  Y N 142 
HIS ND1  N  Y N 143 
HIS CD2  C  Y N 144 
HIS CE1  C  Y N 145 
HIS NE2  N  Y N 146 
HIS OXT  O  N N 147 
HIS H    H  N N 148 
HIS H2   H  N N 149 
HIS HA   H  N N 150 
HIS HB2  H  N N 151 
HIS HB3  H  N N 152 
HIS HD1  H  N N 153 
HIS HD2  H  N N 154 
HIS HE1  H  N N 155 
HIS HE2  H  N N 156 
HIS HXT  H  N N 157 
HOH O    O  N N 158 
HOH H1   H  N N 159 
HOH H2   H  N N 160 
ILE N    N  N N 161 
ILE CA   C  N S 162 
ILE C    C  N N 163 
ILE O    O  N N 164 
ILE CB   C  N S 165 
ILE CG1  C  N N 166 
ILE CG2  C  N N 167 
ILE CD1  C  N N 168 
ILE OXT  O  N N 169 
ILE H    H  N N 170 
ILE H2   H  N N 171 
ILE HA   H  N N 172 
ILE HB   H  N N 173 
ILE HG12 H  N N 174 
ILE HG13 H  N N 175 
ILE HG21 H  N N 176 
ILE HG22 H  N N 177 
ILE HG23 H  N N 178 
ILE HD11 H  N N 179 
ILE HD12 H  N N 180 
ILE HD13 H  N N 181 
ILE HXT  H  N N 182 
LEU N    N  N N 183 
LEU CA   C  N S 184 
LEU C    C  N N 185 
LEU O    O  N N 186 
LEU CB   C  N N 187 
LEU CG   C  N N 188 
LEU CD1  C  N N 189 
LEU CD2  C  N N 190 
LEU OXT  O  N N 191 
LEU H    H  N N 192 
LEU H2   H  N N 193 
LEU HA   H  N N 194 
LEU HB2  H  N N 195 
LEU HB3  H  N N 196 
LEU HG   H  N N 197 
LEU HD11 H  N N 198 
LEU HD12 H  N N 199 
LEU HD13 H  N N 200 
LEU HD21 H  N N 201 
LEU HD22 H  N N 202 
LEU HD23 H  N N 203 
LEU HXT  H  N N 204 
LYS N    N  N N 205 
LYS CA   C  N S 206 
LYS C    C  N N 207 
LYS O    O  N N 208 
LYS CB   C  N N 209 
LYS CG   C  N N 210 
LYS CD   C  N N 211 
LYS CE   C  N N 212 
LYS NZ   N  N N 213 
LYS OXT  O  N N 214 
LYS H    H  N N 215 
LYS H2   H  N N 216 
LYS HA   H  N N 217 
LYS HB2  H  N N 218 
LYS HB3  H  N N 219 
LYS HG2  H  N N 220 
LYS HG3  H  N N 221 
LYS HD2  H  N N 222 
LYS HD3  H  N N 223 
LYS HE2  H  N N 224 
LYS HE3  H  N N 225 
LYS HZ1  H  N N 226 
LYS HZ2  H  N N 227 
LYS HZ3  H  N N 228 
LYS HXT  H  N N 229 
MET N    N  N N 230 
MET CA   C  N S 231 
MET C    C  N N 232 
MET O    O  N N 233 
MET CB   C  N N 234 
MET CG   C  N N 235 
MET SD   S  N N 236 
MET CE   C  N N 237 
MET OXT  O  N N 238 
MET H    H  N N 239 
MET H2   H  N N 240 
MET HA   H  N N 241 
MET HB2  H  N N 242 
MET HB3  H  N N 243 
MET HG2  H  N N 244 
MET HG3  H  N N 245 
MET HE1  H  N N 246 
MET HE2  H  N N 247 
MET HE3  H  N N 248 
MET HXT  H  N N 249 
NA  NA   NA N N 250 
PHE N    N  N N 251 
PHE CA   C  N S 252 
PHE C    C  N N 253 
PHE O    O  N N 254 
PHE CB   C  N N 255 
PHE CG   C  Y N 256 
PHE CD1  C  Y N 257 
PHE CD2  C  Y N 258 
PHE CE1  C  Y N 259 
PHE CE2  C  Y N 260 
PHE CZ   C  Y N 261 
PHE OXT  O  N N 262 
PHE H    H  N N 263 
PHE H2   H  N N 264 
PHE HA   H  N N 265 
PHE HB2  H  N N 266 
PHE HB3  H  N N 267 
PHE HD1  H  N N 268 
PHE HD2  H  N N 269 
PHE HE1  H  N N 270 
PHE HE2  H  N N 271 
PHE HZ   H  N N 272 
PHE HXT  H  N N 273 
PRO N    N  N N 274 
PRO CA   C  N S 275 
PRO C    C  N N 276 
PRO O    O  N N 277 
PRO CB   C  N N 278 
PRO CG   C  N N 279 
PRO CD   C  N N 280 
PRO OXT  O  N N 281 
PRO H    H  N N 282 
PRO HA   H  N N 283 
PRO HB2  H  N N 284 
PRO HB3  H  N N 285 
PRO HG2  H  N N 286 
PRO HG3  H  N N 287 
PRO HD2  H  N N 288 
PRO HD3  H  N N 289 
PRO HXT  H  N N 290 
SER N    N  N N 291 
SER CA   C  N S 292 
SER C    C  N N 293 
SER O    O  N N 294 
SER CB   C  N N 295 
SER OG   O  N N 296 
SER OXT  O  N N 297 
SER H    H  N N 298 
SER H2   H  N N 299 
SER HA   H  N N 300 
SER HB2  H  N N 301 
SER HB3  H  N N 302 
SER HG   H  N N 303 
SER HXT  H  N N 304 
THR N    N  N N 305 
THR CA   C  N S 306 
THR C    C  N N 307 
THR O    O  N N 308 
THR CB   C  N R 309 
THR OG1  O  N N 310 
THR CG2  C  N N 311 
THR OXT  O  N N 312 
THR H    H  N N 313 
THR H2   H  N N 314 
THR HA   H  N N 315 
THR HB   H  N N 316 
THR HG1  H  N N 317 
THR HG21 H  N N 318 
THR HG22 H  N N 319 
THR HG23 H  N N 320 
THR HXT  H  N N 321 
TRP N    N  N N 322 
TRP CA   C  N S 323 
TRP C    C  N N 324 
TRP O    O  N N 325 
TRP CB   C  N N 326 
TRP CG   C  Y N 327 
TRP CD1  C  Y N 328 
TRP CD2  C  Y N 329 
TRP NE1  N  Y N 330 
TRP CE2  C  Y N 331 
TRP CE3  C  Y N 332 
TRP CZ2  C  Y N 333 
TRP CZ3  C  Y N 334 
TRP CH2  C  Y N 335 
TRP OXT  O  N N 336 
TRP H    H  N N 337 
TRP H2   H  N N 338 
TRP HA   H  N N 339 
TRP HB2  H  N N 340 
TRP HB3  H  N N 341 
TRP HD1  H  N N 342 
TRP HE1  H  N N 343 
TRP HE3  H  N N 344 
TRP HZ2  H  N N 345 
TRP HZ3  H  N N 346 
TRP HH2  H  N N 347 
TRP HXT  H  N N 348 
TYR N    N  N N 349 
TYR CA   C  N S 350 
TYR C    C  N N 351 
TYR O    O  N N 352 
TYR CB   C  N N 353 
TYR CG   C  Y N 354 
TYR CD1  C  Y N 355 
TYR CD2  C  Y N 356 
TYR CE1  C  Y N 357 
TYR CE2  C  Y N 358 
TYR CZ   C  Y N 359 
TYR OH   O  N N 360 
TYR OXT  O  N N 361 
TYR H    H  N N 362 
TYR H2   H  N N 363 
TYR HA   H  N N 364 
TYR HB2  H  N N 365 
TYR HB3  H  N N 366 
TYR HD1  H  N N 367 
TYR HD2  H  N N 368 
TYR HE1  H  N N 369 
TYR HE2  H  N N 370 
TYR HH   H  N N 371 
TYR HXT  H  N N 372 
VAL N    N  N N 373 
VAL CA   C  N S 374 
VAL C    C  N N 375 
VAL O    O  N N 376 
VAL CB   C  N N 377 
VAL CG1  C  N N 378 
VAL CG2  C  N N 379 
VAL OXT  O  N N 380 
VAL H    H  N N 381 
VAL H2   H  N N 382 
VAL HA   H  N N 383 
VAL HB   H  N N 384 
VAL HG11 H  N N 385 
VAL HG12 H  N N 386 
VAL HG13 H  N N 387 
VAL HG21 H  N N 388 
VAL HG22 H  N N 389 
VAL HG23 H  N N 390 
VAL HXT  H  N N 391 
# 
loop_
_chem_comp_bond.comp_id 
_chem_comp_bond.atom_id_1 
_chem_comp_bond.atom_id_2 
_chem_comp_bond.value_order 
_chem_comp_bond.pdbx_aromatic_flag 
_chem_comp_bond.pdbx_stereo_config 
_chem_comp_bond.pdbx_ordinal 
ALA N   CA   sing N N 1   
ALA N   H    sing N N 2   
ALA N   H2   sing N N 3   
ALA CA  C    sing N N 4   
ALA CA  CB   sing N N 5   
ALA CA  HA   sing N N 6   
ALA C   O    doub N N 7   
ALA C   OXT  sing N N 8   
ALA CB  HB1  sing N N 9   
ALA CB  HB2  sing N N 10  
ALA CB  HB3  sing N N 11  
ALA OXT HXT  sing N N 12  
ARG N   CA   sing N N 13  
ARG N   H    sing N N 14  
ARG N   H2   sing N N 15  
ARG CA  C    sing N N 16  
ARG CA  CB   sing N N 17  
ARG CA  HA   sing N N 18  
ARG C   O    doub N N 19  
ARG C   OXT  sing N N 20  
ARG CB  CG   sing N N 21  
ARG CB  HB2  sing N N 22  
ARG CB  HB3  sing N N 23  
ARG CG  CD   sing N N 24  
ARG CG  HG2  sing N N 25  
ARG CG  HG3  sing N N 26  
ARG CD  NE   sing N N 27  
ARG CD  HD2  sing N N 28  
ARG CD  HD3  sing N N 29  
ARG NE  CZ   sing N N 30  
ARG NE  HE   sing N N 31  
ARG CZ  NH1  sing N N 32  
ARG CZ  NH2  doub N N 33  
ARG NH1 HH11 sing N N 34  
ARG NH1 HH12 sing N N 35  
ARG NH2 HH21 sing N N 36  
ARG NH2 HH22 sing N N 37  
ARG OXT HXT  sing N N 38  
ASN N   CA   sing N N 39  
ASN N   H    sing N N 40  
ASN N   H2   sing N N 41  
ASN CA  C    sing N N 42  
ASN CA  CB   sing N N 43  
ASN CA  HA   sing N N 44  
ASN C   O    doub N N 45  
ASN C   OXT  sing N N 46  
ASN CB  CG   sing N N 47  
ASN CB  HB2  sing N N 48  
ASN CB  HB3  sing N N 49  
ASN CG  OD1  doub N N 50  
ASN CG  ND2  sing N N 51  
ASN ND2 HD21 sing N N 52  
ASN ND2 HD22 sing N N 53  
ASN OXT HXT  sing N N 54  
ASP N   CA   sing N N 55  
ASP N   H    sing N N 56  
ASP N   H2   sing N N 57  
ASP CA  C    sing N N 58  
ASP CA  CB   sing N N 59  
ASP CA  HA   sing N N 60  
ASP C   O    doub N N 61  
ASP C   OXT  sing N N 62  
ASP CB  CG   sing N N 63  
ASP CB  HB2  sing N N 64  
ASP CB  HB3  sing N N 65  
ASP CG  OD1  doub N N 66  
ASP CG  OD2  sing N N 67  
ASP OD2 HD2  sing N N 68  
ASP OXT HXT  sing N N 69  
CYS N   CA   sing N N 70  
CYS N   H    sing N N 71  
CYS N   H2   sing N N 72  
CYS CA  C    sing N N 73  
CYS CA  CB   sing N N 74  
CYS CA  HA   sing N N 75  
CYS C   O    doub N N 76  
CYS C   OXT  sing N N 77  
CYS CB  SG   sing N N 78  
CYS CB  HB2  sing N N 79  
CYS CB  HB3  sing N N 80  
CYS SG  HG   sing N N 81  
CYS OXT HXT  sing N N 82  
GLN N   CA   sing N N 83  
GLN N   H    sing N N 84  
GLN N   H2   sing N N 85  
GLN CA  C    sing N N 86  
GLN CA  CB   sing N N 87  
GLN CA  HA   sing N N 88  
GLN C   O    doub N N 89  
GLN C   OXT  sing N N 90  
GLN CB  CG   sing N N 91  
GLN CB  HB2  sing N N 92  
GLN CB  HB3  sing N N 93  
GLN CG  CD   sing N N 94  
GLN CG  HG2  sing N N 95  
GLN CG  HG3  sing N N 96  
GLN CD  OE1  doub N N 97  
GLN CD  NE2  sing N N 98  
GLN NE2 HE21 sing N N 99  
GLN NE2 HE22 sing N N 100 
GLN OXT HXT  sing N N 101 
GLU N   CA   sing N N 102 
GLU N   H    sing N N 103 
GLU N   H2   sing N N 104 
GLU CA  C    sing N N 105 
GLU CA  CB   sing N N 106 
GLU CA  HA   sing N N 107 
GLU C   O    doub N N 108 
GLU C   OXT  sing N N 109 
GLU CB  CG   sing N N 110 
GLU CB  HB2  sing N N 111 
GLU CB  HB3  sing N N 112 
GLU CG  CD   sing N N 113 
GLU CG  HG2  sing N N 114 
GLU CG  HG3  sing N N 115 
GLU CD  OE1  doub N N 116 
GLU CD  OE2  sing N N 117 
GLU OE2 HE2  sing N N 118 
GLU OXT HXT  sing N N 119 
GLY N   CA   sing N N 120 
GLY N   H    sing N N 121 
GLY N   H2   sing N N 122 
GLY CA  C    sing N N 123 
GLY CA  HA2  sing N N 124 
GLY CA  HA3  sing N N 125 
GLY C   O    doub N N 126 
GLY C   OXT  sing N N 127 
GLY OXT HXT  sing N N 128 
HIS N   CA   sing N N 129 
HIS N   H    sing N N 130 
HIS N   H2   sing N N 131 
HIS CA  C    sing N N 132 
HIS CA  CB   sing N N 133 
HIS CA  HA   sing N N 134 
HIS C   O    doub N N 135 
HIS C   OXT  sing N N 136 
HIS CB  CG   sing N N 137 
HIS CB  HB2  sing N N 138 
HIS CB  HB3  sing N N 139 
HIS CG  ND1  sing Y N 140 
HIS CG  CD2  doub Y N 141 
HIS ND1 CE1  doub Y N 142 
HIS ND1 HD1  sing N N 143 
HIS CD2 NE2  sing Y N 144 
HIS CD2 HD2  sing N N 145 
HIS CE1 NE2  sing Y N 146 
HIS CE1 HE1  sing N N 147 
HIS NE2 HE2  sing N N 148 
HIS OXT HXT  sing N N 149 
HOH O   H1   sing N N 150 
HOH O   H2   sing N N 151 
ILE N   CA   sing N N 152 
ILE N   H    sing N N 153 
ILE N   H2   sing N N 154 
ILE CA  C    sing N N 155 
ILE CA  CB   sing N N 156 
ILE CA  HA   sing N N 157 
ILE C   O    doub N N 158 
ILE C   OXT  sing N N 159 
ILE CB  CG1  sing N N 160 
ILE CB  CG2  sing N N 161 
ILE CB  HB   sing N N 162 
ILE CG1 CD1  sing N N 163 
ILE CG1 HG12 sing N N 164 
ILE CG1 HG13 sing N N 165 
ILE CG2 HG21 sing N N 166 
ILE CG2 HG22 sing N N 167 
ILE CG2 HG23 sing N N 168 
ILE CD1 HD11 sing N N 169 
ILE CD1 HD12 sing N N 170 
ILE CD1 HD13 sing N N 171 
ILE OXT HXT  sing N N 172 
LEU N   CA   sing N N 173 
LEU N   H    sing N N 174 
LEU N   H2   sing N N 175 
LEU CA  C    sing N N 176 
LEU CA  CB   sing N N 177 
LEU CA  HA   sing N N 178 
LEU C   O    doub N N 179 
LEU C   OXT  sing N N 180 
LEU CB  CG   sing N N 181 
LEU CB  HB2  sing N N 182 
LEU CB  HB3  sing N N 183 
LEU CG  CD1  sing N N 184 
LEU CG  CD2  sing N N 185 
LEU CG  HG   sing N N 186 
LEU CD1 HD11 sing N N 187 
LEU CD1 HD12 sing N N 188 
LEU CD1 HD13 sing N N 189 
LEU CD2 HD21 sing N N 190 
LEU CD2 HD22 sing N N 191 
LEU CD2 HD23 sing N N 192 
LEU OXT HXT  sing N N 193 
LYS N   CA   sing N N 194 
LYS N   H    sing N N 195 
LYS N   H2   sing N N 196 
LYS CA  C    sing N N 197 
LYS CA  CB   sing N N 198 
LYS CA  HA   sing N N 199 
LYS C   O    doub N N 200 
LYS C   OXT  sing N N 201 
LYS CB  CG   sing N N 202 
LYS CB  HB2  sing N N 203 
LYS CB  HB3  sing N N 204 
LYS CG  CD   sing N N 205 
LYS CG  HG2  sing N N 206 
LYS CG  HG3  sing N N 207 
LYS CD  CE   sing N N 208 
LYS CD  HD2  sing N N 209 
LYS CD  HD3  sing N N 210 
LYS CE  NZ   sing N N 211 
LYS CE  HE2  sing N N 212 
LYS CE  HE3  sing N N 213 
LYS NZ  HZ1  sing N N 214 
LYS NZ  HZ2  sing N N 215 
LYS NZ  HZ3  sing N N 216 
LYS OXT HXT  sing N N 217 
MET N   CA   sing N N 218 
MET N   H    sing N N 219 
MET N   H2   sing N N 220 
MET CA  C    sing N N 221 
MET CA  CB   sing N N 222 
MET CA  HA   sing N N 223 
MET C   O    doub N N 224 
MET C   OXT  sing N N 225 
MET CB  CG   sing N N 226 
MET CB  HB2  sing N N 227 
MET CB  HB3  sing N N 228 
MET CG  SD   sing N N 229 
MET CG  HG2  sing N N 230 
MET CG  HG3  sing N N 231 
MET SD  CE   sing N N 232 
MET CE  HE1  sing N N 233 
MET CE  HE2  sing N N 234 
MET CE  HE3  sing N N 235 
MET OXT HXT  sing N N 236 
PHE N   CA   sing N N 237 
PHE N   H    sing N N 238 
PHE N   H2   sing N N 239 
PHE CA  C    sing N N 240 
PHE CA  CB   sing N N 241 
PHE CA  HA   sing N N 242 
PHE C   O    doub N N 243 
PHE C   OXT  sing N N 244 
PHE CB  CG   sing N N 245 
PHE CB  HB2  sing N N 246 
PHE CB  HB3  sing N N 247 
PHE CG  CD1  doub Y N 248 
PHE CG  CD2  sing Y N 249 
PHE CD1 CE1  sing Y N 250 
PHE CD1 HD1  sing N N 251 
PHE CD2 CE2  doub Y N 252 
PHE CD2 HD2  sing N N 253 
PHE CE1 CZ   doub Y N 254 
PHE CE1 HE1  sing N N 255 
PHE CE2 CZ   sing Y N 256 
PHE CE2 HE2  sing N N 257 
PHE CZ  HZ   sing N N 258 
PHE OXT HXT  sing N N 259 
PRO N   CA   sing N N 260 
PRO N   CD   sing N N 261 
PRO N   H    sing N N 262 
PRO CA  C    sing N N 263 
PRO CA  CB   sing N N 264 
PRO CA  HA   sing N N 265 
PRO C   O    doub N N 266 
PRO C   OXT  sing N N 267 
PRO CB  CG   sing N N 268 
PRO CB  HB2  sing N N 269 
PRO CB  HB3  sing N N 270 
PRO CG  CD   sing N N 271 
PRO CG  HG2  sing N N 272 
PRO CG  HG3  sing N N 273 
PRO CD  HD2  sing N N 274 
PRO CD  HD3  sing N N 275 
PRO OXT HXT  sing N N 276 
SER N   CA   sing N N 277 
SER N   H    sing N N 278 
SER N   H2   sing N N 279 
SER CA  C    sing N N 280 
SER CA  CB   sing N N 281 
SER CA  HA   sing N N 282 
SER C   O    doub N N 283 
SER C   OXT  sing N N 284 
SER CB  OG   sing N N 285 
SER CB  HB2  sing N N 286 
SER CB  HB3  sing N N 287 
SER OG  HG   sing N N 288 
SER OXT HXT  sing N N 289 
THR N   CA   sing N N 290 
THR N   H    sing N N 291 
THR N   H2   sing N N 292 
THR CA  C    sing N N 293 
THR CA  CB   sing N N 294 
THR CA  HA   sing N N 295 
THR C   O    doub N N 296 
THR C   OXT  sing N N 297 
THR CB  OG1  sing N N 298 
THR CB  CG2  sing N N 299 
THR CB  HB   sing N N 300 
THR OG1 HG1  sing N N 301 
THR CG2 HG21 sing N N 302 
THR CG2 HG22 sing N N 303 
THR CG2 HG23 sing N N 304 
THR OXT HXT  sing N N 305 
TRP N   CA   sing N N 306 
TRP N   H    sing N N 307 
TRP N   H2   sing N N 308 
TRP CA  C    sing N N 309 
TRP CA  CB   sing N N 310 
TRP CA  HA   sing N N 311 
TRP C   O    doub N N 312 
TRP C   OXT  sing N N 313 
TRP CB  CG   sing N N 314 
TRP CB  HB2  sing N N 315 
TRP CB  HB3  sing N N 316 
TRP CG  CD1  doub Y N 317 
TRP CG  CD2  sing Y N 318 
TRP CD1 NE1  sing Y N 319 
TRP CD1 HD1  sing N N 320 
TRP CD2 CE2  doub Y N 321 
TRP CD2 CE3  sing Y N 322 
TRP NE1 CE2  sing Y N 323 
TRP NE1 HE1  sing N N 324 
TRP CE2 CZ2  sing Y N 325 
TRP CE3 CZ3  doub Y N 326 
TRP CE3 HE3  sing N N 327 
TRP CZ2 CH2  doub Y N 328 
TRP CZ2 HZ2  sing N N 329 
TRP CZ3 CH2  sing Y N 330 
TRP CZ3 HZ3  sing N N 331 
TRP CH2 HH2  sing N N 332 
TRP OXT HXT  sing N N 333 
TYR N   CA   sing N N 334 
TYR N   H    sing N N 335 
TYR N   H2   sing N N 336 
TYR CA  C    sing N N 337 
TYR CA  CB   sing N N 338 
TYR CA  HA   sing N N 339 
TYR C   O    doub N N 340 
TYR C   OXT  sing N N 341 
TYR CB  CG   sing N N 342 
TYR CB  HB2  sing N N 343 
TYR CB  HB3  sing N N 344 
TYR CG  CD1  doub Y N 345 
TYR CG  CD2  sing Y N 346 
TYR CD1 CE1  sing Y N 347 
TYR CD1 HD1  sing N N 348 
TYR CD2 CE2  doub Y N 349 
TYR CD2 HD2  sing N N 350 
TYR CE1 CZ   doub Y N 351 
TYR CE1 HE1  sing N N 352 
TYR CE2 CZ   sing Y N 353 
TYR CE2 HE2  sing N N 354 
TYR CZ  OH   sing N N 355 
TYR OH  HH   sing N N 356 
TYR OXT HXT  sing N N 357 
VAL N   CA   sing N N 358 
VAL N   H    sing N N 359 
VAL N   H2   sing N N 360 
VAL CA  C    sing N N 361 
VAL CA  CB   sing N N 362 
VAL CA  HA   sing N N 363 
VAL C   O    doub N N 364 
VAL C   OXT  sing N N 365 
VAL CB  CG1  sing N N 366 
VAL CB  CG2  sing N N 367 
VAL CB  HB   sing N N 368 
VAL CG1 HG11 sing N N 369 
VAL CG1 HG12 sing N N 370 
VAL CG1 HG13 sing N N 371 
VAL CG2 HG21 sing N N 372 
VAL CG2 HG22 sing N N 373 
VAL CG2 HG23 sing N N 374 
VAL OXT HXT  sing N N 375 
# 
_pdbx_audit_support.ordinal                1 
_pdbx_audit_support.funding_organization   'Wellcome Trust' 
_pdbx_audit_support.grant_number           ? 
_pdbx_audit_support.country                'United Kingdom' 
# 
_pdbx_deposit_group.group_id            G_1002308 
_pdbx_deposit_group.group_description   
;Human Brachyury G177D variant screened against the DSI-poised Fragment Library by X-ray Crystallography at the XChem facility of Diamond Light Source beamline I04-1
;
_pdbx_deposit_group.group_title         'PanDDA analysis group deposition of ground-state model' 
_pdbx_deposit_group.group_type          'ground state' 
# 
_atom_sites.entry_id                    7HI9 
_atom_sites.fract_transf_matrix[1][1]   -0.00828599 
_atom_sites.fract_transf_matrix[1][2]   -0.00083178 
_atom_sites.fract_transf_matrix[1][3]   0.00804387 
_atom_sites.fract_transf_matrix[2][1]   0.00068015 
_atom_sites.fract_transf_matrix[2][2]   -0.00815573 
_atom_sites.fract_transf_matrix[2][3]   0.00818972 
_atom_sites.fract_transf_matrix[3][1]   0.00509863 
_atom_sites.fract_transf_matrix[3][2]   0.00635955 
_atom_sites.fract_transf_matrix[3][3]   0.00590971 
_atom_sites.fract_transf_vector[1]      -0.177303 
_atom_sites.fract_transf_vector[2]      -0.362961 
_atom_sites.fract_transf_vector[3]      -0.017357 
# 
loop_
_atom_type.symbol 
C  
N  
NA 
O  
S  
# 
loop_
_atom_site.group_PDB 
_atom_site.id 
_atom_site.type_symbol 
_atom_site.label_atom_id 
_atom_site.label_alt_id 
_atom_site.label_comp_id 
_atom_site.label_asym_id 
_atom_site.label_entity_id 
_atom_site.label_seq_id 
_atom_site.pdbx_PDB_ins_code 
_atom_site.Cartn_x 
_atom_site.Cartn_y 
_atom_site.Cartn_z 
_atom_site.occupancy 
_atom_site.B_iso_or_equiv 
_atom_site.pdbx_formal_charge 
_atom_site.auth_seq_id 
_atom_site.auth_comp_id 
_atom_site.auth_asym_id 
_atom_site.auth_atom_id 
_atom_site.pdbx_PDB_model_num 
ATOM   1    N  N   . GLU A 1 2   ? 3.374   -15.013 18.889  1.00 31.16 ? 41  GLU A N   1 
ATOM   2    C  CA  . GLU A 1 2   ? 2.622   -13.744 18.703  1.00 32.21 ? 41  GLU A CA  1 
ATOM   3    C  C   . GLU A 1 2   ? 2.518   -13.451 17.195  1.00 28.44 ? 41  GLU A C   1 
ATOM   4    O  O   . GLU A 1 2   ? 3.444   -13.846 16.414  1.00 27.30 ? 41  GLU A O   1 
ATOM   5    C  CB  . GLU A 1 2   ? 3.343   -12.568 19.369  1.00 44.74 ? 41  GLU A CB  1 
ATOM   6    C  CG  . GLU A 1 2   ? 2.443   -11.681 20.205  1.00 56.50 ? 41  GLU A CG  1 
ATOM   7    C  CD  . GLU A 1 2   ? 2.029   -12.312 21.527  1.00 65.90 ? 41  GLU A CD  1 
ATOM   8    O  OE1 . GLU A 1 2   ? 0.834   -12.655 21.668  1.00 76.45 ? 41  GLU A OE1 1 
ATOM   9    O  OE2 . GLU A 1 2   ? 2.908   -12.469 22.413  1.00 75.47 ? 41  GLU A OE2 1 
ATOM   10   N  N   . LEU A 1 3   ? 1.457   -12.758 16.791  1.00 22.92 ? 42  LEU A N   1 
ATOM   11   C  CA  . LEU A 1 3   ? 1.301   -12.360 15.367  1.00 21.10 ? 42  LEU A CA  1 
ATOM   12   C  C   . LEU A 1 3   ? 2.395   -11.346 15.031  1.00 21.23 ? 42  LEU A C   1 
ATOM   13   O  O   . LEU A 1 3   ? 2.508   -10.295 15.705  1.00 22.49 ? 42  LEU A O   1 
ATOM   14   C  CB  . LEU A 1 3   ? -0.091  -11.780 15.087  1.00 20.76 ? 42  LEU A CB  1 
ATOM   15   C  CG  . LEU A 1 3   ? -0.284  -11.255 13.669  1.00 21.38 ? 42  LEU A CG  1 
ATOM   16   C  CD1 . LEU A 1 3   ? -0.063  -12.336 12.627  1.00 22.37 ? 42  LEU A CD1 1 
ATOM   17   C  CD2 . LEU A 1 3   ? -1.643  -10.616 13.532  1.00 23.97 ? 42  LEU A CD2 1 
ATOM   18   N  N   . ARG A 1 4   ? 3.119   -11.635 13.968  1.00 19.56 ? 43  ARG A N   1 
ATOM   19   C  CA  . ARG A 1 4   ? 4.206   -10.793 13.425  1.00 21.34 ? 43  ARG A CA  1 
ATOM   20   C  C   . ARG A 1 4   ? 3.958   -10.655 11.932  1.00 18.93 ? 43  ARG A C   1 
ATOM   21   O  O   . ARG A 1 4   ? 3.892   -11.693 11.258  1.00 20.86 ? 43  ARG A O   1 
ATOM   22   C  CB  . ARG A 1 4   ? 5.575   -11.399 13.718  1.00 25.35 ? 43  ARG A CB  1 
ATOM   23   C  CG  . ARG A 1 4   ? 6.003   -11.203 15.170  1.00 30.29 ? 43  ARG A CG  1 
ATOM   24   C  CD  . ARG A 1 4   ? 7.138   -12.113 15.594  1.00 39.90 ? 43  ARG A CD  1 
ATOM   25   N  NE  . ARG A 1 4   ? 8.311   -11.951 14.754  1.00 47.63 ? 43  ARG A NE  1 
ATOM   26   C  CZ  . ARG A 1 4   ? 9.428   -11.300 15.079  1.00 51.10 ? 43  ARG A CZ  1 
ATOM   27   N  NH1 . ARG A 1 4   ? 10.428  -11.253 14.214  1.00 52.56 ? 43  ARG A NH1 1 
ATOM   28   N  NH2 . ARG A 1 4   ? 9.550   -10.693 16.252  1.00 58.16 ? 43  ARG A NH2 1 
ATOM   29   N  N   . VAL A 1 5   ? 3.891   -9.417  11.427  1.00 18.76 ? 44  VAL A N   1 
ATOM   30   C  CA  . VAL A 1 5   ? 3.781   -9.134  9.986   1.00 18.67 ? 44  VAL A CA  1 
ATOM   31   C  C   . VAL A 1 5   ? 4.964   -8.253  9.600   1.00 19.87 ? 44  VAL A C   1 
ATOM   32   O  O   . VAL A 1 5   ? 4.910   -7.043  9.883   1.00 25.18 ? 44  VAL A O   1 
ATOM   33   C  CB  . VAL A 1 5   ? 2.443   -8.464  9.631   1.00 19.16 ? 44  VAL A CB  1 
ATOM   34   C  CG1 . VAL A 1 5   ? 2.343   -8.226  8.130   1.00 19.97 ? 44  VAL A CG1 1 
ATOM   35   C  CG2 . VAL A 1 5   ? 1.259   -9.290  10.095  1.00 18.40 ? 44  VAL A CG2 1 
ATOM   36   N  N   . GLY A 1 6   ? 5.899   -8.829  8.867   1.00 19.86 ? 45  GLY A N   1 
ATOM   37   C  CA  . GLY A 1 6   ? 7.168   -8.169  8.528   1.00 20.63 ? 45  GLY A CA  1 
ATOM   38   C  C   . GLY A 1 6   ? 7.193   -7.735  7.090   1.00 18.53 ? 45  GLY A C   1 
ATOM   39   O  O   . GLY A 1 6   ? 6.848   -8.521  6.221   1.00 18.82 ? 45  GLY A O   1 
ATOM   40   N  N   . LEU A 1 7   ? 7.703   -6.520  6.851   1.00 18.08 ? 46  LEU A N   1 
ATOM   41   C  CA  . LEU A 1 7   ? 7.877   -6.037  5.467   1.00 17.52 ? 46  LEU A CA  1 
ATOM   42   C  C   . LEU A 1 7   ? 9.027   -6.788  4.814   1.00 17.60 ? 46  LEU A C   1 
ATOM   43   O  O   . LEU A 1 7   ? 10.096  -6.839  5.385   1.00 19.99 ? 46  LEU A O   1 
ATOM   44   C  CB  . LEU A 1 7   ? 8.138   -4.534  5.482   1.00 17.41 ? 46  LEU A CB  1 
ATOM   45   C  CG  . LEU A 1 7   ? 8.337   -3.880  4.134   1.00 17.79 ? 46  LEU A CG  1 
ATOM   46   C  CD1 . LEU A 1 7   ? 7.089   -3.926  3.298   1.00 18.38 ? 46  LEU A CD1 1 
ATOM   47   C  CD2 . LEU A 1 7   ? 8.818   -2.458  4.337   1.00 19.00 ? 46  LEU A CD2 1 
ATOM   48   N  N   . GLU A 1 8   ? 8.764   -7.320  3.657   1.00 17.65 ? 47  GLU A N   1 
ATOM   49   C  CA  . GLU A 1 8   ? 9.830   -7.895  2.800   1.00 18.26 ? 47  GLU A CA  1 
ATOM   50   C  C   . GLU A 1 8   ? 10.496  -6.770  2.014   1.00 18.75 ? 47  GLU A C   1 
ATOM   51   O  O   . GLU A 1 8   ? 9.867   -5.749  1.699   1.00 18.37 ? 47  GLU A O   1 
ATOM   52   C  CB  . GLU A 1 8   ? 9.241   -8.888  1.834   1.00 18.72 ? 47  GLU A CB  1 
ATOM   53   C  CG  . GLU A 1 8   ? 8.668   -10.094 2.535   1.00 19.69 ? 47  GLU A CG  1 
ATOM   54   C  CD  . GLU A 1 8   ? 9.702   -11.209 2.664   1.00 23.42 ? 47  GLU A CD  1 
ATOM   55   O  OE1 . GLU A 1 8   ? 9.696   -11.965 3.701   1.00 22.50 ? 47  GLU A OE1 1 
ATOM   56   O  OE2 . GLU A 1 8   ? 10.543  -11.334 1.721   1.00 25.35 ? 47  GLU A OE2 1 
ATOM   57   N  N   . GLU A 1 9   ? 11.741  -7.004  1.638   1.00 18.90 ? 48  GLU A N   1 
ATOM   58   C  CA  . GLU A 1 9   ? 12.503  -6.048  0.801   1.00 18.86 ? 48  GLU A CA  1 
ATOM   59   C  C   . GLU A 1 9   ? 12.487  -4.666  1.456   1.00 17.91 ? 48  GLU A C   1 
ATOM   60   O  O   . GLU A 1 9   ? 12.411  -3.656  0.731   1.00 18.14 ? 48  GLU A O   1 
ATOM   61   C  CB  . GLU A 1 9   ? 11.938  -6.058  -0.606  1.00 20.42 ? 48  GLU A CB  1 
ATOM   62   C  CG  . GLU A 1 9   ? 12.054  -7.407  -1.265  1.00 23.60 ? 48  GLU A CG  1 
ATOM   63   C  CD  . GLU A 1 9   ? 11.439  -7.603  -2.637  1.00 34.48 ? 48  GLU A CD  1 
ATOM   64   O  OE1 . GLU A 1 9   ? 10.801  -6.665  -3.164  1.00 38.11 ? 48  GLU A OE1 1 
ATOM   65   O  OE2 . GLU A 1 9   ? 11.599  -8.712  -3.186  1.00 39.23 ? 48  GLU A OE2 1 
ATOM   66   N  N   . SER A 1 10  ? 12.597  -4.576  2.763   1.00 18.31 ? 49  SER A N   1 
ATOM   67   C  CA  . SER A 1 10  ? 12.583  -3.272  3.471   1.00 19.45 ? 49  SER A CA  1 
ATOM   68   C  C   . SER A 1 10  ? 13.747  -2.399  2.986   1.00 20.32 ? 49  SER A C   1 
ATOM   69   O  O   . SER A 1 10  ? 13.534  -1.175  2.851   1.00 21.71 ? 49  SER A O   1 
ATOM   70   C  CB  . SER A 1 10  ? 12.572  -3.469  4.949   1.00 21.59 ? 49  SER A CB  1 
ATOM   71   O  OG  . SER A 1 10  ? 13.739  -4.155  5.377   1.00 23.83 ? 49  SER A OG  1 
ATOM   72   N  N   . GLU A 1 11  ? 14.920  -2.963  2.708   1.00 20.60 ? 50  GLU A N   1 
ATOM   73   C  CA  . GLU A 1 11  ? 16.073  -2.126  2.298   1.00 20.86 ? 50  GLU A CA  1 
ATOM   74   C  C   . GLU A 1 11  ? 15.723  -1.478  0.962   1.00 19.52 ? 50  GLU A C   1 
ATOM   75   O  O   . GLU A 1 11  ? 16.092  -0.306  0.760   1.00 20.87 ? 50  GLU A O   1 
ATOM   76   C  CB  . GLU A 1 11  ? 17.319  -2.999  2.233   1.00 25.63 ? 50  GLU A CB  1 
ATOM   77   C  CG  . GLU A 1 11  ? 18.565  -2.235  1.851   1.00 32.58 ? 50  GLU A CG  1 
ATOM   78   C  CD  . GLU A 1 11  ? 19.789  -3.133  1.766   1.00 40.28 ? 50  GLU A CD  1 
ATOM   79   O  OE1 . GLU A 1 11  ? 19.844  -4.088  2.553   1.00 36.20 ? 50  GLU A OE1 1 
ATOM   80   O  OE2 . GLU A 1 11  ? 20.653  -2.884  0.884   1.00 48.61 ? 50  GLU A OE2 1 
ATOM   81   N  N   . LEU A 1 12  ? 15.085  -2.206  0.063   1.00 19.10 ? 51  LEU A N   1 
ATOM   82   C  CA  . LEU A 1 12  ? 14.669  -1.668  -1.263  1.00 19.89 ? 51  LEU A CA  1 
ATOM   83   C  C   . LEU A 1 12  ? 13.664  -0.541  -1.043  1.00 19.56 ? 51  LEU A C   1 
ATOM   84   O  O   . LEU A 1 12  ? 13.814  0.569   -1.588  1.00 19.37 ? 51  LEU A O   1 
ATOM   85   C  CB  . LEU A 1 12  ? 14.094  -2.787  -2.116  1.00 22.42 ? 51  LEU A CB  1 
ATOM   86   C  CG  . LEU A 1 12  ? 13.467  -2.324  -3.423  1.00 25.07 ? 51  LEU A CG  1 
ATOM   87   C  CD1 . LEU A 1 12  ? 14.519  -1.630  -4.293  1.00 26.89 ? 51  LEU A CD1 1 
ATOM   88   C  CD2 . LEU A 1 12  ? 12.811  -3.491  -4.143  1.00 28.59 ? 51  LEU A CD2 1 
ATOM   89   N  N   . TRP A 1 13  ? 12.650  -0.760  -0.211  1.00 18.56 ? 52  TRP A N   1 
ATOM   90   C  CA  . TRP A 1 13  ? 11.682  0.321   0.044   1.00 18.33 ? 52  TRP A CA  1 
ATOM   91   C  C   . TRP A 1 13  ? 12.390  1.538   0.633   1.00 18.54 ? 52  TRP A C   1 
ATOM   92   O  O   . TRP A 1 13  ? 12.006  2.664   0.265   1.00 18.22 ? 52  TRP A O   1 
ATOM   93   C  CB  . TRP A 1 13  ? 10.596  -0.166  1.002   1.00 17.30 ? 52  TRP A CB  1 
ATOM   94   C  CG  . TRP A 1 13  ? 9.527   -0.963  0.362   1.00 17.60 ? 52  TRP A CG  1 
ATOM   95   C  CD1 . TRP A 1 13  ? 9.318   -2.310  0.433   1.00 16.27 ? 52  TRP A CD1 1 
ATOM   96   C  CD2 . TRP A 1 13  ? 8.417   -0.445  -0.370  1.00 16.59 ? 52  TRP A CD2 1 
ATOM   97   N  NE1 . TRP A 1 13  ? 8.231   -2.664  -0.298  1.00 18.23 ? 52  TRP A NE1 1 
ATOM   98   C  CE2 . TRP A 1 13  ? 7.600   -1.525  -0.733  1.00 17.04 ? 52  TRP A CE2 1 
ATOM   99   C  CE3 . TRP A 1 13  ? 8.039   0.843   -0.759  1.00 16.26 ? 52  TRP A CE3 1 
ATOM   100  C  CZ2 . TRP A 1 13  ? 6.437   -1.375  -1.464  1.00 16.93 ? 52  TRP A CZ2 1 
ATOM   101  C  CZ3 . TRP A 1 13  ? 6.854   0.985   -1.413  1.00 16.56 ? 52  TRP A CZ3 1 
ATOM   102  C  CH2 . TRP A 1 13  ? 6.080   -0.097  -1.799  1.00 17.73 ? 52  TRP A CH2 1 
ATOM   103  N  N   . LEU A 1 14  ? 13.358  1.332   1.521   1.00 20.53 ? 53  LEU A N   1 
ATOM   104  C  CA  . LEU A 1 14  ? 14.055  2.470   2.176   1.00 20.29 ? 53  LEU A CA  1 
ATOM   105  C  C   . LEU A 1 14  ? 14.893  3.256   1.135   1.00 20.26 ? 53  LEU A C   1 
ATOM   106  O  O   . LEU A 1 14  ? 15.019  4.487   1.304   1.00 22.36 ? 53  LEU A O   1 
ATOM   107  C  CB  . LEU A 1 14  ? 14.833  1.982   3.399   1.00 23.37 ? 53  LEU A CB  1 
ATOM   108  C  CG  . LEU A 1 14  ? 13.970  1.690   4.640   1.00 25.96 ? 53  LEU A CG  1 
ATOM   109  C  CD1 . LEU A 1 14  ? 13.205  2.930   5.098   1.00 27.23 ? 53  LEU A CD1 1 
ATOM   110  C  CD2 . LEU A 1 14  ? 12.986  0.558   4.433   1.00 32.58 ? 53  LEU A CD2 1 
ATOM   111  N  N   . ARG A 1 15  ? 15.364  2.629   0.070   1.00 20.01 ? 54  ARG A N   1 
ATOM   112  C  CA  . ARG A 1 15  ? 16.107  3.368   -0.979  1.00 21.36 ? 54  ARG A CA  1 
ATOM   113  C  C   . ARG A 1 15  ? 15.146  4.346   -1.644  1.00 21.19 ? 54  ARG A C   1 
ATOM   114  O  O   . ARG A 1 15  ? 15.550  5.467   -1.968  1.00 22.61 ? 54  ARG A O   1 
ATOM   115  C  CB  . ARG A 1 15  ? 16.665  2.418   -2.025  1.00 24.13 ? 54  ARG A CB  1 
ATOM   116  C  CG  . ARG A 1 15  ? 17.817  1.573   -1.517  1.00 28.73 ? 54  ARG A CG  1 
ATOM   117  C  CD  . ARG A 1 15  ? 18.387  0.689   -2.623  1.00 32.65 ? 54  ARG A CD  1 
ATOM   118  N  NE  . ARG A 1 15  ? 19.221  -0.383  -2.087  1.00 37.85 ? 54  ARG A NE  1 
ATOM   119  C  CZ  . ARG A 1 15  ? 20.477  -0.242  -1.661  1.00 41.54 ? 54  ARG A CZ  1 
ATOM   120  N  NH1 . ARG A 1 15  ? 21.078  0.935   -1.717  1.00 44.73 ? 54  ARG A NH1 1 
ATOM   121  N  NH2 . ARG A 1 15  ? 21.141  -1.284  -1.182  1.00 40.58 ? 54  ARG A NH2 1 
ATOM   122  N  N   . PHE A 1 16  ? 13.903  3.929   -1.876  1.00 19.14 ? 55  PHE A N   1 
ATOM   123  C  CA  . PHE A 1 16  ? 12.879  4.817   -2.469  1.00 19.26 ? 55  PHE A CA  1 
ATOM   124  C  C   . PHE A 1 16  ? 12.463  5.878   -1.466  1.00 19.09 ? 55  PHE A C   1 
ATOM   125  O  O   . PHE A 1 16  ? 12.407  7.052   -1.821  1.00 19.93 ? 55  PHE A O   1 
ATOM   126  C  CB  . PHE A 1 16  ? 11.672  4.034   -2.951  1.00 18.91 ? 55  PHE A CB  1 
ATOM   127  C  CG  . PHE A 1 16  ? 11.923  3.309   -4.242  1.00 17.96 ? 55  PHE A CG  1 
ATOM   128  C  CD1 . PHE A 1 16  ? 11.626  3.900   -5.463  1.00 21.34 ? 55  PHE A CD1 1 
ATOM   129  C  CD2 . PHE A 1 16  ? 12.474  2.041   -4.237  1.00 20.78 ? 55  PHE A CD2 1 
ATOM   130  C  CE1 . PHE A 1 16  ? 11.860  3.215   -6.649  1.00 22.77 ? 55  PHE A CE1 1 
ATOM   131  C  CE2 . PHE A 1 16  ? 12.755  1.373   -5.419  1.00 20.37 ? 55  PHE A CE2 1 
ATOM   132  C  CZ  . PHE A 1 16  ? 12.445  1.958   -6.623  1.00 22.40 ? 55  PHE A CZ  1 
ATOM   133  N  N   . LYS A 1 17  ? 12.248  5.486   -0.211  1.00 18.72 ? 56  LYS A N   1 
ATOM   134  C  CA  . LYS A 1 17  ? 11.773  6.455   0.797   1.00 19.59 ? 56  LYS A CA  1 
ATOM   135  C  C   . LYS A 1 17  ? 12.821  7.548   1.025   1.00 19.60 ? 56  LYS A C   1 
ATOM   136  O  O   . LYS A 1 17  ? 12.441  8.719   1.243   1.00 21.34 ? 56  LYS A O   1 
ATOM   137  C  CB  . LYS A 1 17  ? 11.460  5.750   2.114   1.00 19.91 ? 56  LYS A CB  1 
ATOM   138  C  CG  . LYS A 1 17  ? 10.886  6.693   3.159   1.00 20.86 ? 56  LYS A CG  1 
ATOM   139  C  CD  . LYS A 1 17  ? 10.219  5.997   4.305   1.00 21.56 ? 56  LYS A CD  1 
ATOM   140  C  CE  . LYS A 1 17  ? 9.845   6.988   5.369   1.00 22.55 ? 56  LYS A CE  1 
ATOM   141  N  NZ  . LYS A 1 17  ? 9.127   6.371   6.506   1.00 24.30 ? 56  LYS A NZ  1 
ATOM   142  N  N   . GLU A 1 18  ? 14.099  7.207   0.943   1.00 20.73 ? 57  GLU A N   1 
ATOM   143  C  CA  . GLU A 1 18  ? 15.149  8.245   1.165   1.00 26.84 ? 57  GLU A CA  1 
ATOM   144  C  C   . GLU A 1 18  ? 15.009  9.350   0.107   1.00 26.12 ? 57  GLU A C   1 
ATOM   145  O  O   . GLU A 1 18  ? 15.278  10.516  0.479   1.00 26.29 ? 57  GLU A O   1 
ATOM   146  C  CB  . GLU A 1 18  ? 16.537  7.630   1.327   1.00 33.62 ? 57  GLU A CB  1 
ATOM   147  C  CG  . GLU A 1 18  ? 17.253  7.272   0.072   1.00 43.39 ? 57  GLU A CG  1 
ATOM   148  C  CD  . GLU A 1 18  ? 18.717  6.950   0.348   1.00 50.67 ? 57  GLU A CD  1 
ATOM   149  O  OE1 . GLU A 1 18  ? 19.437  7.854   0.836   1.00 56.42 ? 57  GLU A OE1 1 
ATOM   150  O  OE2 . GLU A 1 18  ? 19.127  5.790   0.113   1.00 55.84 ? 57  GLU A OE2 1 
ATOM   151  N  N   . LEU A 1 19  ? 14.530  9.046   -1.099  1.00 22.67 ? 58  LEU A N   1 
ATOM   152  C  CA  . LEU A 1 19  ? 14.340  10.039  -2.192  1.00 22.85 ? 58  LEU A CA  1 
ATOM   153  C  C   . LEU A 1 19  ? 12.978  10.730  -2.094  1.00 20.78 ? 58  LEU A C   1 
ATOM   154  O  O   . LEU A 1 19  ? 12.747  11.723  -2.785  1.00 21.16 ? 58  LEU A O   1 
ATOM   155  C  CB  . LEU A 1 19  ? 14.408  9.346   -3.555  1.00 24.44 ? 58  LEU A CB  1 
ATOM   156  C  CG  . LEU A 1 19  ? 15.669  8.563   -3.879  1.00 29.36 ? 58  LEU A CG  1 
ATOM   157  C  CD1 . LEU A 1 19  ? 15.529  7.965   -5.274  1.00 29.99 ? 58  LEU A CD1 1 
ATOM   158  C  CD2 . LEU A 1 19  ? 16.890  9.457   -3.774  1.00 31.41 ? 58  LEU A CD2 1 
ATOM   159  N  N   . THR A 1 20  ? 12.107  10.183  -1.234  1.00 18.38 ? 59  THR A N   1 
ATOM   160  C  CA  . THR A 1 20  ? 10.653  10.409  -1.211  1.00 18.17 ? 59  THR A CA  1 
ATOM   161  C  C   . THR A 1 20  ? 10.075  9.553   -2.311  1.00 17.34 ? 59  THR A C   1 
ATOM   162  O  O   . THR A 1 20  ? 10.266  9.818   -3.509  1.00 16.28 ? 59  THR A O   1 
ATOM   163  C  CB  . THR A 1 20  ? 10.170  11.867  -1.313  1.00 20.16 ? 59  THR A CB  1 
ATOM   164  O  OG1 . THR A 1 20  ? 10.810  12.586  -0.251  1.00 23.09 ? 59  THR A OG1 1 
ATOM   165  C  CG2 . THR A 1 20  ? 8.660   11.947  -1.248  1.00 19.87 ? 59  THR A CG2 1 
ATOM   166  N  N   . ASN A 1 21  ? 9.313   8.529   -1.947  1.00 16.57 ? 60  ASN A N   1 
ATOM   167  C  CA  . ASN A 1 21  ? 8.810   7.577   -2.949  1.00 16.21 ? 60  ASN A CA  1 
ATOM   168  C  C   . ASN A 1 21  ? 7.608   8.186   -3.679  1.00 16.82 ? 60  ASN A C   1 
ATOM   169  O  O   . ASN A 1 21  ? 6.856   9.036   -3.103  1.00 16.50 ? 60  ASN A O   1 
ATOM   170  C  CB  . ASN A 1 21  ? 8.479   6.244   -2.280  1.00 15.78 ? 60  ASN A CB  1 
ATOM   171  C  CG  . ASN A 1 21  ? 8.394   5.075   -3.228  1.00 17.05 ? 60  ASN A CG  1 
ATOM   172  O  OD1 . ASN A 1 21  ? 8.509   5.190   -4.440  1.00 18.45 ? 60  ASN A OD1 1 
ATOM   173  N  ND2 . ASN A 1 21  ? 8.140   3.881   -2.666  1.00 17.68 ? 60  ASN A ND2 1 
ATOM   174  N  N   . GLU A 1 22  ? 7.393   7.839   -4.930  1.00 16.45 ? 61  GLU A N   1 
ATOM   175  C  CA  . GLU A 1 22  ? 6.300   8.297   -5.790  1.00 16.34 ? 61  GLU A CA  1 
ATOM   176  C  C   . GLU A 1 22  ? 5.654   7.067   -6.432  1.00 17.21 ? 61  GLU A C   1 
ATOM   177  O  O   . GLU A 1 22  ? 6.408   6.131   -6.864  1.00 18.49 ? 61  GLU A O   1 
ATOM   178  C  CB  . GLU A 1 22  ? 6.823   9.239   -6.893  1.00 17.67 ? 61  GLU A CB  1 
ATOM   179  C  CG  . GLU A 1 22  ? 7.508   10.479  -6.410  1.00 17.54 ? 61  GLU A CG  1 
ATOM   180  C  CD  . GLU A 1 22  ? 8.020   11.379  -7.542  1.00 15.32 ? 61  GLU A CD  1 
ATOM   181  O  OE1 . GLU A 1 22  ? 9.099   11.934  -7.377  1.00 19.17 ? 61  GLU A OE1 1 
ATOM   182  O  OE2 . GLU A 1 22  ? 7.281   11.518  -8.489  1.00 19.81 ? 61  GLU A OE2 1 
ATOM   183  N  N   . MET A 1 23  ? 4.344   7.033   -6.539  1.00 17.03 ? 62  MET A N   1 
ATOM   184  C  CA  . MET A 1 23  ? 3.653   5.991   -7.307  1.00 17.12 ? 62  MET A CA  1 
ATOM   185  C  C   . MET A 1 23  ? 2.771   6.673   -8.329  1.00 18.36 ? 62  MET A C   1 
ATOM   186  O  O   . MET A 1 23  ? 2.015   7.583   -7.948  1.00 19.83 ? 62  MET A O   1 
ATOM   187  C  CB  . MET A 1 23  ? 2.809   5.053   -6.422  1.00 18.77 ? 62  MET A CB  1 
ATOM   188  C  CG  . MET A 1 23  ? 3.586   4.330   -5.378  1.00 18.11 ? 62  MET A CG  1 
ATOM   189  S  SD  . MET A 1 23  ? 4.450   2.873   -6.085  1.00 18.96 ? 62  MET A SD  1 
ATOM   190  C  CE  . MET A 1 23  ? 5.357   2.434   -4.618  1.00 17.82 ? 62  MET A CE  1 
ATOM   191  N  N   . ILE A 1 24  ? 2.837   6.236   -9.577  1.00 18.48 ? 63  ILE A N   1 
ATOM   192  C  CA  . ILE A 1 24  ? 1.948   6.746   -10.652 1.00 20.81 ? 63  ILE A CA  1 
ATOM   193  C  C   . ILE A 1 24  ? 0.512   6.297   -10.447 1.00 20.29 ? 63  ILE A C   1 
ATOM   194  O  O   . ILE A 1 24  ? 0.256   5.094   -10.217 1.00 23.75 ? 63  ILE A O   1 
ATOM   195  C  CB  . ILE A 1 24  ? 2.439   6.311   -12.039 1.00 24.73 ? 63  ILE A CB  1 
ATOM   196  C  CG1 . ILE A 1 24  ? 3.915   6.622   -12.269 1.00 29.77 ? 63  ILE A CG1 1 
ATOM   197  C  CG2 . ILE A 1 24  ? 1.525   6.899   -13.112 1.00 26.62 ? 63  ILE A CG2 1 
ATOM   198  C  CD1 . ILE A 1 24  ? 4.181   8.047   -12.507 1.00 34.07 ? 63  ILE A CD1 1 
ATOM   199  N  N   . VAL A 1 25  ? -0.420  7.218   -10.582 1.00 21.10 ? 64  VAL A N   1 
ATOM   200  C  CA  . VAL A 1 25  ? -1.869  6.944   -10.687 1.00 20.21 ? 64  VAL A CA  1 
ATOM   201  C  C   . VAL A 1 25  ? -2.284  7.305   -12.118 1.00 24.70 ? 64  VAL A C   1 
ATOM   202  O  O   . VAL A 1 25  ? -1.775  8.322   -12.652 1.00 25.92 ? 64  VAL A O   1 
ATOM   203  C  CB  . VAL A 1 25  ? -2.678  7.671   -9.598  1.00 22.94 ? 64  VAL A CB  1 
ATOM   204  C  CG1 . VAL A 1 25  ? -2.335  7.130   -8.220  1.00 22.02 ? 64  VAL A CG1 1 
ATOM   205  C  CG2 . VAL A 1 25  ? -2.484  9.187   -9.638  1.00 23.27 ? 64  VAL A CG2 1 
ATOM   206  N  N   . THR A 1 26  ? -3.127  6.462   -12.714 1.00 26.27 ? 65  THR A N   1 
ATOM   207  C  CA  . THR A 1 26  ? -3.649  6.646   -14.089 1.00 27.34 ? 65  THR A CA  1 
ATOM   208  C  C   . THR A 1 26  ? -5.143  6.350   -14.101 1.00 27.90 ? 65  THR A C   1 
ATOM   209  O  O   . THR A 1 26  ? -5.695  5.758   -13.130 1.00 24.21 ? 65  THR A O   1 
ATOM   210  C  CB  . THR A 1 26  ? -2.923  5.770   -15.122 1.00 25.77 ? 65  THR A CB  1 
ATOM   211  O  OG1 . THR A 1 26  ? -3.234  4.393   -14.846 1.00 27.55 ? 65  THR A OG1 1 
ATOM   212  C  CG2 . THR A 1 26  ? -1.433  6.001   -15.198 1.00 29.78 ? 65  THR A CG2 1 
ATOM   213  N  N   . LYS A 1 27  ? -5.799  6.748   -15.189 1.00 29.04 ? 66  LYS A N   1 
ATOM   214  C  CA  . LYS A 1 27  ? -7.247  6.515   -15.345 1.00 31.87 ? 66  LYS A CA  1 
ATOM   215  C  C   . LYS A 1 27  ? -7.531  5.015   -15.189 1.00 29.99 ? 66  LYS A C   1 
ATOM   216  O  O   . LYS A 1 27  ? -8.474  4.664   -14.455 1.00 30.71 ? 66  LYS A O   1 
ATOM   217  C  CB  . LYS A 1 27  ? -7.685  7.012   -16.730 1.00 34.24 ? 66  LYS A CB  1 
ATOM   218  C  CG  . LYS A 1 27  ? -9.129  6.739   -17.114 1.00 42.52 ? 66  LYS A CG  1 
ATOM   219  C  CD  . LYS A 1 27  ? -9.370  6.932   -18.605 1.00 48.95 ? 66  LYS A CD  1 
ATOM   220  C  CE  . LYS A 1 27  ? -10.832 7.032   -18.977 1.00 55.70 ? 66  LYS A CE  1 
ATOM   221  N  NZ  . LYS A 1 27  ? -10.997 7.161   -20.448 1.00 61.29 ? 66  LYS A NZ  1 
ATOM   222  N  N   . ASN A 1 28  ? -6.718  4.174   -15.816 1.00 31.72 ? 67  ASN A N   1 
ATOM   223  C  CA  . ASN A 1 28  ? -7.040  2.725   -15.890 1.00 34.73 ? 67  ASN A CA  1 
ATOM   224  C  C   . ASN A 1 28  ? -6.309  1.952   -14.795 1.00 33.85 ? 67  ASN A C   1 
ATOM   225  O  O   . ASN A 1 28  ? -6.605  0.736   -14.624 1.00 34.57 ? 67  ASN A O   1 
ATOM   226  C  CB  . ASN A 1 28  ? -6.782  2.157   -17.279 1.00 34.10 ? 67  ASN A CB  1 
ATOM   227  C  CG  . ASN A 1 28  ? -7.742  2.730   -18.295 1.00 36.19 ? 67  ASN A CG  1 
ATOM   228  O  OD1 . ASN A 1 28  ? -8.896  3.002   -17.979 1.00 36.97 ? 67  ASN A OD1 1 
ATOM   229  N  ND2 . ASN A 1 28  ? -7.244  2.955   -19.490 1.00 39.38 ? 67  ASN A ND2 1 
ATOM   230  N  N   . GLY A 1 29  ? -5.427  2.625   -14.058 1.00 30.23 ? 68  GLY A N   1 
ATOM   231  C  CA  . GLY A 1 29  ? -4.783  2.040   -12.867 1.00 28.06 ? 68  GLY A CA  1 
ATOM   232  C  C   . GLY A 1 29  ? -3.421  1.485   -13.192 1.00 27.06 ? 68  GLY A C   1 
ATOM   233  O  O   . GLY A 1 29  ? -3.235  0.914   -14.291 1.00 28.78 ? 68  GLY A O   1 
ATOM   234  N  N   . ARG A 1 30  ? -2.494  1.634   -12.248 1.00 24.03 ? 69  ARG A N   1 
ATOM   235  C  CA  . ARG A 1 30  ? -1.081  1.277   -12.403 1.00 23.53 ? 69  ARG A CA  1 
ATOM   236  C  C   . ARG A 1 30  ? -0.657  0.428   -11.204 1.00 24.54 ? 69  ARG A C   1 
ATOM   237  O  O   . ARG A 1 30  ? -0.894  0.827   -10.038 1.00 22.64 ? 69  ARG A O   1 
ATOM   238  C  CB  . ARG A 1 30  ? -0.223  2.538   -12.533 1.00 27.61 ? 69  ARG A CB  1 
ATOM   239  C  CG  . ARG A 1 30  ? 1.202   2.268   -12.951 1.00 32.66 ? 69  ARG A CG  1 
ATOM   240  C  CD  . ARG A 1 30  ? 1.317   1.729   -14.368 1.00 36.43 ? 69  ARG A CD  1 
ATOM   241  N  NE  . ARG A 1 30  ? 0.921   2.659   -15.415 1.00 36.46 ? 69  ARG A NE  1 
ATOM   242  C  CZ  . ARG A 1 30  ? 1.679   3.665   -15.865 1.00 38.62 ? 69  ARG A CZ  1 
ATOM   243  N  NH1 . ARG A 1 30  ? 1.239   4.456   -16.833 1.00 40.78 ? 69  ARG A NH1 1 
ATOM   244  N  NH2 . ARG A 1 30  ? 2.856   3.906   -15.317 1.00 36.39 ? 69  ARG A NH2 1 
ATOM   245  N  N   . ARG A 1 31  ? -0.014  -0.695  -11.479 1.00 23.25 ? 70  ARG A N   1 
ATOM   246  C  CA  . ARG A 1 31  ? 0.599   -1.539  -10.423 1.00 23.10 ? 70  ARG A CA  1 
ATOM   247  C  C   . ARG A 1 31  ? 1.730   -0.780  -9.734  1.00 23.67 ? 70  ARG A C   1 
ATOM   248  O  O   . ARG A 1 31  ? 2.339   0.128   -10.318 1.00 23.15 ? 70  ARG A O   1 
ATOM   249  C  CB  . ARG A 1 31  ? 1.085   -2.855  -11.041 1.00 25.29 ? 70  ARG A CB  1 
ATOM   250  C  CG  . ARG A 1 31  ? -0.063  -3.799  -11.350 1.00 29.02 ? 70  ARG A CG  1 
ATOM   251  C  CD  . ARG A 1 31  ? 0.374   -5.146  -11.927 1.00 31.63 ? 70  ARG A CD  1 
ATOM   252  N  NE  . ARG A 1 31  ? 0.828   -4.949  -13.291 1.00 36.67 ? 70  ARG A NE  1 
ATOM   253  C  CZ  . ARG A 1 31  ? 0.035   -4.959  -14.365 1.00 41.09 ? 70  ARG A CZ  1 
ATOM   254  N  NH1 . ARG A 1 31  ? -1.258  -5.212  -14.247 1.00 41.72 ? 70  ARG A NH1 1 
ATOM   255  N  NH2 . ARG A 1 31  ? 0.544   -4.752  -15.568 1.00 42.75 ? 70  ARG A NH2 1 
ATOM   256  N  N   . MET A 1 32  ? 1.992   -1.137  -8.488  1.00 20.79 ? 71  MET A N   1 
ATOM   257  C  CA  . MET A 1 32  ? 3.062   -0.513  -7.700  1.00 21.68 ? 71  MET A CA  1 
ATOM   258  C  C   . MET A 1 32  ? 4.416   -1.138  -8.017  1.00 21.21 ? 71  MET A C   1 
ATOM   259  O  O   . MET A 1 32  ? 4.506   -2.381  -8.263  1.00 21.34 ? 71  MET A O   1 
ATOM   260  C  CB  . MET A 1 32  ? 2.762   -0.688  -6.215  1.00 20.21 ? 71  MET A CB  1 
ATOM   261  C  CG  . MET A 1 32  ? 1.449   -0.034  -5.814  1.00 21.54 ? 71  MET A CG  1 
ATOM   262  S  SD  . MET A 1 32  ? 0.972   -0.401  -4.128  1.00 22.53 ? 71  MET A SD  1 
ATOM   263  C  CE  . MET A 1 32  ? 2.302   0.471   -3.334  1.00 22.84 ? 71  MET A CE  1 
ATOM   264  N  N   . PHE A 1 33  ? 5.468   -0.338  -7.947  1.00 19.96 ? 72  PHE A N   1 
ATOM   265  C  CA  . PHE A 1 33  ? 6.858   -0.793  -7.776  1.00 19.19 ? 72  PHE A CA  1 
ATOM   266  C  C   . PHE A 1 33  ? 7.539   0.063   -6.731  1.00 20.26 ? 72  PHE A C   1 
ATOM   267  O  O   . PHE A 1 33  ? 7.508   1.286   -6.882  1.00 23.36 ? 72  PHE A O   1 
ATOM   268  C  CB  . PHE A 1 33  ? 7.668   -0.837  -9.080  1.00 21.54 ? 72  PHE A CB  1 
ATOM   269  C  CG  . PHE A 1 33  ? 9.009   -1.453  -8.795  1.00 20.38 ? 72  PHE A CG  1 
ATOM   270  C  CD1 . PHE A 1 33  ? 9.157   -2.839  -8.813  1.00 24.51 ? 72  PHE A CD1 1 
ATOM   271  C  CD2 . PHE A 1 33  ? 10.085  -0.692  -8.398  1.00 21.63 ? 72  PHE A CD2 1 
ATOM   272  C  CE1 . PHE A 1 33  ? 10.367  -3.413  -8.490  1.00 22.36 ? 72  PHE A CE1 1 
ATOM   273  C  CE2 . PHE A 1 33  ? 11.279  -1.273  -7.988  1.00 24.32 ? 72  PHE A CE2 1 
ATOM   274  C  CZ  . PHE A 1 33  ? 11.413  -2.645  -8.036  1.00 24.37 ? 72  PHE A CZ  1 
ATOM   275  N  N   . PRO A 1 34  ? 8.199   -0.475  -5.694  1.00 20.23 ? 73  PRO A N   1 
ATOM   276  C  CA  . PRO A 1 34  ? 8.168   -1.902  -5.367  1.00 19.55 ? 73  PRO A CA  1 
ATOM   277  C  C   . PRO A 1 34  ? 6.737   -2.384  -5.088  1.00 20.58 ? 73  PRO A C   1 
ATOM   278  O  O   . PRO A 1 34  ? 5.844   -1.631  -4.804  1.00 20.40 ? 73  PRO A O   1 
ATOM   279  C  CB  . PRO A 1 34  ? 9.048   -2.035  -4.105  1.00 24.31 ? 73  PRO A CB  1 
ATOM   280  C  CG  . PRO A 1 34  ? 9.889   -0.772  -4.096  1.00 23.91 ? 73  PRO A CG  1 
ATOM   281  C  CD  . PRO A 1 34  ? 9.017   0.282   -4.733  1.00 22.18 ? 73  PRO A CD  1 
ATOM   282  N  N   . VAL A 1 35  ? 6.610   -3.705  -5.137  1.00 23.07 ? 74  VAL A N   1 
ATOM   283  C  CA  . VAL A 1 35  ? 5.375   -4.400  -4.715  1.00 21.78 ? 74  VAL A CA  1 
ATOM   284  C  C   . VAL A 1 35  ? 5.424   -4.577  -3.206  1.00 19.35 ? 74  VAL A C   1 
ATOM   285  O  O   . VAL A 1 35  ? 6.448   -5.034  -2.676  1.00 21.59 ? 74  VAL A O   1 
ATOM   286  C  CB  . VAL A 1 35  ? 5.245   -5.748  -5.443  1.00 24.31 ? 74  VAL A CB  1 
ATOM   287  C  CG1 . VAL A 1 35  ? 4.145   -6.608  -4.842  1.00 24.90 ? 74  VAL A CG1 1 
ATOM   288  C  CG2 . VAL A 1 35  ? 5.015   -5.534  -6.938  1.00 26.16 ? 74  VAL A CG2 1 
ATOM   289  N  N   . LEU A 1 36  ? 4.294   -4.323  -2.557  1.00 18.39 ? 75  LEU A N   1 
ATOM   290  C  CA  . LEU A 1 36  ? 4.150   -4.609  -1.108  1.00 18.40 ? 75  LEU A CA  1 
ATOM   291  C  C   . LEU A 1 36  ? 4.063   -6.117  -0.889  1.00 19.06 ? 75  LEU A C   1 
ATOM   292  O  O   . LEU A 1 36  ? 3.172   -6.743  -1.418  1.00 18.40 ? 75  LEU A O   1 
ATOM   293  C  CB  . LEU A 1 36  ? 2.897   -3.950  -0.554  1.00 20.31 ? 75  LEU A CB  1 
ATOM   294  C  CG  . LEU A 1 36  ? 2.719   -4.122  0.934   1.00 23.78 ? 75  LEU A CG  1 
ATOM   295  C  CD1 . LEU A 1 36  ? 3.872   -3.533  1.717   1.00 24.98 ? 75  LEU A CD1 1 
ATOM   296  C  CD2 . LEU A 1 36  ? 1.393   -3.521  1.381   1.00 24.70 ? 75  LEU A CD2 1 
ATOM   297  N  N   . LYS A 1 37  ? 5.004   -6.630  -0.110  1.00 17.31 ? 76  LYS A N   1 
ATOM   298  C  CA  . LYS A 1 37  ? 5.108   -8.075  0.229   1.00 17.88 ? 76  LYS A CA  1 
ATOM   299  C  C   . LYS A 1 37  ? 5.437   -8.159  1.706   1.00 17.19 ? 76  LYS A C   1 
ATOM   300  O  O   . LYS A 1 37  ? 6.279   -7.435  2.189   1.00 17.05 ? 76  LYS A O   1 
ATOM   301  C  CB  . LYS A 1 37  ? 6.215   -8.761  -0.591  1.00 21.55 ? 76  LYS A CB  1 
ATOM   302  C  CG  . LYS A 1 37  ? 6.168   -8.565  -2.090  1.00 26.22 ? 76  LYS A CG  1 
ATOM   303  C  CD  . LYS A 1 37  ? 7.323   -9.288  -2.795  1.00 31.61 ? 76  LYS A CD  1 
ATOM   304  C  CE  . LYS A 1 37  ? 7.912   -8.490  -3.946  1.00 37.32 ? 76  LYS A CE  1 
ATOM   305  N  NZ  . LYS A 1 37  ? 8.350   -7.130  -3.538  1.00 41.36 ? 76  LYS A NZ  1 
ATOM   306  N  N   . VAL A 1 38  ? 4.745   -9.059  2.412   1.00 16.70 ? 77  VAL A N   1 
ATOM   307  C  CA  . VAL A 1 38  ? 4.989   -9.247  3.858   1.00 16.95 ? 77  VAL A CA  1 
ATOM   308  C  C   . VAL A 1 38  ? 5.142   -10.717 4.183   1.00 16.64 ? 77  VAL A C   1 
ATOM   309  O  O   . VAL A 1 38  ? 4.571   -11.563 3.521   1.00 19.74 ? 77  VAL A O   1 
ATOM   310  C  CB  . VAL A 1 38  ? 3.872   -8.599  4.692   1.00 16.87 ? 77  VAL A CB  1 
ATOM   311  C  CG1 . VAL A 1 38  ? 3.797   -7.109  4.437   1.00 18.03 ? 77  VAL A CG1 1 
ATOM   312  C  CG2 . VAL A 1 38  ? 2.526   -9.253  4.418   1.00 18.26 ? 77  VAL A CG2 1 
ATOM   313  N  N   . ASN A 1 39  ? 5.894   -10.953 5.238   1.00 17.44 ? 78  ASN A N   1 
ATOM   314  C  CA  . ASN A 1 39  ? 5.993   -12.295 5.846   1.00 17.75 ? 78  ASN A CA  1 
ATOM   315  C  C   . ASN A 1 39  ? 5.154   -12.285 7.124   1.00 17.57 ? 78  ASN A C   1 
ATOM   316  O  O   . ASN A 1 39  ? 4.904   -11.231 7.744   1.00 18.41 ? 78  ASN A O   1 
ATOM   317  C  CB  . ASN A 1 39  ? 7.435   -12.715 6.090   1.00 19.70 ? 78  ASN A CB  1 
ATOM   318  C  CG  . ASN A 1 39  ? 8.191   -11.732 6.938   1.00 24.30 ? 78  ASN A CG  1 
ATOM   319  O  OD1 . ASN A 1 39  ? 7.901   -11.537 8.128   1.00 25.13 ? 78  ASN A OD1 1 
ATOM   320  N  ND2 . ASN A 1 39  ? 9.171   -11.086 6.327   1.00 26.61 ? 78  ASN A ND2 1 
ATOM   321  N  N   . VAL A 1 40  ? 4.554   -13.417 7.383   1.00 17.11 ? 79  VAL A N   1 
ATOM   322  C  CA  . VAL A 1 40  ? 3.572   -13.548 8.487   1.00 18.15 ? 79  VAL A CA  1 
ATOM   323  C  C   . VAL A 1 40  ? 3.941   -14.760 9.333   1.00 18.06 ? 79  VAL A C   1 
ATOM   324  O  O   . VAL A 1 40  ? 4.126   -15.861 8.800   1.00 18.78 ? 79  VAL A O   1 
ATOM   325  C  CB  . VAL A 1 40  ? 2.149   -13.683 7.940   1.00 17.87 ? 79  VAL A CB  1 
ATOM   326  C  CG1 . VAL A 1 40  ? 1.107   -13.810 9.048   1.00 20.29 ? 79  VAL A CG1 1 
ATOM   327  C  CG2 . VAL A 1 40  ? 1.796   -12.586 6.937   1.00 18.95 ? 79  VAL A CG2 1 
ATOM   328  N  N   . SER A 1 41  ? 3.959   -14.540 10.629  1.00 19.37 ? 80  SER A N   1 
ATOM   329  C  CA  . SER A 1 41  ? 4.003   -15.652 11.606  1.00 20.00 ? 80  SER A CA  1 
ATOM   330  C  C   . SER A 1 41  ? 2.981   -15.407 12.716  1.00 18.46 ? 80  SER A C   1 
ATOM   331  O  O   . SER A 1 41  ? 2.571   -14.298 12.936  1.00 17.85 ? 80  SER A O   1 
ATOM   332  C  CB  . SER A 1 41  ? 5.418   -15.883 12.145  1.00 19.16 ? 80  SER A CB  1 
ATOM   333  O  OG  . SER A 1 41  ? 5.844   -14.799 12.977  1.00 24.92 ? 80  SER A OG  1 
ATOM   334  N  N   . GLY A 1 42  ? 2.591   -16.466 13.415  1.00 19.04 ? 81  GLY A N   1 
ATOM   335  C  CA  . GLY A 1 42  ? 1.754   -16.336 14.612  1.00 18.36 ? 81  GLY A CA  1 
ATOM   336  C  C   . GLY A 1 42  ? 0.272   -16.304 14.323  1.00 18.65 ? 81  GLY A C   1 
ATOM   337  O  O   . GLY A 1 42  ? -0.505  -15.984 15.259  1.00 21.85 ? 81  GLY A O   1 
ATOM   338  N  N   . LEU A 1 43  ? -0.171  -16.590 13.089  1.00 18.01 ? 82  LEU A N   1 
ATOM   339  C  CA  . LEU A 1 43  ? -1.607  -16.905 12.837  1.00 17.93 ? 82  LEU A CA  1 
ATOM   340  C  C   . LEU A 1 43  ? -1.866  -18.330 13.338  1.00 17.41 ? 82  LEU A C   1 
ATOM   341  O  O   . LEU A 1 43  ? -0.918  -19.108 13.511  1.00 18.49 ? 82  LEU A O   1 
ATOM   342  C  CB  . LEU A 1 43  ? -1.966  -16.799 11.349  1.00 18.44 ? 82  LEU A CB  1 
ATOM   343  C  CG  . LEU A 1 43  ? -1.903  -15.384 10.780  1.00 18.70 ? 82  LEU A CG  1 
ATOM   344  C  CD1 . LEU A 1 43  ? -2.193  -15.419 9.289   1.00 19.70 ? 82  LEU A CD1 1 
ATOM   345  C  CD2 . LEU A 1 43  ? -2.892  -14.476 11.475  1.00 20.67 ? 82  LEU A CD2 1 
ATOM   346  N  N   . ASP A 1 44  ? -3.151  -18.643 13.539  1.00 17.97 ? 83  ASP A N   1 
ATOM   347  C  CA  . ASP A 1 44  ? -3.574  -20.036 13.762  1.00 19.03 ? 83  ASP A CA  1 
ATOM   348  C  C   . ASP A 1 44  ? -3.474  -20.699 12.405  1.00 18.22 ? 83  ASP A C   1 
ATOM   349  O  O   . ASP A 1 44  ? -4.186  -20.304 11.498  1.00 17.73 ? 83  ASP A O   1 
ATOM   350  C  CB  . ASP A 1 44  ? -4.951  -20.032 14.378  1.00 21.12 ? 83  ASP A CB  1 
ATOM   351  C  CG  . ASP A 1 44  ? -5.449  -21.423 14.651  1.00 24.82 ? 83  ASP A CG  1 
ATOM   352  O  OD1 . ASP A 1 44  ? -4.833  -22.413 14.154  1.00 22.42 ? 83  ASP A OD1 1 
ATOM   353  O  OD2 . ASP A 1 44  ? -6.480  -21.497 15.364  1.00 28.22 ? 83  ASP A OD2 1 
ATOM   354  N  N   . PRO A 1 45  ? -2.576  -21.672 12.209  1.00 17.75 ? 84  PRO A N   1 
ATOM   355  C  CA  . PRO A 1 45  ? -2.482  -22.340 10.915  1.00 17.76 ? 84  PRO A CA  1 
ATOM   356  C  C   . PRO A 1 45  ? -3.794  -22.969 10.432  1.00 19.52 ? 84  PRO A C   1 
ATOM   357  O  O   . PRO A 1 45  ? -3.986  -23.079 9.233   1.00 20.04 ? 84  PRO A O   1 
ATOM   358  C  CB  . PRO A 1 45  ? -1.392  -23.375 11.106  1.00 21.09 ? 84  PRO A CB  1 
ATOM   359  C  CG  . PRO A 1 45  ? -1.331  -23.594 12.597  1.00 22.18 ? 84  PRO A CG  1 
ATOM   360  C  CD  . PRO A 1 45  ? -1.669  -22.262 13.200  1.00 20.34 ? 84  PRO A CD  1 
ATOM   361  N  N   . ASN A 1 46  ? -4.642  -23.381 11.378  1.00 20.10 ? 85  ASN A N   1 
ATOM   362  C  CA  . ASN A 1 46  ? -5.905  -24.086 11.107  1.00 21.34 ? 85  ASN A CA  1 
ATOM   363  C  C   . ASN A 1 46  ? -7.045  -23.116 10.779  1.00 21.05 ? 85  ASN A C   1 
ATOM   364  O  O   . ASN A 1 46  ? -8.059  -23.545 10.204  1.00 23.73 ? 85  ASN A O   1 
ATOM   365  C  CB  . ASN A 1 46  ? -6.293  -24.889 12.345  1.00 21.63 ? 85  ASN A CB  1 
ATOM   366  C  CG  . ASN A 1 46  ? -5.192  -25.771 12.864  1.00 25.67 ? 85  ASN A CG  1 
ATOM   367  O  OD1 . ASN A 1 46  ? -4.591  -26.537 12.125  1.00 27.28 ? 85  ASN A OD1 1 
ATOM   368  N  ND2 . ASN A 1 46  ? -4.853  -25.603 14.139  1.00 30.47 ? 85  ASN A ND2 1 
ATOM   369  N  N   . ALA A 1 47  ? -6.952  -21.845 11.158  1.00 18.11 ? 86  ALA A N   1 
ATOM   370  C  CA  . ALA A 1 47  ? -8.049  -20.889 10.961  1.00 18.64 ? 86  ALA A CA  1 
ATOM   371  C  C   . ALA A 1 47  ? -8.008  -20.326 9.550   1.00 18.06 ? 86  ALA A C   1 
ATOM   372  O  O   . ALA A 1 47  ? -6.997  -20.507 8.893   1.00 18.00 ? 86  ALA A O   1 
ATOM   373  C  CB  . ALA A 1 47  ? -7.966  -19.776 11.986  1.00 19.63 ? 86  ALA A CB  1 
ATOM   374  N  N   . MET A 1 48  ? -9.099  -19.704 9.115   1.00 17.92 ? 87  MET A N   1 
ATOM   375  C  CA  . MET A 1 48  ? -9.138  -19.044 7.790   1.00 17.12 ? 87  MET A CA  1 
ATOM   376  C  C   . MET A 1 48  ? -9.191  -17.553 8.012   1.00 17.03 ? 87  MET A C   1 
ATOM   377  O  O   . MET A 1 48  ? -9.792  -17.078 8.962   1.00 17.47 ? 87  MET A O   1 
ATOM   378  C  CB  . MET A 1 48  ? -10.313 -19.511 6.936   1.00 18.23 ? 87  MET A CB  1 
ATOM   379  C  CG  . MET A 1 48  ? -10.252 -20.995 6.645   1.00 20.07 ? 87  MET A CG  1 
ATOM   380  S  SD  . MET A 1 48  ? -11.406 -21.379 5.311   1.00 22.28 ? 87  MET A SD  1 
ATOM   381  C  CE  . MET A 1 48  ? -10.500 -20.818 3.855   1.00 24.43 ? 87  MET A CE  1 
ATOM   382  N  N   . TYR A 1 49  ? -8.488  -16.842 7.152   1.00 16.79 ? 88  TYR A N   1 
ATOM   383  C  CA  . TYR A 1 49  ? -8.343  -15.383 7.168   1.00 17.28 ? 88  TYR A CA  1 
ATOM   384  C  C   . TYR A 1 49  ? -8.421  -14.829 5.751   1.00 16.85 ? 88  TYR A C   1 
ATOM   385  O  O   . TYR A 1 49  ? -8.025  -15.509 4.800   1.00 16.33 ? 88  TYR A O   1 
ATOM   386  C  CB  . TYR A 1 49  ? -6.979  -15.009 7.743   1.00 17.48 ? 88  TYR A CB  1 
ATOM   387  C  CG  . TYR A 1 49  ? -6.642  -15.574 9.093   1.00 17.21 ? 88  TYR A CG  1 
ATOM   388  C  CD1 . TYR A 1 49  ? -6.958  -14.883 10.243  1.00 17.25 ? 88  TYR A CD1 1 
ATOM   389  C  CD2 . TYR A 1 49  ? -6.001  -16.791 9.224   1.00 16.09 ? 88  TYR A CD2 1 
ATOM   390  C  CE1 . TYR A 1 49  ? -6.628  -15.374 11.476  1.00 18.17 ? 88  TYR A CE1 1 
ATOM   391  C  CE2 . TYR A 1 49  ? -5.688  -17.317 10.461  1.00 16.77 ? 88  TYR A CE2 1 
ATOM   392  C  CZ  . TYR A 1 49  ? -6.004  -16.611 11.601  1.00 17.30 ? 88  TYR A CZ  1 
ATOM   393  O  OH  . TYR A 1 49  ? -5.586  -17.139 12.794  1.00 20.78 ? 88  TYR A OH  1 
ATOM   394  N  N   . SER A 1 50  ? -8.894  -13.591 5.637   1.00 17.51 ? 89  SER A N   1 
ATOM   395  C  CA  . SER A 1 50  ? -8.717  -12.753 4.431   1.00 16.84 ? 89  SER A CA  1 
ATOM   396  C  C   . SER A 1 50  ? -7.710  -11.635 4.727   1.00 16.04 ? 89  SER A C   1 
ATOM   397  O  O   . SER A 1 50  ? -7.623  -11.176 5.890   1.00 16.05 ? 89  SER A O   1 
ATOM   398  C  CB  . SER A 1 50  ? -10.000 -12.193 3.922   1.00 19.61 ? 89  SER A CB  1 
ATOM   399  O  OG  . SER A 1 50  ? -10.930 -13.238 3.694   1.00 22.52 ? 89  SER A OG  1 
ATOM   400  N  N   . PHE A 1 51  ? -6.933  -11.291 3.722   1.00 16.20 ? 90  PHE A N   1 
ATOM   401  C  CA  . PHE A 1 51  ? -5.942  -10.189 3.786   1.00 17.00 ? 90  PHE A CA  1 
ATOM   402  C  C   . PHE A 1 51  ? -6.492  -9.045  2.952   1.00 17.50 ? 90  PHE A C   1 
ATOM   403  O  O   . PHE A 1 51  ? -6.800  -9.253  1.784   1.00 18.68 ? 90  PHE A O   1 
ATOM   404  C  CB  . PHE A 1 51  ? -4.561  -10.627 3.301   1.00 16.93 ? 90  PHE A CB  1 
ATOM   405  C  CG  . PHE A 1 51  ? -3.667  -11.261 4.338   1.00 16.15 ? 90  PHE A CG  1 
ATOM   406  C  CD1 . PHE A 1 51  ? -2.399  -10.792 4.596   1.00 16.40 ? 90  PHE A CD1 1 
ATOM   407  C  CD2 . PHE A 1 51  ? -4.099  -12.351 5.074   1.00 16.73 ? 90  PHE A CD2 1 
ATOM   408  C  CE1 . PHE A 1 51  ? -1.609  -11.350 5.595   1.00 16.63 ? 90  PHE A CE1 1 
ATOM   409  C  CE2 . PHE A 1 51  ? -3.317  -12.909 6.051   1.00 16.52 ? 90  PHE A CE2 1 
ATOM   410  C  CZ  . PHE A 1 51  ? -2.051  -12.447 6.280   1.00 15.78 ? 90  PHE A CZ  1 
ATOM   411  N  N   . LEU A 1 52  ? -6.566  -7.859  3.536   1.00 17.38 ? 91  LEU A N   1 
ATOM   412  C  CA  . LEU A 1 52  ? -7.065  -6.647  2.851   1.00 18.43 ? 91  LEU A CA  1 
ATOM   413  C  C   . LEU A 1 52  ? -5.965  -5.580  2.885   1.00 18.06 ? 91  LEU A C   1 
ATOM   414  O  O   . LEU A 1 52  ? -5.137  -5.543  3.799   1.00 18.95 ? 91  LEU A O   1 
ATOM   415  C  CB  . LEU A 1 52  ? -8.292  -6.096  3.586   1.00 20.97 ? 91  LEU A CB  1 
ATOM   416  C  CG  . LEU A 1 52  ? -9.691  -6.634  3.306   1.00 31.34 ? 91  LEU A CG  1 
ATOM   417  C  CD1 . LEU A 1 52  ? -9.729  -8.111  3.076   1.00 27.07 ? 91  LEU A CD1 1 
ATOM   418  C  CD2 . LEU A 1 52  ? -10.623 -6.233  4.463   1.00 30.51 ? 91  LEU A CD2 1 
ATOM   419  N  N   . LEU A 1 53  ? -5.978  -4.713  1.887   1.00 18.77 ? 92  LEU A N   1 
ATOM   420  C  CA  . LEU A 1 53  ? -5.000  -3.612  1.802   1.00 17.25 ? 92  LEU A CA  1 
ATOM   421  C  C   . LEU A 1 53  ? -5.775  -2.325  1.602   1.00 16.84 ? 92  LEU A C   1 
ATOM   422  O  O   . LEU A 1 53  ? -6.589  -2.264  0.675   1.00 18.21 ? 92  LEU A O   1 
ATOM   423  C  CB  . LEU A 1 53  ? -4.048  -3.926  0.655   1.00 17.65 ? 92  LEU A CB  1 
ATOM   424  C  CG  . LEU A 1 53  ? -3.171  -2.768  0.185   1.00 17.60 ? 92  LEU A CG  1 
ATOM   425  C  CD1 . LEU A 1 53  ? -2.096  -2.394  1.223   1.00 18.46 ? 92  LEU A CD1 1 
ATOM   426  C  CD2 . LEU A 1 53  ? -2.549  -3.132  -1.154  1.00 18.05 ? 92  LEU A CD2 1 
ATOM   427  N  N   . ASP A 1 54  ? -5.415  -1.299  2.347   1.00 16.80 ? 93  ASP A N   1 
ATOM   428  C  CA  . ASP A 1 54  ? -5.910  0.062   2.045   1.00 17.79 ? 93  ASP A CA  1 
ATOM   429  C  C   . ASP A 1 54  ? -4.750  1.026   2.208   1.00 17.98 ? 93  ASP A C   1 
ATOM   430  O  O   . ASP A 1 54  ? -3.649  0.624   2.565   1.00 16.96 ? 93  ASP A O   1 
ATOM   431  C  CB  . ASP A 1 54  ? -7.172  0.399   2.830   1.00 18.45 ? 93  ASP A CB  1 
ATOM   432  C  CG  . ASP A 1 54  ? -7.028  0.687   4.309   1.00 21.00 ? 93  ASP A CG  1 
ATOM   433  O  OD1 . ASP A 1 54  ? -6.032  0.337   4.916   1.00 18.72 ? 93  ASP A OD1 1 
ATOM   434  O  OD2 . ASP A 1 54  ? -7.973  1.279   4.858   1.00 28.66 ? 93  ASP A OD2 1 
ATOM   435  N  N   . PHE A 1 55  ? -5.019  2.308   1.956   1.00 17.83 ? 94  PHE A N   1 
ATOM   436  C  CA  . PHE A 1 55  ? -3.995  3.364   1.911   1.00 18.52 ? 94  PHE A CA  1 
ATOM   437  C  C   . PHE A 1 55  ? -4.460  4.525   2.762   1.00 19.24 ? 94  PHE A C   1 
ATOM   438  O  O   . PHE A 1 55  ? -5.572  5.010   2.503   1.00 24.20 ? 94  PHE A O   1 
ATOM   439  C  CB  . PHE A 1 55  ? -3.752  3.759   0.471   1.00 18.37 ? 94  PHE A CB  1 
ATOM   440  C  CG  . PHE A 1 55  ? -3.139  2.677   -0.367  1.00 17.80 ? 94  PHE A CG  1 
ATOM   441  C  CD1 . PHE A 1 55  ? -1.768  2.661   -0.607  1.00 19.00 ? 94  PHE A CD1 1 
ATOM   442  C  CD2 . PHE A 1 55  ? -3.920  1.637   -0.855  1.00 18.49 ? 94  PHE A CD2 1 
ATOM   443  C  CE1 . PHE A 1 55  ? -1.197  1.631   -1.355  1.00 18.88 ? 94  PHE A CE1 1 
ATOM   444  C  CE2 . PHE A 1 55  ? -3.367  0.653   -1.647  1.00 17.30 ? 94  PHE A CE2 1 
ATOM   445  C  CZ  . PHE A 1 55  ? -2.009  0.635   -1.885  1.00 18.68 ? 94  PHE A CZ  1 
ATOM   446  N  N   . VAL A 1 56  ? -3.701  4.838   3.799   1.00 19.16 ? 95  VAL A N   1 
ATOM   447  C  CA  . VAL A 1 56  ? -4.102  5.889   4.762   1.00 18.28 ? 95  VAL A CA  1 
ATOM   448  C  C   . VAL A 1 56  ? -3.444  7.210   4.344   1.00 18.94 ? 95  VAL A C   1 
ATOM   449  O  O   . VAL A 1 56  ? -2.238  7.207   4.140   1.00 18.81 ? 95  VAL A O   1 
ATOM   450  C  CB  . VAL A 1 56  ? -3.738  5.470   6.177   1.00 21.31 ? 95  VAL A CB  1 
ATOM   451  C  CG1 . VAL A 1 56  ? -4.135  6.536   7.178   1.00 22.93 ? 95  VAL A CG1 1 
ATOM   452  C  CG2 . VAL A 1 56  ? -4.406  4.131   6.494   1.00 22.23 ? 95  VAL A CG2 1 
ATOM   453  N  N   . ALA A 1 57  ? -4.226  8.272   4.230   1.00 21.65 ? 96  ALA A N   1 
ATOM   454  C  CA  . ALA A 1 57  ? -3.728  9.641   3.968   1.00 21.81 ? 96  ALA A CA  1 
ATOM   455  C  C   . ALA A 1 57  ? -2.838  10.072  5.119   1.00 21.43 ? 96  ALA A C   1 
ATOM   456  O  O   . ALA A 1 57  ? -3.264  9.998   6.277   1.00 22.05 ? 96  ALA A O   1 
ATOM   457  C  CB  . ALA A 1 57  ? -4.886  10.587  3.769   1.00 21.80 ? 96  ALA A CB  1 
ATOM   458  N  N   . ALA A 1 58  ? -1.618  10.559  4.826   1.00 20.82 ? 97  ALA A N   1 
ATOM   459  C  CA  . ALA A 1 58  ? -0.578  10.850  5.837   1.00 22.77 ? 97  ALA A CA  1 
ATOM   460  C  C   . ALA A 1 58  ? -0.730  12.289  6.352   1.00 25.78 ? 97  ALA A C   1 
ATOM   461  O  O   . ALA A 1 58  ? -0.314  12.552  7.504   1.00 29.08 ? 97  ALA A O   1 
ATOM   462  C  CB  . ALA A 1 58  ? 0.800   10.619  5.263   1.00 24.89 ? 97  ALA A CB  1 
ATOM   463  N  N   . ASP A 1 59  ? -1.366  13.202  5.617   1.00 25.37 ? 98  ASP A N   1 
ATOM   464  C  CA  . ASP A 1 59  ? -1.207  14.653  5.925   1.00 25.75 ? 98  ASP A CA  1 
ATOM   465  C  C   . ASP A 1 59  ? -2.500  15.420  5.736   1.00 25.47 ? 98  ASP A C   1 
ATOM   466  O  O   . ASP A 1 59  ? -3.316  15.011  4.912   1.00 26.72 ? 98  ASP A O   1 
ATOM   467  C  CB  . ASP A 1 59  ? -0.190  15.326  4.991   1.00 24.59 ? 98  ASP A CB  1 
ATOM   468  C  CG  . ASP A 1 59  ? 1.090   14.547  4.955   1.00 23.18 ? 98  ASP A CG  1 
ATOM   469  O  OD1 . ASP A 1 59  ? 1.441   14.099  3.856   1.00 29.63 ? 98  ASP A OD1 1 
ATOM   470  O  OD2 . ASP A 1 59  ? 1.664   14.329  6.019   1.00 30.50 ? 98  ASP A OD2 1 
ATOM   471  N  N   . ASN A 1 60  ? -2.596  16.598  6.393   1.00 25.16 ? 99  ASN A N   1 
ATOM   472  C  CA  . ASN A 1 60  ? -3.721  17.554  6.201   1.00 27.59 ? 99  ASN A CA  1 
ATOM   473  C  C   . ASN A 1 60  ? -3.340  18.612  5.155   1.00 26.30 ? 99  ASN A C   1 
ATOM   474  O  O   . ASN A 1 60  ? -3.840  19.750  5.207   1.00 26.87 ? 99  ASN A O   1 
ATOM   475  C  CB  . ASN A 1 60  ? -4.121  18.263  7.512   1.00 30.12 ? 99  ASN A CB  1 
ATOM   476  C  CG  . ASN A 1 60  ? -3.089  19.246  8.041   1.00 37.73 ? 99  ASN A CG  1 
ATOM   477  O  OD1 . ASN A 1 60  ? -1.994  19.358  7.489   1.00 46.60 ? 99  ASN A OD1 1 
ATOM   478  N  ND2 . ASN A 1 60  ? -3.401  19.953  9.126   1.00 41.74 ? 99  ASN A ND2 1 
ATOM   479  N  N   . HIS A 1 61  ? -2.521  18.251  4.180   1.00 24.05 ? 100 HIS A N   1 
ATOM   480  C  CA  . HIS A 1 61  ? -2.081  19.165  3.108   1.00 21.75 ? 100 HIS A CA  1 
ATOM   481  C  C   . HIS A 1 61  ? -1.555  18.308  1.965   1.00 21.79 ? 100 HIS A C   1 
ATOM   482  O  O   . HIS A 1 61  ? -1.343  17.075  2.173   1.00 23.64 ? 100 HIS A O   1 
ATOM   483  C  CB  . HIS A 1 61  ? -1.047  20.146  3.639   1.00 23.68 ? 100 HIS A CB  1 
ATOM   484  C  CG  . HIS A 1 61  ? 0.247   19.508  3.997   1.00 21.35 ? 100 HIS A CG  1 
ATOM   485  N  ND1 . HIS A 1 61  ? 0.625   19.193  5.281   1.00 24.64 ? 100 HIS A ND1 1 
ATOM   486  C  CD2 . HIS A 1 61  ? 1.247   19.099  3.188   1.00 20.82 ? 100 HIS A CD2 1 
ATOM   487  C  CE1 . HIS A 1 61  ? 1.830   18.655  5.264   1.00 21.18 ? 100 HIS A CE1 1 
ATOM   488  N  NE2 . HIS A 1 61  ? 2.236   18.566  3.965   1.00 26.24 ? 100 HIS A NE2 1 
ATOM   489  N  N   . ARG A 1 62  ? -1.426  18.912  0.823   1.00 22.18 ? 101 ARG A N   1 
ATOM   490  C  CA  . ARG A 1 62  ? -0.809  18.257  -0.337  1.00 21.87 ? 101 ARG A CA  1 
ATOM   491  C  C   . ARG A 1 62  ? 0.652   18.671  -0.406  1.00 19.67 ? 101 ARG A C   1 
ATOM   492  O  O   . ARG A 1 62  ? 1.166   19.439  0.374   1.00 19.17 ? 101 ARG A O   1 
ATOM   493  C  CB  . ARG A 1 62  ? -1.597  18.509  -1.627  1.00 26.85 ? 101 ARG A CB  1 
ATOM   494  C  CG  . ARG A 1 62  ? -1.561  19.925  -2.161  1.00 34.57 ? 101 ARG A CG  1 
ATOM   495  C  CD  . ARG A 1 62  ? -2.434  20.056  -3.409  1.00 38.10 ? 101 ARG A CD  1 
ATOM   496  N  NE  . ARG A 1 62  ? -3.468  21.063  -3.219  1.00 49.28 ? 101 ARG A NE  1 
ATOM   497  C  CZ  . ARG A 1 62  ? -4.336  21.463  -4.141  1.00 60.68 ? 101 ARG A CZ  1 
ATOM   498  N  NH1 . ARG A 1 62  ? -5.213  22.413  -3.847  1.00 64.71 ? 101 ARG A NH1 1 
ATOM   499  N  NH2 . ARG A 1 62  ? -4.318  20.927  -5.353  1.00 64.41 ? 101 ARG A NH2 1 
ATOM   500  N  N   . TRP A 1 63  ? 1.319   18.066  -1.354  1.00 18.03 ? 102 TRP A N   1 
ATOM   501  C  CA  . TRP A 1 63  ? 2.764   18.222  -1.561  1.00 18.66 ? 102 TRP A CA  1 
ATOM   502  C  C   . TRP A 1 63  ? 2.982   18.792  -2.962  1.00 17.72 ? 102 TRP A C   1 
ATOM   503  O  O   . TRP A 1 63  ? 2.115   18.693  -3.836  1.00 19.30 ? 102 TRP A O   1 
ATOM   504  C  CB  . TRP A 1 63  ? 3.481   16.868  -1.401  1.00 17.01 ? 102 TRP A CB  1 
ATOM   505  C  CG  . TRP A 1 63  ? 3.496   16.370  -0.014  1.00 17.94 ? 102 TRP A CG  1 
ATOM   506  C  CD1 . TRP A 1 63  ? 2.588   15.535  0.580   1.00 20.77 ? 102 TRP A CD1 1 
ATOM   507  C  CD2 . TRP A 1 63  ? 4.447   16.721  0.997   1.00 18.90 ? 102 TRP A CD2 1 
ATOM   508  N  NE1 . TRP A 1 63  ? 2.900   15.380  1.884   1.00 21.28 ? 102 TRP A NE1 1 
ATOM   509  C  CE2 . TRP A 1 63  ? 4.043   16.063  2.181   1.00 20.32 ? 102 TRP A CE2 1 
ATOM   510  C  CE3 . TRP A 1 63  ? 5.584   17.538  1.025   1.00 20.17 ? 102 TRP A CE3 1 
ATOM   511  C  CZ2 . TRP A 1 63  ? 4.759   16.191  3.368   1.00 21.48 ? 102 TRP A CZ2 1 
ATOM   512  C  CZ3 . TRP A 1 63  ? 6.286   17.660  2.208   1.00 21.69 ? 102 TRP A CZ3 1 
ATOM   513  C  CH2 . TRP A 1 63  ? 5.857   17.014  3.378   1.00 21.21 ? 102 TRP A CH2 1 
ATOM   514  N  N   A LYS A 1 64  ? 4.156   19.374  -3.149  0.50 19.70 ? 103 LYS A N   1 
ATOM   515  N  N   B LYS A 1 64  ? 4.151   19.382  -3.151  0.50 18.80 ? 103 LYS A N   1 
ATOM   516  C  CA  A LYS A 1 64  ? 4.637   19.841  -4.463  0.50 19.78 ? 103 LYS A CA  1 
ATOM   517  C  CA  B LYS A 1 64  ? 4.626   19.818  -4.477  0.50 18.27 ? 103 LYS A CA  1 
ATOM   518  C  C   A LYS A 1 64  ? 6.156   19.733  -4.500  0.50 18.07 ? 103 LYS A C   1 
ATOM   519  C  C   B LYS A 1 64  ? 6.151   19.740  -4.504  0.50 17.23 ? 103 LYS A C   1 
ATOM   520  O  O   A LYS A 1 64  ? 6.798   19.849  -3.461  0.50 17.64 ? 103 LYS A O   1 
ATOM   521  O  O   B LYS A 1 64  ? 6.790   19.857  -3.465  0.50 16.82 ? 103 LYS A O   1 
ATOM   522  C  CB  A LYS A 1 64  ? 4.165   21.260  -4.791  0.50 23.40 ? 103 LYS A CB  1 
ATOM   523  C  CB  B LYS A 1 64  ? 4.077   21.192  -4.875  0.50 20.65 ? 103 LYS A CB  1 
ATOM   524  C  CG  A LYS A 1 64  ? 4.553   22.347  -3.815  0.50 28.62 ? 103 LYS A CG  1 
ATOM   525  C  CG  B LYS A 1 64  ? 4.713   22.399  -4.228  0.50 23.34 ? 103 LYS A CG  1 
ATOM   526  C  CD  A LYS A 1 64  ? 4.011   23.693  -4.287  0.50 29.81 ? 103 LYS A CD  1 
ATOM   527  C  CD  B LYS A 1 64  ? 4.164   23.725  -4.801  0.50 23.18 ? 103 LYS A CD  1 
ATOM   528  C  CE  A LYS A 1 64  ? 3.676   24.689  -3.193  0.50 31.28 ? 103 LYS A CE  1 
ATOM   529  C  CE  B LYS A 1 64  ? 4.385   24.930  -3.895  0.50 24.28 ? 103 LYS A CE  1 
ATOM   530  N  NZ  A LYS A 1 64  ? 4.802   24.949  -2.266  0.50 33.68 ? 103 LYS A NZ  1 
ATOM   531  N  NZ  B LYS A 1 64  ? 3.516   26.102  -4.238  0.50 22.74 ? 103 LYS A NZ  1 
ATOM   532  N  N   . TYR A 1 65  ? 6.674   19.474  -5.703  1.00 18.45 ? 104 TYR A N   1 
ATOM   533  C  CA  . TYR A 1 65  ? 8.108   19.271  -5.932  1.00 19.11 ? 104 TYR A CA  1 
ATOM   534  C  C   . TYR A 1 65  ? 8.665   20.550  -6.538  1.00 19.46 ? 104 TYR A C   1 
ATOM   535  O  O   . TYR A 1 65  ? 8.218   20.903  -7.621  1.00 21.07 ? 104 TYR A O   1 
ATOM   536  C  CB  . TYR A 1 65  ? 8.331   18.084  -6.862  1.00 19.37 ? 104 TYR A CB  1 
ATOM   537  C  CG  . TYR A 1 65  ? 9.745   17.569  -6.899  1.00 20.81 ? 104 TYR A CG  1 
ATOM   538  C  CD1 . TYR A 1 65  ? 10.304  16.942  -5.815  1.00 18.79 ? 104 TYR A CD1 1 
ATOM   539  C  CD2 . TYR A 1 65  ? 10.519  17.666  -8.062  1.00 22.44 ? 104 TYR A CD2 1 
ATOM   540  C  CE1 . TYR A 1 65  ? 11.581  16.395  -5.833  1.00 22.03 ? 104 TYR A CE1 1 
ATOM   541  C  CE2 . TYR A 1 65  ? 11.799  17.128  -8.092  1.00 21.45 ? 104 TYR A CE2 1 
ATOM   542  C  CZ  . TYR A 1 65  ? 12.337  16.499  -6.991  1.00 22.77 ? 104 TYR A CZ  1 
ATOM   543  O  OH  . TYR A 1 65  ? 13.600  15.962  -6.958  1.00 24.32 ? 104 TYR A OH  1 
ATOM   544  N  N   . VAL A 1 66  ? 9.447   21.255  -5.735  1.00 18.77 ? 105 VAL A N   1 
ATOM   545  C  CA  . VAL A 1 66  ? 9.939   22.627  -6.056  1.00 20.85 ? 105 VAL A CA  1 
ATOM   546  C  C   . VAL A 1 66  ? 11.443  22.641  -5.863  1.00 18.51 ? 105 VAL A C   1 
ATOM   547  O  O   . VAL A 1 66  ? 11.906  22.336  -4.774  1.00 19.70 ? 105 VAL A O   1 
ATOM   548  C  CB  . VAL A 1 66  ? 9.255   23.674  -5.179  1.00 21.65 ? 105 VAL A CB  1 
ATOM   549  C  CG1 . VAL A 1 66  ? 9.819   25.069  -5.469  1.00 22.02 ? 105 VAL A CG1 1 
ATOM   550  C  CG2 . VAL A 1 66  ? 7.742   23.654  -5.347  1.00 21.60 ? 105 VAL A CG2 1 
ATOM   551  N  N   . ASN A 1 67  ? 12.191  23.036  -6.892  1.00 21.00 ? 106 ASN A N   1 
ATOM   552  C  CA  . ASN A 1 67  ? 13.676  23.139  -6.814  1.00 22.34 ? 106 ASN A CA  1 
ATOM   553  C  C   . ASN A 1 67  ? 14.267  21.833  -6.278  1.00 20.66 ? 106 ASN A C   1 
ATOM   554  O  O   . ASN A 1 67  ? 15.193  21.869  -5.452  1.00 21.76 ? 106 ASN A O   1 
ATOM   555  C  CB  . ASN A 1 67  ? 14.074  24.347  -5.972  1.00 23.63 ? 106 ASN A CB  1 
ATOM   556  C  CG  . ASN A 1 67  ? 13.539  25.637  -6.547  1.00 24.07 ? 106 ASN A CG  1 
ATOM   557  O  OD1 . ASN A 1 67  ? 13.372  25.755  -7.769  1.00 26.62 ? 106 ASN A OD1 1 
ATOM   558  N  ND2 . ASN A 1 67  ? 13.307  26.602  -5.667  1.00 25.89 ? 106 ASN A ND2 1 
ATOM   559  N  N   . GLY A 1 68  ? 13.734  20.681  -6.732  1.00 23.14 ? 107 GLY A N   1 
ATOM   560  C  CA  . GLY A 1 68  ? 14.277  19.350  -6.398  1.00 25.95 ? 107 GLY A CA  1 
ATOM   561  C  C   . GLY A 1 68  ? 13.925  18.860  -5.001  1.00 24.30 ? 107 GLY A C   1 
ATOM   562  O  O   . GLY A 1 68  ? 14.597  17.941  -4.494  1.00 31.72 ? 107 GLY A O   1 
ATOM   563  N  N   . GLU A 1 69  ? 12.924  19.480  -4.349  1.00 23.98 ? 108 GLU A N   1 
ATOM   564  C  CA  . GLU A 1 69  ? 12.546  19.134  -2.962  1.00 25.44 ? 108 GLU A CA  1 
ATOM   565  C  C   . GLU A 1 69  ? 11.029  19.050  -2.875  1.00 21.75 ? 108 GLU A C   1 
ATOM   566  O  O   . GLU A 1 69  ? 10.322  19.895  -3.439  1.00 22.51 ? 108 GLU A O   1 
ATOM   567  C  CB  . GLU A 1 69  ? 12.997  20.218  -1.976  1.00 27.00 ? 108 GLU A CB  1 
ATOM   568  C  CG  . GLU A 1 69  ? 14.462  20.555  -2.076  1.00 36.08 ? 108 GLU A CG  1 
ATOM   569  C  CD  . GLU A 1 69  ? 15.306  19.302  -2.113  1.00 40.26 ? 108 GLU A CD  1 
ATOM   570  O  OE1 . GLU A 1 69  ? 14.878  18.278  -1.495  1.00 41.01 ? 108 GLU A OE1 1 
ATOM   571  O  OE2 . GLU A 1 69  ? 16.359  19.329  -2.784  1.00 48.53 ? 108 GLU A OE2 1 
ATOM   572  N  N   . TRP A 1 70  ? 10.527  18.063  -2.145  1.00 19.95 ? 109 TRP A N   1 
ATOM   573  C  CA  . TRP A 1 70  ? 9.087   18.010  -1.840  1.00 19.59 ? 109 TRP A CA  1 
ATOM   574  C  C   . TRP A 1 70  ? 8.820   18.967  -0.676  1.00 20.74 ? 109 TRP A C   1 
ATOM   575  O  O   . TRP A 1 70  ? 9.513   18.920  0.358   1.00 22.56 ? 109 TRP A O   1 
ATOM   576  C  CB  . TRP A 1 70  ? 8.701   16.566  -1.510  1.00 18.52 ? 109 TRP A CB  1 
ATOM   577  C  CG  . TRP A 1 70  ? 8.576   15.690  -2.707  1.00 18.21 ? 109 TRP A CG  1 
ATOM   578  C  CD1 . TRP A 1 70  ? 9.470   14.739  -3.135  1.00 21.06 ? 109 TRP A CD1 1 
ATOM   579  C  CD2 . TRP A 1 70  ? 7.487   15.644  -3.623  1.00 18.40 ? 109 TRP A CD2 1 
ATOM   580  N  NE1 . TRP A 1 70  ? 8.987   14.148  -4.250  1.00 21.82 ? 109 TRP A NE1 1 
ATOM   581  C  CE2 . TRP A 1 70  ? 7.758   14.631  -4.565  1.00 19.19 ? 109 TRP A CE2 1 
ATOM   582  C  CE3 . TRP A 1 70  ? 6.288   16.336  -3.742  1.00 17.84 ? 109 TRP A CE3 1 
ATOM   583  C  CZ2 . TRP A 1 70  ? 6.868   14.312  -5.568  1.00 22.00 ? 109 TRP A CZ2 1 
ATOM   584  C  CZ3 . TRP A 1 70  ? 5.388   16.008  -4.722  1.00 21.01 ? 109 TRP A CZ3 1 
ATOM   585  C  CH2 . TRP A 1 70  ? 5.689   15.009  -5.651  1.00 23.91 ? 109 TRP A CH2 1 
ATOM   586  N  N   . VAL A 1 71  ? 7.847   19.824  -0.859  1.00 18.41 ? 110 VAL A N   1 
ATOM   587  C  CA  . VAL A 1 71  ? 7.447   20.819  0.174   1.00 20.13 ? 110 VAL A CA  1 
ATOM   588  C  C   . VAL A 1 71  ? 5.932   20.831  0.247   1.00 18.43 ? 110 VAL A C   1 
ATOM   589  O  O   . VAL A 1 71  ? 5.208   20.465  -0.676  1.00 17.16 ? 110 VAL A O   1 
ATOM   590  C  CB  . VAL A 1 71  ? 7.987   22.222  -0.152  1.00 20.99 ? 110 VAL A CB  1 
ATOM   591  C  CG1 . VAL A 1 71  ? 9.496   22.279  -0.147  1.00 22.80 ? 110 VAL A CG1 1 
ATOM   592  C  CG2 . VAL A 1 71  ? 7.396   22.732  -1.454  1.00 20.69 ? 110 VAL A CG2 1 
ATOM   593  N  N   . PRO A 1 72  ? 5.372   21.311  1.380   1.00 19.13 ? 111 PRO A N   1 
ATOM   594  C  CA  . PRO A 1 72  ? 3.932   21.522  1.453   1.00 18.45 ? 111 PRO A CA  1 
ATOM   595  C  C   . PRO A 1 72  ? 3.393   22.364  0.288   1.00 20.23 ? 111 PRO A C   1 
ATOM   596  O  O   . PRO A 1 72  ? 3.973   23.402  -0.015  1.00 20.59 ? 111 PRO A O   1 
ATOM   597  C  CB  . PRO A 1 72  ? 3.797   22.194  2.844   1.00 19.47 ? 111 PRO A CB  1 
ATOM   598  C  CG  . PRO A 1 72  ? 4.953   21.606  3.648   1.00 19.93 ? 111 PRO A CG  1 
ATOM   599  C  CD  . PRO A 1 72  ? 6.078   21.595  2.633   1.00 21.25 ? 111 PRO A CD  1 
ATOM   600  N  N   . GLY A 1 73  ? 2.332   21.892  -0.365  1.00 20.24 ? 112 GLY A N   1 
ATOM   601  C  CA  . GLY A 1 73  ? 1.872   22.392  -1.676  1.00 23.57 ? 112 GLY A CA  1 
ATOM   602  C  C   . GLY A 1 73  ? 0.438   22.886  -1.661  1.00 23.69 ? 112 GLY A C   1 
ATOM   603  O  O   . GLY A 1 73  ? -0.149  23.122  -2.742  1.00 27.12 ? 112 GLY A O   1 
ATOM   604  N  N   . GLY A 1 74  ? -0.161  23.028  -0.486  1.00 21.22 ? 113 GLY A N   1 
ATOM   605  C  CA  . GLY A 1 74  ? -1.539  23.539  -0.457  1.00 24.46 ? 113 GLY A CA  1 
ATOM   606  C  C   . GLY A 1 74  ? -2.457  22.763  0.447   1.00 26.12 ? 113 GLY A C   1 
ATOM   607  O  O   . GLY A 1 74  ? -2.043  21.771  1.063   1.00 24.39 ? 113 GLY A O   1 
ATOM   608  N  N   . LYS A 1 75  ? -3.717  23.215  0.544   1.00 30.01 ? 114 LYS A N   1 
ATOM   609  C  CA  . LYS A 1 75  ? -4.711  22.488  1.342   1.00 31.86 ? 114 LYS A CA  1 
ATOM   610  C  C   . LYS A 1 75  ? -5.029  21.227  0.544   1.00 32.27 ? 114 LYS A C   1 
ATOM   611  O  O   . LYS A 1 75  ? -4.837  21.139  -0.675  1.00 29.65 ? 114 LYS A O   1 
ATOM   612  C  CB  . LYS A 1 75  ? -5.902  23.378  1.744   1.00 38.10 ? 114 LYS A CB  1 
ATOM   613  C  CG  . LYS A 1 75  ? -5.655  24.324  2.932   1.00 37.46 ? 114 LYS A CG  1 
ATOM   614  C  CD  . LYS A 1 75  ? -6.916  24.933  3.582   1.00 38.79 ? 114 LYS A CD  1 
ATOM   615  C  CE  . LYS A 1 75  ? -6.763  25.267  5.059   1.00 36.05 ? 114 LYS A CE  1 
ATOM   616  N  NZ  . LYS A 1 75  ? -8.001  25.057  5.871   1.00 44.60 ? 114 LYS A NZ  1 
ATOM   617  N  N   . PRO A 1 76  ? -5.479  20.183  1.242   1.00 30.69 ? 115 PRO A N   1 
ATOM   618  C  CA  . PRO A 1 76  ? -5.728  18.905  0.588   1.00 32.30 ? 115 PRO A CA  1 
ATOM   619  C  C   . PRO A 1 76  ? -7.066  18.917  -0.158  1.00 32.52 ? 115 PRO A C   1 
ATOM   620  O  O   . PRO A 1 76  ? -7.951  19.750  0.114   1.00 30.55 ? 115 PRO A O   1 
ATOM   621  C  CB  . PRO A 1 76  ? -5.718  17.937  1.769   1.00 32.32 ? 115 PRO A CB  1 
ATOM   622  C  CG  . PRO A 1 76  ? -6.269  18.747  2.928   1.00 35.20 ? 115 PRO A CG  1 
ATOM   623  C  CD  . PRO A 1 76  ? -5.858  20.181  2.662   1.00 33.25 ? 115 PRO A CD  1 
ATOM   624  N  N   . GLU A 1 77  ? -7.173  18.005  -1.111  1.00 29.46 ? 116 GLU A N   1 
ATOM   625  C  CA  . GLU A 1 77  ? -8.458  17.626  -1.721  1.00 30.84 ? 116 GLU A CA  1 
ATOM   626  C  C   . GLU A 1 77  ? -9.222  16.861  -0.638  1.00 32.30 ? 116 GLU A C   1 
ATOM   627  O  O   . GLU A 1 77  ? -8.657  16.318  0.310   1.00 30.91 ? 116 GLU A O   1 
ATOM   628  C  CB  . GLU A 1 77  ? -8.215  16.905  -3.049  1.00 34.37 ? 116 GLU A CB  1 
ATOM   629  C  CG  . GLU A 1 77  ? -7.462  17.759  -4.064  1.00 39.10 ? 116 GLU A CG  1 
ATOM   630  C  CD  . GLU A 1 77  ? -7.030  17.094  -5.363  1.00 46.78 ? 116 GLU A CD  1 
ATOM   631  O  OE1 . GLU A 1 77  ? -7.551  16.013  -5.700  1.00 51.87 ? 116 GLU A OE1 1 
ATOM   632  O  OE2 . GLU A 1 77  ? -6.163  17.676  -6.048  1.00 54.83 ? 116 GLU A OE2 1 
ATOM   633  N  N   . PRO A 1 78  ? -10.563 16.893  -0.672  1.00 28.16 ? 117 PRO A N   1 
ATOM   634  C  CA  . PRO A 1 78  ? -11.368 15.967  0.108   1.00 28.98 ? 117 PRO A CA  1 
ATOM   635  C  C   . PRO A 1 78  ? -10.824 14.536  -0.024  1.00 29.46 ? 117 PRO A C   1 
ATOM   636  O  O   . PRO A 1 78  ? -10.403 14.173  -1.109  1.00 28.17 ? 117 PRO A O   1 
ATOM   637  C  CB  . PRO A 1 78  ? -12.732 16.108  -0.571  1.00 29.18 ? 117 PRO A CB  1 
ATOM   638  C  CG  . PRO A 1 78  ? -12.780 17.557  -0.972  1.00 29.77 ? 117 PRO A CG  1 
ATOM   639  C  CD  . PRO A 1 78  ? -11.366 17.878  -1.412  1.00 32.56 ? 117 PRO A CD  1 
ATOM   640  N  N   . GLN A 1 79  ? -10.894 13.794  1.073   1.00 32.24 ? 118 GLN A N   1 
ATOM   641  C  CA  . GLN A 1 79  ? -10.403 12.396  1.190   1.00 36.06 ? 118 GLN A CA  1 
ATOM   642  C  C   . GLN A 1 79  ? -10.916 11.545  0.038   1.00 37.82 ? 118 GLN A C   1 
ATOM   643  O  O   . GLN A 1 79  ? -12.127 11.523  -0.198  1.00 34.93 ? 118 GLN A O   1 
ATOM   644  C  CB  . GLN A 1 79  ? -10.878 11.770  2.500   1.00 42.35 ? 118 GLN A CB  1 
ATOM   645  C  CG  . GLN A 1 79  ? -10.004 12.147  3.686   1.00 51.95 ? 118 GLN A CG  1 
ATOM   646  C  CD  . GLN A 1 79  ? -9.739  10.957  4.578   1.00 56.82 ? 118 GLN A CD  1 
ATOM   647  O  OE1 . GLN A 1 79  ? -10.659 10.239  4.977   1.00 55.42 ? 118 GLN A OE1 1 
ATOM   648  N  NE2 . GLN A 1 79  ? -8.468  10.731  4.878   1.00 60.72 ? 118 GLN A NE2 1 
ATOM   649  N  N   . ALA A 1 80  ? -10.009 10.807  -0.606  1.00 36.63 ? 119 ALA A N   1 
ATOM   650  C  CA  . ALA A 1 80  ? -10.339 9.764   -1.596  1.00 38.37 ? 119 ALA A CA  1 
ATOM   651  C  C   . ALA A 1 80  ? -11.402 8.842   -0.991  1.00 39.88 ? 119 ALA A C   1 
ATOM   652  O  O   . ALA A 1 80  ? -11.431 8.651   0.227   1.00 38.18 ? 119 ALA A O   1 
ATOM   653  C  CB  . ALA A 1 80  ? -9.074  9.022   -1.963  1.00 33.35 ? 119 ALA A CB  1 
ATOM   654  N  N   . PRO A 1 81  ? -12.350 8.296   -1.789  1.00 44.73 ? 120 PRO A N   1 
ATOM   655  C  CA  . PRO A 1 81  ? -13.313 7.328   -1.257  1.00 50.77 ? 120 PRO A CA  1 
ATOM   656  C  C   . PRO A 1 81  ? -12.549 6.164   -0.608  1.00 51.30 ? 120 PRO A C   1 
ATOM   657  O  O   . PRO A 1 81  ? -11.476 5.824   -1.092  1.00 51.00 ? 120 PRO A O   1 
ATOM   658  C  CB  . PRO A 1 81  ? -14.141 6.878   -2.473  1.00 51.48 ? 120 PRO A CB  1 
ATOM   659  C  CG  . PRO A 1 81  ? -13.396 7.406   -3.692  1.00 52.01 ? 120 PRO A CG  1 
ATOM   660  C  CD  . PRO A 1 81  ? -12.567 8.583   -3.214  1.00 47.84 ? 120 PRO A CD  1 
ATOM   661  N  N   . SER A 1 82  ? -13.056 5.630   0.502   1.00 51.50 ? 121 SER A N   1 
ATOM   662  C  CA  . SER A 1 82  ? -12.466 4.441   1.169   1.00 52.16 ? 121 SER A CA  1 
ATOM   663  C  C   . SER A 1 82  ? -12.483 3.288   0.160   1.00 43.50 ? 121 SER A C   1 
ATOM   664  O  O   . SER A 1 82  ? -13.591 2.905   -0.288  1.00 45.12 ? 121 SER A O   1 
ATOM   665  C  CB  . SER A 1 82  ? -13.187 4.095   2.448   1.00 58.73 ? 121 SER A CB  1 
ATOM   666  O  OG  . SER A 1 82  ? -12.803 4.982   3.485   1.00 62.20 ? 121 SER A OG  1 
ATOM   667  N  N   . CYS A 1 83  ? -11.306 2.869   -0.299  1.00 32.92 ? 122 CYS A N   1 
ATOM   668  C  CA  . CYS A 1 83  ? -11.133 1.721   -1.218  1.00 30.85 ? 122 CYS A CA  1 
ATOM   669  C  C   . CYS A 1 83  ? -10.307 0.653   -0.500  1.00 28.18 ? 122 CYS A C   1 
ATOM   670  O  O   . CYS A 1 83  ? -9.178  0.944   -0.052  1.00 29.47 ? 122 CYS A O   1 
ATOM   671  C  CB  . CYS A 1 83  ? -10.417 2.075   -2.513  1.00 30.25 ? 122 CYS A CB  1 
ATOM   672  S  SG  . CYS A 1 83  ? -11.273 3.312   -3.530  1.00 31.42 ? 122 CYS A SG  1 
ATOM   673  N  N   . VAL A 1 84  ? -10.850 -0.560  -0.413  1.00 25.37 ? 123 VAL A N   1 
ATOM   674  C  CA  . VAL A 1 84  ? -10.120 -1.714  0.159   1.00 25.40 ? 123 VAL A CA  1 
ATOM   675  C  C   . VAL A 1 84  ? -9.886  -2.740  -0.953  1.00 25.86 ? 123 VAL A C   1 
ATOM   676  O  O   . VAL A 1 84  ? -10.769 -2.993  -1.787  1.00 28.23 ? 123 VAL A O   1 
ATOM   677  C  CB  . VAL A 1 84  ? -10.885 -2.261  1.372   1.00 23.78 ? 123 VAL A CB  1 
ATOM   678  C  CG1 . VAL A 1 84  ? -10.170 -3.435  1.989   1.00 27.53 ? 123 VAL A CG1 1 
ATOM   679  C  CG2 . VAL A 1 84  ? -11.157 -1.197  2.440   1.00 26.15 ? 123 VAL A CG2 1 
ATOM   680  N  N   . TYR A 1 85  ? -8.664  -3.230  -1.058  1.00 20.98 ? 124 TYR A N   1 
ATOM   681  C  CA  . TYR A 1 85  ? -8.258  -4.308  -1.983  1.00 20.20 ? 124 TYR A CA  1 
ATOM   682  C  C   . TYR A 1 85  ? -8.245  -5.614  -1.202  1.00 21.30 ? 124 TYR A C   1 
ATOM   683  O  O   . TYR A 1 85  ? -7.604  -5.703  -0.149  1.00 21.57 ? 124 TYR A O   1 
ATOM   684  C  CB  . TYR A 1 85  ? -6.868  -4.035  -2.552  1.00 20.20 ? 124 TYR A CB  1 
ATOM   685  C  CG  . TYR A 1 85  ? -6.344  -5.093  -3.473  1.00 20.66 ? 124 TYR A CG  1 
ATOM   686  C  CD1 . TYR A 1 85  ? -6.812  -5.208  -4.770  1.00 23.53 ? 124 TYR A CD1 1 
ATOM   687  C  CD2 . TYR A 1 85  ? -5.401  -6.009  -3.058  1.00 21.12 ? 124 TYR A CD2 1 
ATOM   688  C  CE1 . TYR A 1 85  ? -6.337  -6.183  -5.618  1.00 21.45 ? 124 TYR A CE1 1 
ATOM   689  C  CE2 . TYR A 1 85  ? -4.917  -7.012  -3.897  1.00 21.93 ? 124 TYR A CE2 1 
ATOM   690  C  CZ  . TYR A 1 85  ? -5.392  -7.091  -5.193  1.00 21.60 ? 124 TYR A CZ  1 
ATOM   691  O  OH  . TYR A 1 85  ? -4.909  -8.044  -6.036  1.00 22.62 ? 124 TYR A OH  1 
ATOM   692  N  N   . ILE A 1 86  ? -8.953  -6.614  -1.713  1.00 20.29 ? 125 ILE A N   1 
ATOM   693  C  CA  . ILE A 1 86  ? -8.954  -7.954  -1.084  1.00 20.27 ? 125 ILE A CA  1 
ATOM   694  C  C   . ILE A 1 86  ? -7.860  -8.749  -1.779  1.00 18.18 ? 125 ILE A C   1 
ATOM   695  O  O   . ILE A 1 86  ? -7.911  -8.947  -3.012  1.00 19.62 ? 125 ILE A O   1 
ATOM   696  C  CB  . ILE A 1 86  ? -10.328 -8.627  -1.254  1.00 22.14 ? 125 ILE A CB  1 
ATOM   697  C  CG1 . ILE A 1 86  ? -11.454 -7.847  -0.582  1.00 26.67 ? 125 ILE A CG1 1 
ATOM   698  C  CG2 . ILE A 1 86  ? -10.271 -10.052 -0.695  1.00 24.78 ? 125 ILE A CG2 1 
ATOM   699  C  CD1 . ILE A 1 86  ? -12.823 -8.330  -1.017  1.00 28.57 ? 125 ILE A CD1 1 
ATOM   700  N  N   . HIS A 1 87  ? -6.908  -9.279  -1.017  1.00 18.41 ? 126 HIS A N   1 
ATOM   701  C  CA  . HIS A 1 87  ? -5.864  -10.146 -1.597  1.00 18.70 ? 126 HIS A CA  1 
ATOM   702  C  C   . HIS A 1 87  ? -6.531  -11.335 -2.287  1.00 19.29 ? 126 HIS A C   1 
ATOM   703  O  O   . HIS A 1 87  ? -7.425  -11.943 -1.727  1.00 19.30 ? 126 HIS A O   1 
ATOM   704  C  CB  . HIS A 1 87  ? -4.873  -10.657 -0.551  1.00 17.75 ? 126 HIS A CB  1 
ATOM   705  C  CG  . HIS A 1 87  ? -3.700  -11.285 -1.214  1.00 16.89 ? 126 HIS A CG  1 
ATOM   706  N  ND1 . HIS A 1 87  ? -3.749  -12.575 -1.751  1.00 18.40 ? 126 HIS A ND1 1 
ATOM   707  C  CD2 . HIS A 1 87  ? -2.458  -10.805 -1.452  1.00 17.92 ? 126 HIS A CD2 1 
ATOM   708  C  CE1 . HIS A 1 87  ? -2.572  -12.846 -2.256  1.00 20.59 ? 126 HIS A CE1 1 
ATOM   709  N  NE2 . HIS A 1 87  ? -1.769  -11.787 -2.112  1.00 20.67 ? 126 HIS A NE2 1 
ATOM   710  N  N   . PRO A 1 88  ? -6.202  -11.628 -3.568  1.00 19.28 ? 127 PRO A N   1 
ATOM   711  C  CA  . PRO A 1 88  ? -6.942  -12.648 -4.299  1.00 21.81 ? 127 PRO A CA  1 
ATOM   712  C  C   . PRO A 1 88  ? -6.890  -14.078 -3.726  1.00 22.65 ? 127 PRO A C   1 
ATOM   713  O  O   . PRO A 1 88  ? -7.724  -14.891 -4.117  1.00 24.10 ? 127 PRO A O   1 
ATOM   714  C  CB  . PRO A 1 88  ? -6.309  -12.648 -5.694  1.00 24.11 ? 127 PRO A CB  1 
ATOM   715  C  CG  . PRO A 1 88  ? -5.082  -11.779 -5.599  1.00 24.25 ? 127 PRO A CG  1 
ATOM   716  C  CD  . PRO A 1 88  ? -5.227  -10.895 -4.371  1.00 21.66 ? 127 PRO A CD  1 
ATOM   717  N  N   . ASP A 1 89  ? -5.918  -14.369 -2.857  1.00 18.68 ? 128 ASP A N   1 
ATOM   718  C  CA  . ASP A 1 89  ? -5.841  -15.717 -2.208  1.00 19.34 ? 128 ASP A CA  1 
ATOM   719  C  C   . ASP A 1 89  ? -6.901  -15.847 -1.107  1.00 19.65 ? 128 ASP A C   1 
ATOM   720  O  O   . ASP A 1 89  ? -7.033  -16.959 -0.513  1.00 21.56 ? 128 ASP A O   1 
ATOM   721  C  CB  . ASP A 1 89  ? -4.463  -15.990 -1.623  1.00 19.10 ? 128 ASP A CB  1 
ATOM   722  C  CG  . ASP A 1 89  ? -3.320  -16.125 -2.612  1.00 20.69 ? 128 ASP A CG  1 
ATOM   723  O  OD1 . ASP A 1 89  ? -3.594  -15.982 -3.848  1.00 23.87 ? 128 ASP A OD1 1 
ATOM   724  O  OD2 . ASP A 1 89  ? -2.200  -16.342 -2.195  1.00 21.24 ? 128 ASP A OD2 1 
ATOM   725  N  N   . SER A 1 90  ? -7.623  -14.781 -0.772  1.00 18.39 ? 129 SER A N   1 
ATOM   726  C  CA  . SER A 1 90  ? -8.611  -14.750 0.332   1.00 19.18 ? 129 SER A CA  1 
ATOM   727  C  C   . SER A 1 90  ? -9.884  -15.477 -0.055  1.00 20.24 ? 129 SER A C   1 
ATOM   728  O  O   . SER A 1 90  ? -10.282 -15.429 -1.225  1.00 21.35 ? 129 SER A O   1 
ATOM   729  C  CB  . SER A 1 90  ? -9.000  -13.335 0.722   1.00 18.47 ? 129 SER A CB  1 
ATOM   730  O  OG  . SER A 1 90  ? -7.877  -12.534 1.058   1.00 18.72 ? 129 SER A OG  1 
ATOM   731  N  N   . PRO A 1 91  ? -10.575 -16.146 0.889   1.00 20.95 ? 130 PRO A N   1 
ATOM   732  C  CA  . PRO A 1 91  ? -10.098 -16.435 2.237   1.00 20.75 ? 130 PRO A CA  1 
ATOM   733  C  C   . PRO A 1 91  ? -9.160  -17.648 2.155   1.00 20.43 ? 130 PRO A C   1 
ATOM   734  O  O   . PRO A 1 91  ? -9.264  -18.435 1.253   1.00 19.76 ? 130 PRO A O   1 
ATOM   735  C  CB  . PRO A 1 91  ? -11.358 -16.843 2.995   1.00 21.76 ? 130 PRO A CB  1 
ATOM   736  C  CG  . PRO A 1 91  ? -12.265 -17.458 1.909   1.00 23.20 ? 130 PRO A CG  1 
ATOM   737  C  CD  . PRO A 1 91  ? -11.889 -16.752 0.633   1.00 23.31 ? 130 PRO A CD  1 
ATOM   738  N  N   . ASN A 1 92  ? -8.272  -17.821 3.128   1.00 18.50 ? 131 ASN A N   1 
ATOM   739  C  CA  . ASN A 1 92  ? -7.346  -18.968 3.079   1.00 17.98 ? 131 ASN A CA  1 
ATOM   740  C  C   . ASN A 1 92  ? -6.830  -19.283 4.472   1.00 17.93 ? 131 ASN A C   1 
ATOM   741  O  O   . ASN A 1 92  ? -6.971  -18.473 5.392   1.00 17.72 ? 131 ASN A O   1 
ATOM   742  C  CB  . ASN A 1 92  ? -6.175  -18.684 2.135   1.00 19.10 ? 131 ASN A CB  1 
ATOM   743  C  CG  . ASN A 1 92  ? -5.867  -19.859 1.255   1.00 21.65 ? 131 ASN A CG  1 
ATOM   744  O  OD1 . ASN A 1 92  ? -5.823  -20.994 1.744   1.00 22.18 ? 131 ASN A OD1 1 
ATOM   745  N  ND2 . ASN A 1 92  ? -5.605  -19.570 -0.008  1.00 22.81 ? 131 ASN A ND2 1 
ATOM   746  N  N   . PHE A 1 93  ? -6.283  -20.459 4.623   1.00 18.98 ? 132 PHE A N   1 
ATOM   747  C  CA  . PHE A 1 93  ? -5.790  -20.931 5.921   1.00 18.11 ? 132 PHE A CA  1 
ATOM   748  C  C   . PHE A 1 93  ? -4.626  -20.085 6.422   1.00 19.02 ? 132 PHE A C   1 
ATOM   749  O  O   . PHE A 1 93  ? -3.791  -19.627 5.628   1.00 16.79 ? 132 PHE A O   1 
ATOM   750  C  CB  . PHE A 1 93  ? -5.312  -22.362 5.763   1.00 17.74 ? 132 PHE A CB  1 
ATOM   751  C  CG  . PHE A 1 93  ? -6.419  -23.347 5.534   1.00 19.36 ? 132 PHE A CG  1 
ATOM   752  C  CD1 . PHE A 1 93  ? -7.221  -23.675 6.597   1.00 21.30 ? 132 PHE A CD1 1 
ATOM   753  C  CD2 . PHE A 1 93  ? -6.616  -23.944 4.295   1.00 20.88 ? 132 PHE A CD2 1 
ATOM   754  C  CE1 . PHE A 1 93  ? -8.229  -24.613 6.439   1.00 23.98 ? 132 PHE A CE1 1 
ATOM   755  C  CE2 . PHE A 1 93  ? -7.639  -24.873 4.146   1.00 21.95 ? 132 PHE A CE2 1 
ATOM   756  C  CZ  . PHE A 1 93  ? -8.396  -25.219 5.222   1.00 21.92 ? 132 PHE A CZ  1 
ATOM   757  N  N   . GLY A 1 94  ? -4.511  -19.915 7.729   1.00 17.19 ? 133 GLY A N   1 
ATOM   758  C  CA  . GLY A 1 94  ? -3.281  -19.427 8.361   1.00 17.16 ? 133 GLY A CA  1 
ATOM   759  C  C   . GLY A 1 94  ? -2.059  -20.060 7.724   1.00 17.93 ? 133 GLY A C   1 
ATOM   760  O  O   . GLY A 1 94  ? -1.096  -19.338 7.394   1.00 18.33 ? 133 GLY A O   1 
ATOM   761  N  N   . ALA A 1 95  ? -2.051  -21.367 7.489   1.00 17.91 ? 134 ALA A N   1 
ATOM   762  C  CA  . ALA A 1 95  ? -0.848  -22.055 6.972   1.00 19.38 ? 134 ALA A CA  1 
ATOM   763  C  C   . ALA A 1 95  ? -0.491  -21.497 5.583   1.00 19.76 ? 134 ALA A C   1 
ATOM   764  O  O   . ALA A 1 95  ? 0.708   -21.379 5.290   1.00 21.02 ? 134 ALA A O   1 
ATOM   765  C  CB  . ALA A 1 95  ? -1.108  -23.551 6.925   1.00 20.59 ? 134 ALA A CB  1 
ATOM   766  N  N   . HIS A 1 96  ? -1.495  -21.171 4.781   1.00 19.82 ? 135 HIS A N   1 
ATOM   767  C  CA  . HIS A 1 96  ? -1.274  -20.629 3.415   1.00 19.34 ? 135 HIS A CA  1 
ATOM   768  C  C   . HIS A 1 96  ? -0.541  -19.289 3.516   1.00 18.52 ? 135 HIS A C   1 
ATOM   769  O  O   . HIS A 1 96  ? 0.449   -19.002 2.806   1.00 19.34 ? 135 HIS A O   1 
ATOM   770  C  CB  . HIS A 1 96  ? -2.603  -20.457 2.696   1.00 19.48 ? 135 HIS A CB  1 
ATOM   771  C  CG  . HIS A 1 96  ? -2.430  -19.779 1.394   1.00 22.00 ? 135 HIS A CG  1 
ATOM   772  N  ND1 . HIS A 1 96  ? -2.108  -20.487 0.254   1.00 24.09 ? 135 HIS A ND1 1 
ATOM   773  C  CD2 . HIS A 1 96  ? -2.484  -18.467 1.058   1.00 19.66 ? 135 HIS A CD2 1 
ATOM   774  C  CE1 . HIS A 1 96  ? -2.027  -19.613 -0.747  1.00 24.16 ? 135 HIS A CE1 1 
ATOM   775  N  NE2 . HIS A 1 96  ? -2.241  -18.368 -0.284  1.00 24.08 ? 135 HIS A NE2 1 
ATOM   776  N  N   . TRP A 1 97  ? -1.043  -18.419 4.370   1.00 17.06 ? 136 TRP A N   1 
ATOM   777  C  CA  . TRP A 1 97  ? -0.488  -17.056 4.482   1.00 16.37 ? 136 TRP A CA  1 
ATOM   778  C  C   . TRP A 1 97  ? 0.935   -17.103 5.031   1.00 16.56 ? 136 TRP A C   1 
ATOM   779  O  O   . TRP A 1 97  ? 1.711   -16.205 4.737   1.00 17.98 ? 136 TRP A O   1 
ATOM   780  C  CB  . TRP A 1 97  ? -1.405  -16.176 5.329   1.00 16.36 ? 136 TRP A CB  1 
ATOM   781  C  CG  . TRP A 1 97  ? -2.796  -16.043 4.806   1.00 16.45 ? 136 TRP A CG  1 
ATOM   782  C  CD1 . TRP A 1 97  ? -3.940  -16.492 5.414   1.00 17.39 ? 136 TRP A CD1 1 
ATOM   783  C  CD2 . TRP A 1 97  ? -3.221  -15.391 3.605   1.00 15.75 ? 136 TRP A CD2 1 
ATOM   784  N  NE1 . TRP A 1 97  ? -5.029  -16.147 4.663   1.00 16.06 ? 136 TRP A NE1 1 
ATOM   785  C  CE2 . TRP A 1 97  ? -4.619  -15.446 3.556   1.00 16.29 ? 136 TRP A CE2 1 
ATOM   786  C  CE3 . TRP A 1 97  ? -2.568  -14.687 2.585   1.00 15.65 ? 136 TRP A CE3 1 
ATOM   787  C  CZ2 . TRP A 1 97  ? -5.373  -14.856 2.549   1.00 15.81 ? 136 TRP A CZ2 1 
ATOM   788  C  CZ3 . TRP A 1 97  ? -3.314  -14.118 1.589   1.00 16.80 ? 136 TRP A CZ3 1 
ATOM   789  C  CH2 . TRP A 1 97  ? -4.702  -14.173 1.567   1.00 16.78 ? 136 TRP A CH2 1 
ATOM   790  N  N   . MET A 1 98  ? 1.266   -18.061 5.909   1.00 17.38 ? 137 MET A N   1 
ATOM   791  C  CA  . MET A 1 98  ? 2.569   -18.116 6.598   1.00 18.03 ? 137 MET A CA  1 
ATOM   792  C  C   . MET A 1 98  ? 3.640   -18.905 5.814   1.00 17.87 ? 137 MET A C   1 
ATOM   793  O  O   . MET A 1 98  ? 4.810   -18.752 6.146   1.00 22.77 ? 137 MET A O   1 
ATOM   794  C  CB  . MET A 1 98  ? 2.393   -18.745 7.977   1.00 17.61 ? 137 MET A CB  1 
ATOM   795  C  CG  . MET A 1 98  ? 1.537   -17.904 8.857   1.00 18.94 ? 137 MET A CG  1 
ATOM   796  S  SD  . MET A 1 98  ? 1.473   -18.444 10.595  1.00 19.75 ? 137 MET A SD  1 
ATOM   797  C  CE  . MET A 1 98  ? 0.418   -19.890 10.491  1.00 19.52 ? 137 MET A CE  1 
ATOM   798  N  N   . LYS A 1 99  ? 3.275   -19.669 4.798   1.00 19.04 ? 138 LYS A N   1 
ATOM   799  C  CA  . LYS A 1 99  ? 4.257   -20.609 4.201   1.00 21.83 ? 138 LYS A CA  1 
ATOM   800  C  C   . LYS A 1 99  ? 5.170   -19.868 3.231   1.00 25.02 ? 138 LYS A C   1 
ATOM   801  O  O   . LYS A 1 99  ? 6.238   -20.400 2.870   1.00 26.99 ? 138 LYS A O   1 
ATOM   802  C  CB  . LYS A 1 99  ? 3.578   -21.745 3.456   1.00 23.81 ? 138 LYS A CB  1 
ATOM   803  C  CG  . LYS A 1 99  ? 2.809   -21.306 2.233   1.00 25.18 ? 138 LYS A CG  1 
ATOM   804  C  CD  . LYS A 1 99  ? 2.055   -22.431 1.590   1.00 30.84 ? 138 LYS A CD  1 
ATOM   805  C  CE  . LYS A 1 99  ? 1.112   -21.995 0.498   1.00 37.26 ? 138 LYS A CE  1 
ATOM   806  N  NZ  . LYS A 1 99  ? 0.526   -23.168 -0.195  1.00 42.57 ? 138 LYS A NZ  1 
ATOM   807  N  N   . ALA A 1 100 ? 4.749   -18.709 2.768   1.00 21.40 ? 139 ALA A N   1 
ATOM   808  C  CA  . ALA A 1 100 ? 5.541   -17.906 1.827   1.00 21.93 ? 139 ALA A CA  1 
ATOM   809  C  C   . ALA A 1 100 ? 5.051   -16.482 1.906   1.00 21.82 ? 139 ALA A C   1 
ATOM   810  O  O   . ALA A 1 100 ? 3.907   -16.233 2.287   1.00 19.92 ? 139 ALA A O   1 
ATOM   811  C  CB  . ALA A 1 100 ? 5.400   -18.440 0.422   1.00 22.79 ? 139 ALA A CB  1 
ATOM   812  N  N   . PRO A 1 101 ? 5.903   -15.501 1.569   1.00 22.12 ? 140 PRO A N   1 
ATOM   813  C  CA  . PRO A 1 101 ? 5.484   -14.107 1.634   1.00 21.07 ? 140 PRO A CA  1 
ATOM   814  C  C   . PRO A 1 101 ? 4.204   -13.822 0.826   1.00 19.48 ? 140 PRO A C   1 
ATOM   815  O  O   . PRO A 1 101 ? 3.922   -14.403 -0.210  1.00 21.29 ? 140 PRO A O   1 
ATOM   816  C  CB  . PRO A 1 101 ? 6.656   -13.330 1.027   1.00 22.94 ? 140 PRO A CB  1 
ATOM   817  C  CG  . PRO A 1 101 ? 7.858   -14.234 1.294   1.00 26.09 ? 140 PRO A CG  1 
ATOM   818  C  CD  . PRO A 1 101 ? 7.313   -15.646 1.164   1.00 24.82 ? 140 PRO A CD  1 
ATOM   819  N  N   . VAL A 1 102 ? 3.402   -12.941 1.394   1.00 18.31 ? 141 VAL A N   1 
ATOM   820  C  CA  . VAL A 1 102 ? 2.102   -12.475 0.847   1.00 18.48 ? 141 VAL A CA  1 
ATOM   821  C  C   . VAL A 1 102 ? 2.375   -11.226 -0.001  1.00 18.72 ? 141 VAL A C   1 
ATOM   822  O  O   . VAL A 1 102 ? 2.789   -10.204 0.537   1.00 19.48 ? 141 VAL A O   1 
ATOM   823  C  CB  . VAL A 1 102 ? 1.081   -12.199 1.961   1.00 18.64 ? 141 VAL A CB  1 
ATOM   824  C  CG1 . VAL A 1 102 ? -0.232  -11.810 1.343   1.00 19.52 ? 141 VAL A CG1 1 
ATOM   825  C  CG2 . VAL A 1 102 ? 0.957   -13.409 2.890   1.00 19.43 ? 141 VAL A CG2 1 
ATOM   826  N  N   A SER A 1 103 ? 2.095   -11.344 -1.299  0.50 19.06 ? 142 SER A N   1 
ATOM   827  N  N   B SER A 1 103 ? 2.200   -11.323 -1.318  0.50 19.99 ? 142 SER A N   1 
ATOM   828  C  CA  A SER A 1 103 ? 2.447   -10.323 -2.316  0.50 18.13 ? 142 SER A CA  1 
ATOM   829  C  CA  B SER A 1 103 ? 2.563   -10.208 -2.233  0.50 19.17 ? 142 SER A CA  1 
ATOM   830  C  C   A SER A 1 103 ? 1.184   -9.597  -2.781  0.50 17.43 ? 142 SER A C   1 
ATOM   831  C  C   B SER A 1 103 ? 1.299   -9.594  -2.849  0.50 18.30 ? 142 SER A C   1 
ATOM   832  O  O   A SER A 1 103 ? 0.207   -10.254 -3.124  0.50 18.80 ? 142 SER A O   1 
ATOM   833  O  O   B SER A 1 103 ? 0.507   -10.304 -3.423  0.50 19.80 ? 142 SER A O   1 
ATOM   834  C  CB  A SER A 1 103 ? 3.150   -10.972 -3.478  0.50 19.30 ? 142 SER A CB  1 
ATOM   835  C  CB  B SER A 1 103 ? 3.537   -10.655 -3.297  0.50 21.58 ? 142 SER A CB  1 
ATOM   836  O  OG  A SER A 1 103 ? 3.290   -10.049 -4.552  0.50 21.68 ? 142 SER A OG  1 
ATOM   837  O  OG  B SER A 1 103 ? 4.717   -11.186 -2.719  0.50 26.42 ? 142 SER A OG  1 
ATOM   838  N  N   . PHE A 1 104 ? 1.203   -8.269  -2.847  1.00 16.57 ? 143 PHE A N   1 
ATOM   839  C  CA  . PHE A 1 104 ? 0.063   -7.493  -3.367  1.00 18.05 ? 143 PHE A CA  1 
ATOM   840  C  C   . PHE A 1 104 ? 0.390   -7.015  -4.771  1.00 20.00 ? 143 PHE A C   1 
ATOM   841  O  O   . PHE A 1 104 ? 0.246   -5.834  -5.107  1.00 20.08 ? 143 PHE A O   1 
ATOM   842  C  CB  . PHE A 1 104 ? -0.316  -6.380  -2.389  1.00 18.25 ? 143 PHE A CB  1 
ATOM   843  C  CG  . PHE A 1 104 ? -0.963  -6.902  -1.134  1.00 18.79 ? 143 PHE A CG  1 
ATOM   844  C  CD1 . PHE A 1 104 ? -2.339  -6.958  -1.014  1.00 18.78 ? 143 PHE A CD1 1 
ATOM   845  C  CD2 . PHE A 1 104 ? -0.178  -7.350  -0.082  1.00 20.16 ? 143 PHE A CD2 1 
ATOM   846  C  CE1 . PHE A 1 104 ? -2.925  -7.426  0.161   1.00 19.39 ? 143 PHE A CE1 1 
ATOM   847  C  CE2 . PHE A 1 104 ? -0.754  -7.847  1.081   1.00 22.30 ? 143 PHE A CE2 1 
ATOM   848  C  CZ  . PHE A 1 104 ? -2.125  -7.890  1.189   1.00 21.48 ? 143 PHE A CZ  1 
ATOM   849  N  N   . SER A 1 105 ? 0.834   -7.932  -5.615  1.00 21.53 ? 144 SER A N   1 
ATOM   850  C  CA  . SER A 1 105 ? 1.445   -7.540  -6.913  1.00 23.00 ? 144 SER A CA  1 
ATOM   851  C  C   . SER A 1 105 ? 0.423   -6.965  -7.897  1.00 23.80 ? 144 SER A C   1 
ATOM   852  O  O   . SER A 1 105 ? 0.883   -6.221  -8.787  1.00 26.21 ? 144 SER A O   1 
ATOM   853  C  CB  . SER A 1 105 ? 2.206   -8.690  -7.530  1.00 27.36 ? 144 SER A CB  1 
ATOM   854  O  OG  . SER A 1 105 ? 1.313   -9.732  -7.749  1.00 29.01 ? 144 SER A OG  1 
ATOM   855  N  N   . LYS A 1 106 ? -0.865  -7.252  -7.738  1.00 21.04 ? 145 LYS A N   1 
ATOM   856  C  CA  . LYS A 1 106 ? -1.907  -6.962  -8.765  1.00 23.08 ? 145 LYS A CA  1 
ATOM   857  C  C   . LYS A 1 106 ? -2.702  -5.711  -8.407  1.00 25.12 ? 145 LYS A C   1 
ATOM   858  O  O   . LYS A 1 106 ? -3.530  -5.296  -9.224  1.00 25.58 ? 145 LYS A O   1 
ATOM   859  C  CB  . LYS A 1 106 ? -2.878  -8.129  -8.950  1.00 25.24 ? 145 LYS A CB  1 
ATOM   860  C  CG  . LYS A 1 106 ? -2.207  -9.429  -9.348  1.00 30.91 ? 145 LYS A CG  1 
ATOM   861  C  CD  . LYS A 1 106 ? -1.151  -9.317  -10.402 1.00 38.90 ? 145 LYS A CD  1 
ATOM   862  C  CE  . LYS A 1 106 ? -0.749  -10.672 -10.959 1.00 44.02 ? 145 LYS A CE  1 
ATOM   863  N  NZ  . LYS A 1 106 ? -0.203  -10.547 -12.331 1.00 47.65 ? 145 LYS A NZ  1 
ATOM   864  N  N   . VAL A 1 107 ? -2.545  -5.165  -7.206  1.00 21.40 ? 146 VAL A N   1 
ATOM   865  C  CA  . VAL A 1 107 ? -3.335  -3.950  -6.842  1.00 21.54 ? 146 VAL A CA  1 
ATOM   866  C  C   . VAL A 1 107 ? -2.945  -2.811  -7.805  1.00 20.87 ? 146 VAL A C   1 
ATOM   867  O  O   . VAL A 1 107 ? -1.780  -2.675  -8.162  1.00 21.52 ? 146 VAL A O   1 
ATOM   868  C  CB  . VAL A 1 107 ? -3.173  -3.581  -5.351  1.00 21.73 ? 146 VAL A CB  1 
ATOM   869  C  CG1 . VAL A 1 107 ? -1.743  -3.164  -5.003  1.00 23.32 ? 146 VAL A CG1 1 
ATOM   870  C  CG2 . VAL A 1 107 ? -4.188  -2.510  -4.952  1.00 21.10 ? 146 VAL A CG2 1 
ATOM   871  N  N   . LYS A 1 108 ? -3.935  -2.047  -8.266  1.00 21.76 ? 147 LYS A N   1 
ATOM   872  C  CA  . LYS A 1 108 ? -3.720  -0.904  -9.177  1.00 21.36 ? 147 LYS A CA  1 
ATOM   873  C  C   . LYS A 1 108 ? -4.159  0.376   -8.483  1.00 20.82 ? 147 LYS A C   1 
ATOM   874  O  O   . LYS A 1 108 ? -5.214  0.431   -7.900  1.00 21.95 ? 147 LYS A O   1 
ATOM   875  C  CB  . LYS A 1 108 ? -4.491  -1.167  -10.478 1.00 24.04 ? 147 LYS A CB  1 
ATOM   876  C  CG  . LYS A 1 108 ? -3.811  -2.128  -11.430 1.00 27.24 ? 147 LYS A CG  1 
ATOM   877  C  CD  . LYS A 1 108 ? -4.571  -2.275  -12.748 1.00 32.65 ? 147 LYS A CD  1 
ATOM   878  C  CE  . LYS A 1 108 ? -3.812  -3.135  -13.734 1.00 36.92 ? 147 LYS A CE  1 
ATOM   879  N  NZ  . LYS A 1 108 ? -4.503  -3.260  -15.044 1.00 41.56 ? 147 LYS A NZ  1 
ATOM   880  N  N   . LEU A 1 109 ? -3.339  1.408   -8.648  1.00 20.22 ? 148 LEU A N   1 
ATOM   881  C  CA  . LEU A 1 109 ? -3.633  2.745   -8.114  1.00 20.57 ? 148 LEU A CA  1 
ATOM   882  C  C   . LEU A 1 109 ? -4.154  3.621   -9.259  1.00 20.28 ? 148 LEU A C   1 
ATOM   883  O  O   . LEU A 1 109 ? -3.562  3.626   -10.336 1.00 21.72 ? 148 LEU A O   1 
ATOM   884  C  CB  . LEU A 1 109 ? -2.361  3.313   -7.498  1.00 20.03 ? 148 LEU A CB  1 
ATOM   885  C  CG  . LEU A 1 109 ? -1.671  2.427   -6.467  1.00 20.02 ? 148 LEU A CG  1 
ATOM   886  C  CD1 . LEU A 1 109 ? -0.439  3.169   -5.909  1.00 19.95 ? 148 LEU A CD1 1 
ATOM   887  C  CD2 . LEU A 1 109 ? -2.638  1.970   -5.374  1.00 20.94 ? 148 LEU A CD2 1 
ATOM   888  N  N   . THR A 1 110 ? -5.206  4.356   -8.973  1.00 22.55 ? 149 THR A N   1 
ATOM   889  C  CA  . THR A 1 110 ? -5.932  5.124   -10.006 1.00 22.95 ? 149 THR A CA  1 
ATOM   890  C  C   . THR A 1 110 ? -6.308  6.501   -9.476  1.00 22.79 ? 149 THR A C   1 
ATOM   891  O  O   . THR A 1 110 ? -6.376  6.708   -8.242  1.00 21.27 ? 149 THR A O   1 
ATOM   892  C  CB  . THR A 1 110 ? -7.196  4.378   -10.429 1.00 25.22 ? 149 THR A CB  1 
ATOM   893  O  OG1 . THR A 1 110 ? -7.719  5.043   -11.575 1.00 25.94 ? 149 THR A OG1 1 
ATOM   894  C  CG2 . THR A 1 110 ? -8.248  4.333   -9.362  1.00 23.68 ? 149 THR A CG2 1 
ATOM   895  N  N   . ASN A 1 111 ? -6.615  7.405   -10.402 1.00 25.37 ? 150 ASN A N   1 
ATOM   896  C  CA  . ASN A 1 111 ? -7.141  8.756   -10.079 1.00 29.40 ? 150 ASN A CA  1 
ATOM   897  C  C   . ASN A 1 111 ? -8.530  8.923   -10.716 1.00 32.66 ? 150 ASN A C   1 
ATOM   898  O  O   . ASN A 1 111 ? -9.039  10.061  -10.731 1.00 37.05 ? 150 ASN A O   1 
ATOM   899  C  CB  . ASN A 1 111 ? -6.130  9.844   -10.455 1.00 30.65 ? 150 ASN A CB  1 
ATOM   900  C  CG  . ASN A 1 111 ? -5.798  9.922   -11.929 1.00 31.02 ? 150 ASN A CG  1 
ATOM   901  O  OD1 . ASN A 1 111 ? -5.077  10.830  -12.349 1.00 34.99 ? 150 ASN A OD1 1 
ATOM   902  N  ND2 . ASN A 1 111 ? -6.302  8.992   -12.723 1.00 30.37 ? 150 ASN A ND2 1 
ATOM   903  N  N   . LYS A 1 112 ? -9.150  7.825   -11.150 1.00 35.74 ? 151 LYS A N   1 
ATOM   904  C  CA  . LYS A 1 112 ? -10.533 7.807   -11.703 1.00 43.42 ? 151 LYS A CA  1 
ATOM   905  C  C   . LYS A 1 112 ? -11.265 6.570   -11.180 1.00 47.65 ? 151 LYS A C   1 
ATOM   906  O  O   . LYS A 1 112 ? -10.748 5.452   -11.402 1.00 41.86 ? 151 LYS A O   1 
ATOM   907  C  CB  . LYS A 1 112 ? -10.491 7.798   -13.234 1.00 47.73 ? 151 LYS A CB  1 
ATOM   908  C  CG  . LYS A 1 112 ? -10.252 9.156   -13.887 1.00 59.85 ? 151 LYS A CG  1 
ATOM   909  C  CD  . LYS A 1 112 ? -11.518 9.841   -14.399 1.00 65.09 ? 151 LYS A CD  1 
ATOM   910  C  CE  . LYS A 1 112 ? -11.242 11.033  -15.298 1.00 66.52 ? 151 LYS A CE  1 
ATOM   911  N  NZ  . LYS A 1 112 ? -10.545 12.121  -14.573 1.00 68.70 ? 151 LYS A NZ  1 
ATOM   912  N  N   . LEU A 1 113 ? -12.396 6.777   -10.496 1.00 54.10 ? 152 LEU A N   1 
ATOM   913  C  CA  . LEU A 1 113 ? -13.445 5.745   -10.251 1.00 62.69 ? 152 LEU A CA  1 
ATOM   914  C  C   . LEU A 1 113 ? -13.947 5.172   -11.589 1.00 57.14 ? 152 LEU A C   1 
ATOM   915  O  O   . LEU A 1 113 ? -14.960 5.660   -12.084 1.00 58.84 ? 152 LEU A O   1 
ATOM   916  C  CB  . LEU A 1 113 ? -14.607 6.340   -9.432  1.00 68.63 ? 152 LEU A CB  1 
ATOM   917  C  CG  . LEU A 1 113 ? -15.217 7.701   -9.828  1.00 75.65 ? 152 LEU A CG  1 
ATOM   918  C  CD1 . LEU A 1 113 ? -14.671 8.838   -8.974  1.00 75.90 ? 152 LEU A CD1 1 
ATOM   919  C  CD2 . LEU A 1 113 ? -15.085 8.065   -11.309 1.00 74.33 ? 152 LEU A CD2 1 
ATOM   920  N  N   . ASN A 1 114 ? -13.263 4.180   -12.162 1.00 57.43 ? 153 ASN A N   1 
ATOM   921  C  CA  . ASN A 1 114 ? -13.740 3.476   -13.385 1.00 56.79 ? 153 ASN A CA  1 
ATOM   922  C  C   . ASN A 1 114 ? -13.549 1.962   -13.212 1.00 57.45 ? 153 ASN A C   1 
ATOM   923  O  O   . ASN A 1 114 ? -13.143 1.295   -14.191 1.00 55.14 ? 153 ASN A O   1 
ATOM   924  C  CB  . ASN A 1 114 ? -13.113 4.056   -14.658 1.00 53.37 ? 153 ASN A CB  1 
ATOM   925  C  CG  . ASN A 1 114 ? -11.649 3.723   -14.843 1.00 54.69 ? 153 ASN A CG  1 
ATOM   926  O  OD1 . ASN A 1 114 ? -11.012 3.144   -13.964 1.00 50.12 ? 153 ASN A OD1 1 
ATOM   927  N  ND2 . ASN A 1 114 ? -11.121 4.059   -16.008 1.00 50.19 ? 153 ASN A ND2 1 
ATOM   928  N  N   . GLY A 1 115 ? -13.841 1.463   -12.004 1.00 63.42 ? 154 GLY A N   1 
ATOM   929  C  CA  . GLY A 1 115 ? -14.069 0.039   -11.689 1.00 61.40 ? 154 GLY A CA  1 
ATOM   930  C  C   . GLY A 1 115 ? -12.778 -0.746  -11.542 1.00 62.71 ? 154 GLY A C   1 
ATOM   931  O  O   . GLY A 1 115 ? -11.710 -0.119  -11.368 1.00 65.90 ? 154 GLY A O   1 
ATOM   932  N  N   . GLY A 1 116 ? -12.896 -2.080  -11.565 1.00 59.63 ? 155 GLY A N   1 
ATOM   933  C  CA  . GLY A 1 116 ? -11.782 -3.045  -11.627 1.00 55.26 ? 155 GLY A CA  1 
ATOM   934  C  C   . GLY A 1 116 ? -11.037 -3.202  -10.309 1.00 51.58 ? 155 GLY A C   1 
ATOM   935  O  O   . GLY A 1 116 ? -9.849  -3.558  -10.369 1.00 43.76 ? 155 GLY A O   1 
ATOM   936  N  N   . GLY A 1 117 ? -11.699 -2.971  -9.167  1.00 50.84 ? 156 GLY A N   1 
ATOM   937  C  CA  . GLY A 1 117 ? -11.129 -3.132  -7.810  1.00 48.97 ? 156 GLY A CA  1 
ATOM   938  C  C   . GLY A 1 117 ? -9.878  -2.279  -7.607  1.00 51.30 ? 156 GLY A C   1 
ATOM   939  O  O   . GLY A 1 117 ? -8.966  -2.711  -6.876  1.00 56.39 ? 156 GLY A O   1 
ATOM   940  N  N   . GLN A 1 118 ? -9.833  -1.109  -8.242  1.00 45.68 ? 157 GLN A N   1 
ATOM   941  C  CA  . GLN A 1 118 ? -8.663  -0.197  -8.231  1.00 40.75 ? 157 GLN A CA  1 
ATOM   942  C  C   . GLN A 1 118 ? -8.723  0.616   -6.933  1.00 36.13 ? 157 GLN A C   1 
ATOM   943  O  O   . GLN A 1 118 ? -9.772  0.628   -6.255  1.00 38.61 ? 157 GLN A O   1 
ATOM   944  C  CB  . GLN A 1 118 ? -8.676  0.649   -9.501  1.00 41.76 ? 157 GLN A CB  1 
ATOM   945  C  CG  . GLN A 1 118 ? -8.343  -0.156  -10.747 1.00 43.91 ? 157 GLN A CG  1 
ATOM   946  C  CD  . GLN A 1 118 ? -8.400  0.633   -12.030 1.00 45.98 ? 157 GLN A CD  1 
ATOM   947  O  OE1 . GLN A 1 118 ? -8.265  1.845   -12.050 1.00 44.28 ? 157 GLN A OE1 1 
ATOM   948  N  NE2 . GLN A 1 118 ? -8.603  -0.065  -13.135 1.00 53.29 ? 157 GLN A NE2 1 
ATOM   949  N  N   . ILE A 1 119 ? -7.619  1.240   -6.545  1.00 25.63 ? 158 ILE A N   1 
ATOM   950  C  CA  . ILE A 1 119 ? -7.593  2.092   -5.338  1.00 24.73 ? 158 ILE A CA  1 
ATOM   951  C  C   . ILE A 1 119 ? -7.477  3.533   -5.826  1.00 21.52 ? 158 ILE A C   1 
ATOM   952  O  O   . ILE A 1 119 ? -6.461  3.851   -6.459  1.00 22.89 ? 158 ILE A O   1 
ATOM   953  C  CB  . ILE A 1 119 ? -6.395  1.752   -4.436  1.00 25.05 ? 158 ILE A CB  1 
ATOM   954  C  CG1 . ILE A 1 119 ? -6.399  0.287   -3.975  1.00 27.15 ? 158 ILE A CG1 1 
ATOM   955  C  CG2 . ILE A 1 119 ? -6.322  2.731   -3.270  1.00 24.81 ? 158 ILE A CG2 1 
ATOM   956  C  CD1 . ILE A 1 119 ? -7.259  -0.008  -2.798  1.00 28.87 ? 158 ILE A CD1 1 
ATOM   957  N  N   . MET A 1 120 ? -8.498  4.337   -5.528  1.00 21.80 ? 159 MET A N   1 
ATOM   958  C  CA  . MET A 1 120 ? -8.476  5.762   -5.903  1.00 26.12 ? 159 MET A CA  1 
ATOM   959  C  C   . MET A 1 120 ? -7.596  6.539   -4.920  1.00 23.33 ? 159 MET A C   1 
ATOM   960  O  O   . MET A 1 120 ? -7.845  6.420   -3.728  1.00 23.17 ? 159 MET A O   1 
ATOM   961  C  CB  . MET A 1 120 ? -9.885  6.343   -5.832  1.00 29.02 ? 159 MET A CB  1 
ATOM   962  C  CG  . MET A 1 120 ? -9.828  7.830   -6.047  1.00 35.37 ? 159 MET A CG  1 
ATOM   963  S  SD  . MET A 1 120 ? -10.479 8.192   -7.646  1.00 52.47 ? 159 MET A SD  1 
ATOM   964  C  CE  . MET A 1 120 ? -12.149 8.560   -7.111  1.00 55.12 ? 159 MET A CE  1 
ATOM   965  N  N   . LEU A 1 121 ? -6.659  7.356   -5.435  1.00 22.66 ? 160 LEU A N   1 
ATOM   966  C  CA  . LEU A 1 121 ? -5.805  8.211   -4.582  1.00 21.23 ? 160 LEU A CA  1 
ATOM   967  C  C   . LEU A 1 121 ? -5.807  9.616   -5.187  1.00 23.45 ? 160 LEU A C   1 
ATOM   968  O  O   . LEU A 1 121 ? -6.025  9.729   -6.388  1.00 25.85 ? 160 LEU A O   1 
ATOM   969  C  CB  . LEU A 1 121 ? -4.385  7.641   -4.554  1.00 20.37 ? 160 LEU A CB  1 
ATOM   970  C  CG  . LEU A 1 121 ? -4.232  6.230   -3.951  1.00 18.97 ? 160 LEU A CG  1 
ATOM   971  C  CD1 . LEU A 1 121 ? -2.780  5.827   -4.048  1.00 20.42 ? 160 LEU A CD1 1 
ATOM   972  C  CD2 . LEU A 1 121 ? -4.694  6.163   -2.519  1.00 20.36 ? 160 LEU A CD2 1 
ATOM   973  N  N   . ASN A 1 122 ? -5.615  10.635  -4.362  1.00 21.68 ? 161 ASN A N   1 
ATOM   974  C  CA  . ASN A 1 122 ? -5.457  12.020  -4.848  1.00 22.04 ? 161 ASN A CA  1 
ATOM   975  C  C   . ASN A 1 122 ? -3.978  12.263  -5.216  1.00 20.29 ? 161 ASN A C   1 
ATOM   976  O  O   . ASN A 1 122 ? -3.082  12.082  -4.374  1.00 20.21 ? 161 ASN A O   1 
ATOM   977  C  CB  . ASN A 1 122 ? -6.014  12.986  -3.807  1.00 22.86 ? 161 ASN A CB  1 
ATOM   978  C  CG  . ASN A 1 122 ? -7.492  12.776  -3.501  1.00 23.86 ? 161 ASN A CG  1 
ATOM   979  O  OD1 . ASN A 1 122 ? -8.253  12.472  -4.388  1.00 28.27 ? 161 ASN A OD1 1 
ATOM   980  N  ND2 . ASN A 1 122 ? -7.877  12.976  -2.267  1.00 29.86 ? 161 ASN A ND2 1 
ATOM   981  N  N   . SER A 1 123 ? -3.748  12.752  -6.421  1.00 21.35 ? 162 SER A N   1 
ATOM   982  C  CA  . SER A 1 123 ? -2.420  13.180  -6.896  1.00 24.07 ? 162 SER A CA  1 
ATOM   983  C  C   . SER A 1 123 ? -1.877  14.247  -5.952  1.00 21.82 ? 162 SER A C   1 
ATOM   984  O  O   . SER A 1 123 ? -2.665  15.086  -5.455  1.00 20.25 ? 162 SER A O   1 
ATOM   985  C  CB  . SER A 1 123 ? -2.479  13.656  -8.306  1.00 29.07 ? 162 SER A CB  1 
ATOM   986  O  OG  . SER A 1 123 ? -3.425  14.697  -8.417  1.00 37.50 ? 162 SER A OG  1 
ATOM   987  N  N   . LEU A 1 124 ? -0.586  14.140  -5.671  1.00 20.00 ? 163 LEU A N   1 
ATOM   988  C  CA  . LEU A 1 124 ? 0.218   15.062  -4.826  1.00 20.83 ? 163 LEU A CA  1 
ATOM   989  C  C   . LEU A 1 124 ? -0.165  14.956  -3.354  1.00 19.13 ? 163 LEU A C   1 
ATOM   990  O  O   . LEU A 1 124 ? 0.259   15.788  -2.559  1.00 19.82 ? 163 LEU A O   1 
ATOM   991  C  CB  . LEU A 1 124 ? 0.133   16.504  -5.372  1.00 20.47 ? 163 LEU A CB  1 
ATOM   992  C  CG  . LEU A 1 124 ? 0.644   16.653  -6.813  1.00 24.65 ? 163 LEU A CG  1 
ATOM   993  C  CD1 . LEU A 1 124 ? 0.574   18.112  -7.272  1.00 27.43 ? 163 LEU A CD1 1 
ATOM   994  C  CD2 . LEU A 1 124 ? 2.066   16.139  -6.972  1.00 24.82 ? 163 LEU A CD2 1 
ATOM   995  N  N   . HIS A 1 125 ? -0.817  13.856  -2.940  1.00 18.05 ? 164 HIS A N   1 
ATOM   996  C  CA  . HIS A 1 125 ? -1.079  13.523  -1.532  1.00 17.47 ? 164 HIS A CA  1 
ATOM   997  C  C   . HIS A 1 125 ? -0.265  12.289  -1.167  1.00 15.38 ? 164 HIS A C   1 
ATOM   998  O  O   . HIS A 1 125 ? -0.040  11.400  -2.053  1.00 17.14 ? 164 HIS A O   1 
ATOM   999  C  CB  . HIS A 1 125 ? -2.569  13.326  -1.270  1.00 18.32 ? 164 HIS A CB  1 
ATOM   1000 C  CG  . HIS A 1 125 ? -3.385  14.557  -1.506  1.00 18.60 ? 164 HIS A CG  1 
ATOM   1001 N  ND1 . HIS A 1 125 ? -3.539  15.094  -2.724  1.00 20.63 ? 164 HIS A ND1 1 
ATOM   1002 C  CD2 . HIS A 1 125 ? -4.159  15.278  -0.661  1.00 22.60 ? 164 HIS A CD2 1 
ATOM   1003 C  CE1 . HIS A 1 125 ? -4.363  16.145  -2.643  1.00 22.55 ? 164 HIS A CE1 1 
ATOM   1004 N  NE2 . HIS A 1 125 ? -4.708  16.290  -1.380  1.00 23.06 ? 164 HIS A NE2 1 
ATOM   1005 N  N   . LYS A 1 126 ? 0.190   12.254  0.050   1.00 16.23 ? 165 LYS A N   1 
ATOM   1006 C  CA  . LYS A 1 126 ? 1.005   11.159  0.589   1.00 16.71 ? 165 LYS A CA  1 
ATOM   1007 C  C   . LYS A 1 126 ? 0.114   10.119  1.253   1.00 17.42 ? 165 LYS A C   1 
ATOM   1008 O  O   . LYS A 1 126 ? -0.803  10.482  2.002   1.00 18.15 ? 165 LYS A O   1 
ATOM   1009 C  CB  . LYS A 1 126 ? 2.042   11.691  1.544   1.00 18.81 ? 165 LYS A CB  1 
ATOM   1010 C  CG  . LYS A 1 126 ? 3.015   10.691  2.083   1.00 20.90 ? 165 LYS A CG  1 
ATOM   1011 C  CD  . LYS A 1 126 ? 3.973   11.366  3.054   1.00 24.27 ? 165 LYS A CD  1 
ATOM   1012 C  CE  . LYS A 1 126 ? 5.015   12.191  2.326   1.00 28.49 ? 165 LYS A CE  1 
ATOM   1013 N  NZ  . LYS A 1 126 ? 6.173   12.508  3.190   1.00 33.49 ? 165 LYS A NZ  1 
ATOM   1014 N  N   . TYR A 1 127 ? 0.457   8.861   1.035   1.00 16.10 ? 166 TYR A N   1 
ATOM   1015 C  CA  . TYR A 1 127 ? -0.293  7.696   1.576   1.00 16.78 ? 166 TYR A CA  1 
ATOM   1016 C  C   . TYR A 1 127 ? 0.659   6.695   2.210   1.00 17.18 ? 166 TYR A C   1 
ATOM   1017 O  O   . TYR A 1 127 ? 1.814   6.550   1.724   1.00 17.12 ? 166 TYR A O   1 
ATOM   1018 C  CB  . TYR A 1 127 ? -1.086  7.049   0.450   1.00 17.61 ? 166 TYR A CB  1 
ATOM   1019 C  CG  . TYR A 1 127 ? -2.153  7.939   -0.105  1.00 18.83 ? 166 TYR A CG  1 
ATOM   1020 C  CD1 . TYR A 1 127 ? -3.371  8.005   0.548   1.00 18.26 ? 166 TYR A CD1 1 
ATOM   1021 C  CD2 . TYR A 1 127 ? -1.931  8.746   -1.207  1.00 17.80 ? 166 TYR A CD2 1 
ATOM   1022 C  CE1 . TYR A 1 127 ? -4.383  8.807   0.053   1.00 18.67 ? 166 TYR A CE1 1 
ATOM   1023 C  CE2 . TYR A 1 127 ? -2.922  9.562   -1.697  1.00 17.45 ? 166 TYR A CE2 1 
ATOM   1024 C  CZ  . TYR A 1 127 ? -4.137  9.618   -1.043  1.00 18.31 ? 166 TYR A CZ  1 
ATOM   1025 O  OH  . TYR A 1 127 ? -5.132  10.450  -1.507  1.00 21.27 ? 166 TYR A OH  1 
ATOM   1026 N  N   . GLU A 1 128 ? 0.128   5.932   3.172   1.00 18.27 ? 167 GLU A N   1 
ATOM   1027 C  CA  . GLU A 1 128 ? 0.858   4.843   3.871   1.00 18.69 ? 167 GLU A CA  1 
ATOM   1028 C  C   . GLU A 1 128 ? 0.016   3.564   3.746   1.00 18.31 ? 167 GLU A C   1 
ATOM   1029 O  O   . GLU A 1 128 ? -1.109  3.507   4.270   1.00 18.64 ? 167 GLU A O   1 
ATOM   1030 C  CB  . GLU A 1 128 ? 1.083   5.211   5.323   1.00 22.12 ? 167 GLU A CB  1 
ATOM   1031 C  CG  . GLU A 1 128 ? 1.874   4.173   6.119   1.00 23.91 ? 167 GLU A CG  1 
ATOM   1032 C  CD  . GLU A 1 128 ? 2.093   4.665   7.537   1.00 30.83 ? 167 GLU A CD  1 
ATOM   1033 O  OE1 . GLU A 1 128 ? 1.202   4.417   8.396   1.00 34.73 ? 167 GLU A OE1 1 
ATOM   1034 O  OE2 . GLU A 1 128 ? 3.052   5.454   7.742   1.00 35.47 ? 167 GLU A OE2 1 
ATOM   1035 N  N   . PRO A 1 129 ? 0.492   2.542   3.023   1.00 17.35 ? 168 PRO A N   1 
ATOM   1036 C  CA  . PRO A 1 129 ? -0.131  1.226   2.988   1.00 16.48 ? 168 PRO A CA  1 
ATOM   1037 C  C   . PRO A 1 129 ? -0.398  0.651   4.380   1.00 15.61 ? 168 PRO A C   1 
ATOM   1038 O  O   . PRO A 1 129 ? 0.416   0.791   5.297   1.00 17.20 ? 168 PRO A O   1 
ATOM   1039 C  CB  . PRO A 1 129 ? 0.866   0.368   2.228   1.00 17.43 ? 168 PRO A CB  1 
ATOM   1040 C  CG  . PRO A 1 129 ? 1.597   1.339   1.327   1.00 17.96 ? 168 PRO A CG  1 
ATOM   1041 C  CD  . PRO A 1 129 ? 1.676   2.582   2.156   1.00 16.91 ? 168 PRO A CD  1 
ATOM   1042 N  N   . ARG A 1 130 ? -1.544  -0.031  4.459   1.00 15.61 ? 169 ARG A N   1 
ATOM   1043 C  CA  . ARG A 1 130 ? -2.019  -0.671  5.694   1.00 15.61 ? 169 ARG A CA  1 
ATOM   1044 C  C   . ARG A 1 130 ? -2.654  -2.015  5.322   1.00 15.71 ? 169 ARG A C   1 
ATOM   1045 O  O   . ARG A 1 130 ? -3.478  -2.071  4.430   1.00 16.92 ? 169 ARG A O   1 
ATOM   1046 C  CB  . ARG A 1 130 ? -3.025  0.233   6.407   1.00 17.58 ? 169 ARG A CB  1 
ATOM   1047 C  CG  . ARG A 1 130 ? -3.612  -0.373  7.663   1.00 17.28 ? 169 ARG A CG  1 
ATOM   1048 C  CD  . ARG A 1 130 ? -4.388  0.657   8.478   1.00 18.33 ? 169 ARG A CD  1 
ATOM   1049 N  NE  . ARG A 1 130 ? -5.514  1.110   7.701   1.00 17.65 ? 169 ARG A NE  1 
ATOM   1050 C  CZ  . ARG A 1 130 ? -6.477  1.895   8.175   1.00 19.84 ? 169 ARG A CZ  1 
ATOM   1051 N  NH1 . ARG A 1 130 ? -6.360  2.361   9.404   1.00 21.34 ? 169 ARG A NH1 1 
ATOM   1052 N  NH2 . ARG A 1 130 ? -7.517  2.219   7.412   1.00 22.43 ? 169 ARG A NH2 1 
ATOM   1053 N  N   . ILE A 1 131 ? -2.235  -3.067  5.989   1.00 15.60 ? 170 ILE A N   1 
ATOM   1054 C  CA  . ILE A 1 131 ? -2.772  -4.434  5.712   1.00 16.90 ? 170 ILE A CA  1 
ATOM   1055 C  C   . ILE A 1 131 ? -3.648  -4.819  6.897   1.00 16.95 ? 170 ILE A C   1 
ATOM   1056 O  O   . ILE A 1 131 ? -3.200  -4.678  8.024   1.00 19.56 ? 170 ILE A O   1 
ATOM   1057 C  CB  . ILE A 1 131 ? -1.643  -5.459  5.454   1.00 17.74 ? 170 ILE A CB  1 
ATOM   1058 C  CG1 . ILE A 1 131 ? -0.972  -5.130  4.109   1.00 19.66 ? 170 ILE A CG1 1 
ATOM   1059 C  CG2 . ILE A 1 131 ? -2.190  -6.914  5.493   1.00 18.42 ? 170 ILE A CG2 1 
ATOM   1060 C  CD1 . ILE A 1 131 ? 0.359   -5.839  3.926   1.00 21.53 ? 170 ILE A CD1 1 
ATOM   1061 N  N   . HIS A 1 132 ? -4.796  -5.403  6.589   1.00 17.93 ? 171 HIS A N   1 
ATOM   1062 C  CA  . HIS A 1 132 ? -5.754  -5.938  7.577   1.00 17.20 ? 171 HIS A CA  1 
ATOM   1063 C  C   . HIS A 1 132 ? -5.838  -7.458  7.422   1.00 17.08 ? 171 HIS A C   1 
ATOM   1064 O  O   . HIS A 1 132 ? -5.973  -7.930  6.286   1.00 18.64 ? 171 HIS A O   1 
ATOM   1065 C  CB  . HIS A 1 132 ? -7.139  -5.374  7.374   1.00 18.29 ? 171 HIS A CB  1 
ATOM   1066 C  CG  . HIS A 1 132 ? -7.114  -3.896  7.242   1.00 19.27 ? 171 HIS A CG  1 
ATOM   1067 N  ND1 . HIS A 1 132 ? -7.350  -3.100  8.304   1.00 20.70 ? 171 HIS A ND1 1 
ATOM   1068 C  CD2 . HIS A 1 132 ? -6.768  -3.101  6.203   1.00 22.48 ? 171 HIS A CD2 1 
ATOM   1069 C  CE1 . HIS A 1 132 ? -7.216  -1.826  7.932   1.00 20.86 ? 171 HIS A CE1 1 
ATOM   1070 N  NE2 . HIS A 1 132 ? -6.881  -1.808  6.660   1.00 22.19 ? 171 HIS A NE2 1 
ATOM   1071 N  N   . ILE A 1 133 ? -5.835  -8.144  8.542   1.00 15.49 ? 172 ILE A N   1 
ATOM   1072 C  CA  . ILE A 1 133 ? -6.064  -9.613  8.583   1.00 16.08 ? 172 ILE A CA  1 
ATOM   1073 C  C   . ILE A 1 133 ? -7.404  -9.835  9.260   1.00 16.55 ? 172 ILE A C   1 
ATOM   1074 O  O   . ILE A 1 133 ? -7.516  -9.445  10.432  1.00 16.61 ? 172 ILE A O   1 
ATOM   1075 C  CB  . ILE A 1 133 ? -4.912  -10.361 9.245   1.00 16.15 ? 172 ILE A CB  1 
ATOM   1076 C  CG1 . ILE A 1 133 ? -3.581  -10.106 8.525   1.00 16.43 ? 172 ILE A CG1 1 
ATOM   1077 C  CG2 . ILE A 1 133 ? -5.209  -11.863 9.254   1.00 16.56 ? 172 ILE A CG2 1 
ATOM   1078 C  CD1 . ILE A 1 133 ? -2.381  -10.607 9.252   1.00 17.64 ? 172 ILE A CD1 1 
ATOM   1079 N  N   . VAL A 1 134 ? -8.359  -10.384 8.512   1.00 18.21 ? 173 VAL A N   1 
ATOM   1080 C  CA  . VAL A 1 134 ? -9.787  -10.556 8.914   1.00 20.15 ? 173 VAL A CA  1 
ATOM   1081 C  C   . VAL A 1 134 ? -10.009 -12.048 9.156   1.00 20.77 ? 173 VAL A C   1 
ATOM   1082 O  O   . VAL A 1 134 ? -9.825  -12.836 8.180   1.00 24.64 ? 173 VAL A O   1 
ATOM   1083 C  CB  . VAL A 1 134 ? -10.734 -10.040 7.816   1.00 24.88 ? 173 VAL A CB  1 
ATOM   1084 C  CG1 . VAL A 1 134 ? -12.189 -10.149 8.254   1.00 29.66 ? 173 VAL A CG1 1 
ATOM   1085 C  CG2 . VAL A 1 134 ? -10.439 -8.611  7.416   1.00 27.05 ? 173 VAL A CG2 1 
ATOM   1086 N  N   . ARG A 1 135 ? -10.371 -12.445 10.365  1.00 19.57 ? 174 ARG A N   1 
ATOM   1087 C  CA  . ARG A 1 135 ? -10.634 -13.865 10.668  1.00 19.69 ? 174 ARG A CA  1 
ATOM   1088 C  C   . ARG A 1 135 ? -12.007 -14.302 10.138  1.00 21.21 ? 174 ARG A C   1 
ATOM   1089 O  O   . ARG A 1 135 ? -12.987 -13.601 10.349  1.00 24.20 ? 174 ARG A O   1 
ATOM   1090 C  CB  . ARG A 1 135 ? -10.576 -14.095 12.163  1.00 22.18 ? 174 ARG A CB  1 
ATOM   1091 C  CG  . ARG A 1 135 ? -10.629 -15.570 12.469  1.00 21.55 ? 174 ARG A CG  1 
ATOM   1092 C  CD  . ARG A 1 135 ? -10.063 -15.802 13.840  1.00 26.41 ? 174 ARG A CD  1 
ATOM   1093 N  NE  . ARG A 1 135 ? -10.759 -14.990 14.822  1.00 26.85 ? 174 ARG A NE  1 
ATOM   1094 C  CZ  . ARG A 1 135 ? -10.363 -14.862 16.086  1.00 27.91 ? 174 ARG A CZ  1 
ATOM   1095 N  NH1 . ARG A 1 135 ? -11.095 -14.172 16.943  1.00 26.21 ? 174 ARG A NH1 1 
ATOM   1096 N  NH2 . ARG A 1 135 ? -9.218  -15.411 16.492  1.00 32.68 ? 174 ARG A NH2 1 
ATOM   1097 N  N   . VAL A 1 136 ? -12.055 -15.375 9.373   1.00 18.98 ? 175 VAL A N   1 
ATOM   1098 C  CA  . VAL A 1 136 ? -13.314 -15.871 8.736   1.00 19.68 ? 175 VAL A CA  1 
ATOM   1099 C  C   . VAL A 1 136 ? -14.184 -16.591 9.765   1.00 20.00 ? 175 VAL A C   1 
ATOM   1100 O  O   . VAL A 1 136 ? -13.654 -17.313 10.598  1.00 20.98 ? 175 VAL A O   1 
ATOM   1101 C  CB  . VAL A 1 136 ? -12.920 -16.783 7.573   1.00 20.59 ? 175 VAL A CB  1 
ATOM   1102 C  CG1 . VAL A 1 136 ? -14.099 -17.572 7.028   1.00 21.77 ? 175 VAL A CG1 1 
ATOM   1103 C  CG2 . VAL A 1 136 ? -12.189 -15.966 6.510   1.00 23.07 ? 175 VAL A CG2 1 
ATOM   1104 N  N   . GLY A 1 137 ? -15.492 -16.369 9.697   1.00 22.51 ? 176 GLY A N   1 
ATOM   1105 C  CA  . GLY A 1 137 ? -16.490 -17.128 10.487  1.00 25.48 ? 176 GLY A CA  1 
ATOM   1106 C  C   . GLY A 1 137 ? -16.484 -16.703 11.938  1.00 25.71 ? 176 GLY A C   1 
ATOM   1107 O  O   . GLY A 1 137 ? -16.878 -17.497 12.830  1.00 27.30 ? 176 GLY A O   1 
ATOM   1108 N  N   . ASP A 1 138 ? -15.985 -15.504 12.198  1.00 23.76 ? 177 ASP A N   1 
ATOM   1109 C  CA  . ASP A 1 138 ? -15.787 -15.013 13.581  1.00 20.90 ? 177 ASP A CA  1 
ATOM   1110 C  C   . ASP A 1 138 ? -16.959 -14.122 13.993  1.00 20.05 ? 177 ASP A C   1 
ATOM   1111 O  O   . ASP A 1 138 ? -17.156 -13.067 13.394  1.00 19.82 ? 177 ASP A O   1 
ATOM   1112 C  CB  . ASP A 1 138 ? -14.487 -14.231 13.677  1.00 21.03 ? 177 ASP A CB  1 
ATOM   1113 C  CG  . ASP A 1 138 ? -14.199 -13.765 15.083  1.00 21.87 ? 177 ASP A CG  1 
ATOM   1114 O  OD1 . ASP A 1 138 ? -14.964 -14.087 16.039  1.00 22.94 ? 177 ASP A OD1 1 
ATOM   1115 O  OD2 . ASP A 1 138 ? -13.215 -13.089 15.212  1.00 24.42 ? 177 ASP A OD2 1 
ATOM   1116 N  N   . PRO A 1 139 ? -17.814 -14.499 14.988  1.00 21.01 ? 178 PRO A N   1 
ATOM   1117 C  CA  . PRO A 1 139 ? -18.929 -13.636 15.395  1.00 19.63 ? 178 PRO A CA  1 
ATOM   1118 C  C   . PRO A 1 139 ? -18.468 -12.281 15.953  1.00 18.89 ? 178 PRO A C   1 
ATOM   1119 O  O   . PRO A 1 139 ? -19.205 -11.338 15.909  1.00 19.91 ? 178 PRO A O   1 
ATOM   1120 C  CB  . PRO A 1 139 ? -19.680 -14.442 16.449  1.00 23.24 ? 178 PRO A CB  1 
ATOM   1121 C  CG  . PRO A 1 139 ? -18.734 -15.507 16.870  1.00 25.55 ? 178 PRO A CG  1 
ATOM   1122 C  CD  . PRO A 1 139 ? -17.835 -15.781 15.684  1.00 22.93 ? 178 PRO A CD  1 
ATOM   1123 N  N   . GLN A 1 140 ? -17.204 -12.206 16.346  1.00 17.47 ? 179 GLN A N   1 
ATOM   1124 C  CA  . GLN A 1 140 ? -16.640 -10.941 16.855  1.00 17.90 ? 179 GLN A CA  1 
ATOM   1125 C  C   . GLN A 1 140 ? -15.957 -10.144 15.757  1.00 17.58 ? 179 GLN A C   1 
ATOM   1126 O  O   . GLN A 1 140 ? -15.535 -8.989  15.994  1.00 18.34 ? 179 GLN A O   1 
ATOM   1127 C  CB  . GLN A 1 140 ? -15.656 -11.212 17.966  1.00 18.99 ? 179 GLN A CB  1 
ATOM   1128 C  CG  . GLN A 1 140 ? -16.340 -11.750 19.209  1.00 21.80 ? 179 GLN A CG  1 
ATOM   1129 C  CD  . GLN A 1 140 ? -15.324 -11.767 20.321  1.00 23.79 ? 179 GLN A CD  1 
ATOM   1130 O  OE1 . GLN A 1 140 ? -15.384 -10.973 21.251  1.00 32.59 ? 179 GLN A OE1 1 
ATOM   1131 N  NE2 . GLN A 1 140 ? -14.339 -12.642 20.185  1.00 22.90 ? 179 GLN A NE2 1 
ATOM   1132 N  N   . ARG A 1 141 ? -15.878 -10.713 14.566  1.00 17.03 ? 180 ARG A N   1 
ATOM   1133 C  CA  . ARG A 1 141 ? -15.339 -9.959  13.408  1.00 18.17 ? 180 ARG A CA  1 
ATOM   1134 C  C   . ARG A 1 141 ? -13.955 -9.417  13.721  1.00 18.58 ? 180 ARG A C   1 
ATOM   1135 O  O   . ARG A 1 141 ? -13.662 -8.253  13.360  1.00 19.29 ? 180 ARG A O   1 
ATOM   1136 C  CB  . ARG A 1 141 ? -16.329 -8.891  12.956  1.00 22.12 ? 180 ARG A CB  1 
ATOM   1137 C  CG  . ARG A 1 141 ? -17.609 -9.522  12.434  1.00 28.03 ? 180 ARG A CG  1 
ATOM   1138 C  CD  . ARG A 1 141 ? -18.401 -8.561  11.568  1.00 31.96 ? 180 ARG A CD  1 
ATOM   1139 N  NE  . ARG A 1 141 ? -18.894 -7.499  12.410  1.00 37.09 ? 180 ARG A NE  1 
ATOM   1140 C  CZ  . ARG A 1 141 ? -19.883 -7.631  13.269  1.00 37.81 ? 180 ARG A CZ  1 
ATOM   1141 N  NH1 . ARG A 1 141 ? -20.544 -8.773  13.363  1.00 46.16 ? 180 ARG A NH1 1 
ATOM   1142 N  NH2 . ARG A 1 141 ? -20.253 -6.599  14.006  1.00 40.55 ? 180 ARG A NH2 1 
ATOM   1143 N  N   A MET A 1 142 ? -13.118 -10.237 14.332  0.50 17.72 ? 181 MET A N   1 
ATOM   1144 N  N   B MET A 1 142 ? -13.096 -10.245 14.313  0.50 18.15 ? 181 MET A N   1 
ATOM   1145 C  CA  A MET A 1 142 ? -11.767 -9.790  14.723  0.50 17.98 ? 181 MET A CA  1 
ATOM   1146 C  CA  B MET A 1 142 ? -11.747 -9.835  14.792  0.50 18.36 ? 181 MET A CA  1 
ATOM   1147 C  C   A MET A 1 142 ? -11.021 -9.359  13.459  0.50 16.56 ? 181 MET A C   1 
ATOM   1148 C  C   B MET A 1 142 ? -10.850 -9.507  13.598  0.50 18.48 ? 181 MET A C   1 
ATOM   1149 O  O   A MET A 1 142 ? -10.987 -10.094 12.469  0.50 16.75 ? 181 MET A O   1 
ATOM   1150 O  O   B MET A 1 142 ? -10.728 -10.312 12.657  0.50 19.78 ? 181 MET A O   1 
ATOM   1151 C  CB  A MET A 1 142 ? -10.985 -10.856 15.476  0.50 19.68 ? 181 MET A CB  1 
ATOM   1152 C  CB  B MET A 1 142 ? -11.091 -10.906 15.655  0.50 18.99 ? 181 MET A CB  1 
ATOM   1153 C  CG  A MET A 1 142 ? -9.658  -10.313 15.960  0.50 20.75 ? 181 MET A CG  1 
ATOM   1154 C  CG  B MET A 1 142 ? -9.754  -10.455 16.235  0.50 19.26 ? 181 MET A CG  1 
ATOM   1155 S  SD  A MET A 1 142 ? -8.798  -11.499 16.990  0.50 25.36 ? 181 MET A SD  1 
ATOM   1156 S  SD  B MET A 1 142 ? -8.395  -10.661 15.088  0.50 20.23 ? 181 MET A SD  1 
ATOM   1157 C  CE  A MET A 1 142 ? -7.233  -10.679 17.270  0.50 22.85 ? 181 MET A CE  1 
ATOM   1158 C  CE  B MET A 1 142 ? -8.209  -12.435 15.181  0.50 18.86 ? 181 MET A CE  1 
ATOM   1159 N  N   A ILE A 1 143 ? -10.453 -8.175  13.531  0.50 15.42 ? 182 ILE A N   1 
ATOM   1160 N  N   B ILE A 1 143 ? -10.205 -8.353  13.666  0.50 16.65 ? 182 ILE A N   1 
ATOM   1161 C  CA  A ILE A 1 143 ? -9.510  -7.667  12.496  0.50 15.66 ? 182 ILE A CA  1 
ATOM   1162 C  CA  B ILE A 1 143 ? -9.355  -7.859  12.542  0.50 16.85 ? 182 ILE A CA  1 
ATOM   1163 C  C   A ILE A 1 143 ? -8.238  -7.176  13.186  0.50 15.19 ? 182 ILE A C   1 
ATOM   1164 C  C   B ILE A 1 143 ? -8.157  -7.130  13.149  0.50 16.39 ? 182 ILE A C   1 
ATOM   1165 O  O   A ILE A 1 143 ? -8.275  -6.623  14.299  0.50 14.34 ? 182 ILE A O   1 
ATOM   1166 O  O   B ILE A 1 143 ? -8.330  -6.249  14.005  0.50 14.76 ? 182 ILE A O   1 
ATOM   1167 C  CB  A ILE A 1 143 ? -10.183 -6.563  11.688  0.50 15.59 ? 182 ILE A CB  1 
ATOM   1168 C  CB  B ILE A 1 143 ? -10.165 -6.940  11.616  0.50 16.53 ? 182 ILE A CB  1 
ATOM   1169 C  CG1 A ILE A 1 143 ? -11.400 -7.143  10.966  0.50 16.41 ? 182 ILE A CG1 1 
ATOM   1170 C  CG1 B ILE A 1 143 ? -9.393  -6.539  10.350  0.50 17.55 ? 182 ILE A CG1 1 
ATOM   1171 C  CG2 A ILE A 1 143 ? -9.197  -5.875  10.748  0.50 14.71 ? 182 ILE A CG2 1 
ATOM   1172 C  CG2 B ILE A 1 143 ? -10.636 -5.714  12.395  0.50 16.95 ? 182 ILE A CG2 1 
ATOM   1173 C  CD1 A ILE A 1 143 ? -12.322 -6.107  10.408  0.50 17.09 ? 182 ILE A CD1 1 
ATOM   1174 C  CD1 B ILE A 1 143 ? -10.230 -5.687  9.390   0.50 19.45 ? 182 ILE A CD1 1 
ATOM   1175 N  N   A THR A 1 144 ? -7.121  -7.427  12.521  0.50 13.93 ? 183 THR A N   1 
ATOM   1176 N  N   B THR A 1 144 ? -6.971  -7.512  12.687  0.50 15.27 ? 183 THR A N   1 
ATOM   1177 C  CA  A THR A 1 144 ? -5.811  -6.851  12.896  0.50 14.20 ? 183 THR A CA  1 
ATOM   1178 C  CA  B THR A 1 144 ? -5.683  -6.882  13.066  0.50 15.11 ? 183 THR A CA  1 
ATOM   1179 C  C   A THR A 1 144 ? -5.371  -5.936  11.767  0.50 14.37 ? 183 THR A C   1 
ATOM   1180 C  C   B THR A 1 144 ? -5.122  -6.104  11.890  0.50 15.47 ? 183 THR A C   1 
ATOM   1181 O  O   A THR A 1 144 ? -5.605  -6.294  10.600  0.50 13.94 ? 183 THR A O   1 
ATOM   1182 O  O   B THR A 1 144 ? -4.881  -6.739  10.847  0.50 14.02 ? 183 THR A O   1 
ATOM   1183 C  CB  A THR A 1 144 ? -4.804  -7.942  13.267  0.50 15.30 ? 183 THR A CB  1 
ATOM   1184 C  CB  B THR A 1 144 ? -4.658  -7.912  13.530  0.50 16.24 ? 183 THR A CB  1 
ATOM   1185 O  OG1 A THR A 1 144 ? -4.305  -8.667  12.136  0.50 17.25 ? 183 THR A OG1 1 
ATOM   1186 O  OG1 B THR A 1 144 ? -5.316  -8.609  14.582  0.50 17.05 ? 183 THR A OG1 1 
ATOM   1187 C  CG2 A THR A 1 144 ? -5.406  -8.968  14.203  0.50 15.13 ? 183 THR A CG2 1 
ATOM   1188 C  CG2 B THR A 1 144 ? -3.360  -7.324  14.034  0.50 15.88 ? 183 THR A CG2 1 
ATOM   1189 N  N   A SER A 1 145 ? -4.735  -4.823  12.122  0.50 14.66 ? 184 SER A N   1 
ATOM   1190 N  N   B SER A 1 145 ? -4.819  -4.828  12.110  0.50 14.68 ? 184 SER A N   1 
ATOM   1191 C  CA  A SER A 1 145 ? -4.246  -3.810  11.155  0.50 16.08 ? 184 SER A CA  1 
ATOM   1192 C  CA  B SER A 1 145 ? -4.178  -3.976  11.088  0.50 15.03 ? 184 SER A CA  1 
ATOM   1193 C  C   A SER A 1 145 ? -2.773  -3.532  11.449  0.50 14.64 ? 184 SER A C   1 
ATOM   1194 C  C   B SER A 1 145 ? -2.720  -3.712  11.461  0.50 13.86 ? 184 SER A C   1 
ATOM   1195 O  O   A SER A 1 145 ? -2.469  -3.307  12.594  0.50 15.88 ? 184 SER A O   1 
ATOM   1196 O  O   B SER A 1 145 ? -2.349  -3.747  12.643  0.50 14.15 ? 184 SER A O   1 
ATOM   1197 C  CB  A SER A 1 145 ? -5.046  -2.547  11.244  0.50 16.86 ? 184 SER A CB  1 
ATOM   1198 C  CB  B SER A 1 145 ? -4.892  -2.684  10.889  0.50 15.14 ? 184 SER A CB  1 
ATOM   1199 O  OG  A SER A 1 145 ? -6.437  -2.827  11.088  0.50 21.09 ? 184 SER A OG  1 
ATOM   1200 O  OG  B SER A 1 145 ? -4.968  -1.951  12.101  0.50 17.18 ? 184 SER A OG  1 
ATOM   1201 N  N   . HIS A 1 146 ? -1.928  -3.519  10.398  1.00 16.15 ? 185 HIS A N   1 
ATOM   1202 C  CA  . HIS A 1 146 ? -0.506  -3.151  10.486  1.00 15.43 ? 185 HIS A CA  1 
ATOM   1203 C  C   . HIS A 1 146 ? -0.274  -2.085  9.420   1.00 15.09 ? 185 HIS A C   1 
ATOM   1204 O  O   . HIS A 1 146 ? -0.676  -2.253  8.284   1.00 15.81 ? 185 HIS A O   1 
ATOM   1205 C  CB  . HIS A 1 146 ? 0.484   -4.321  10.255  1.00 18.44 ? 185 HIS A CB  1 
ATOM   1206 C  CG  . HIS A 1 146 ? 0.663   -5.276  11.413  1.00 21.66 ? 185 HIS A CG  1 
ATOM   1207 N  ND1 . HIS A 1 146 ? -0.234  -6.266  11.567  1.00 17.14 ? 185 HIS A ND1 1 
ATOM   1208 C  CD2 . HIS A 1 146 ? 1.634   -5.471  12.358  1.00 20.68 ? 185 HIS A CD2 1 
ATOM   1209 C  CE1 . HIS A 1 146 ? 0.129   -7.071  12.556  1.00 20.98 ? 185 HIS A CE1 1 
ATOM   1210 N  NE2 . HIS A 1 146 ? 1.262   -6.595  13.078  1.00 21.92 ? 185 HIS A NE2 1 
ATOM   1211 N  N   . CYS A 1 147 ? 0.497   -1.076  9.811   1.00 15.64 ? 186 CYS A N   1 
ATOM   1212 C  CA  . CYS A 1 147 ? 0.972   -0.029  8.898   1.00 18.53 ? 186 CYS A CA  1 
ATOM   1213 C  C   . CYS A 1 147 ? 2.430   -0.253  8.558   1.00 18.29 ? 186 CYS A C   1 
ATOM   1214 O  O   . CYS A 1 147 ? 3.157   -0.811  9.349   1.00 19.02 ? 186 CYS A O   1 
ATOM   1215 C  CB  . CYS A 1 147 ? 0.824   1.308   9.590   1.00 18.65 ? 186 CYS A CB  1 
ATOM   1216 S  SG  . CYS A 1 147 ? -0.916  1.718   9.843   1.00 22.93 ? 186 CYS A SG  1 
ATOM   1217 N  N   . PHE A 1 148 ? 2.868   0.256   7.398   1.00 18.34 ? 187 PHE A N   1 
ATOM   1218 C  CA  . PHE A 1 148 ? 4.243   -0.012  6.896   1.00 20.66 ? 187 PHE A CA  1 
ATOM   1219 C  C   . PHE A 1 148 ? 4.925   1.314   6.563   1.00 21.43 ? 187 PHE A C   1 
ATOM   1220 O  O   . PHE A 1 148 ? 4.785   1.815   5.440   1.00 18.22 ? 187 PHE A O   1 
ATOM   1221 C  CB  . PHE A 1 148 ? 4.156   -0.932  5.684   1.00 19.34 ? 187 PHE A CB  1 
ATOM   1222 C  CG  . PHE A 1 148 ? 3.599   -2.265  6.092   1.00 18.29 ? 187 PHE A CG  1 
ATOM   1223 C  CD1 . PHE A 1 148 ? 4.407   -3.238  6.657   1.00 18.66 ? 187 PHE A CD1 1 
ATOM   1224 C  CD2 . PHE A 1 148 ? 2.250   -2.500  5.952   1.00 19.48 ? 187 PHE A CD2 1 
ATOM   1225 C  CE1 . PHE A 1 148 ? 3.850   -4.423  7.099   1.00 19.97 ? 187 PHE A CE1 1 
ATOM   1226 C  CE2 . PHE A 1 148 ? 1.705   -3.685  6.413   1.00 20.50 ? 187 PHE A CE2 1 
ATOM   1227 C  CZ  . PHE A 1 148 ? 2.502   -4.621  6.978   1.00 18.75 ? 187 PHE A CZ  1 
ATOM   1228 N  N   . PRO A 1 149 ? 5.547   1.965   7.557   1.00 21.73 ? 188 PRO A N   1 
ATOM   1229 C  CA  . PRO A 1 149 ? 6.056   3.332   7.378   1.00 21.89 ? 188 PRO A CA  1 
ATOM   1230 C  C   . PRO A 1 149 ? 7.093   3.414   6.259   1.00 21.62 ? 188 PRO A C   1 
ATOM   1231 O  O   . PRO A 1 149 ? 7.186   4.451   5.612   1.00 18.15 ? 188 PRO A O   1 
ATOM   1232 C  CB  . PRO A 1 149 ? 6.798   3.658   8.683   1.00 22.20 ? 188 PRO A CB  1 
ATOM   1233 C  CG  . PRO A 1 149 ? 6.843   2.376   9.475   1.00 28.22 ? 188 PRO A CG  1 
ATOM   1234 C  CD  . PRO A 1 149 ? 5.749   1.479   8.940   1.00 23.34 ? 188 PRO A CD  1 
ATOM   1235 N  N   . GLU A 1 150 ? 7.830   2.349   6.044   1.00 20.12 ? 189 GLU A N   1 
ATOM   1236 C  CA  . GLU A 1 150 ? 8.911   2.311   5.018   1.00 19.61 ? 189 GLU A CA  1 
ATOM   1237 C  C   . GLU A 1 150 ? 8.294   2.492   3.635   1.00 18.19 ? 189 GLU A C   1 
ATOM   1238 O  O   . GLU A 1 150 ? 9.031   2.767   2.674   1.00 18.30 ? 189 GLU A O   1 
ATOM   1239 C  CB  . GLU A 1 150 ? 9.676   0.989   4.994   1.00 23.65 ? 189 GLU A CB  1 
ATOM   1240 C  CG  . GLU A 1 150 ? 10.416  0.681   6.290   1.00 23.52 ? 189 GLU A CG  1 
ATOM   1241 C  CD  . GLU A 1 150 ? 9.644   -0.155  7.292   1.00 26.04 ? 189 GLU A CD  1 
ATOM   1242 O  OE1 . GLU A 1 150 ? 10.281  -0.661  8.242   1.00 31.46 ? 189 GLU A OE1 1 
ATOM   1243 O  OE2 . GLU A 1 150 ? 8.422   -0.276  7.164   1.00 23.74 ? 189 GLU A OE2 1 
ATOM   1244 N  N   . THR A 1 151 ? 6.984   2.275   3.478   1.00 16.50 ? 190 THR A N   1 
ATOM   1245 C  CA  . THR A 1 151 ? 6.329   2.163   2.159   1.00 16.28 ? 190 THR A CA  1 
ATOM   1246 C  C   . THR A 1 151 ? 5.517   3.426   1.849   1.00 15.64 ? 190 THR A C   1 
ATOM   1247 O  O   . THR A 1 151 ? 4.862   3.415   0.839   1.00 16.60 ? 190 THR A O   1 
ATOM   1248 C  CB  . THR A 1 151 ? 5.449   0.910   2.064   1.00 16.84 ? 190 THR A CB  1 
ATOM   1249 O  OG1 . THR A 1 151 ? 4.295   1.065   2.877   1.00 17.73 ? 190 THR A OG1 1 
ATOM   1250 C  CG2 . THR A 1 151 ? 6.179   -0.362  2.442   1.00 16.32 ? 190 THR A CG2 1 
ATOM   1251 N  N   . GLN A 1 152 ? 5.614   4.481   2.660   1.00 16.01 ? 191 GLN A N   1 
ATOM   1252 C  CA  . GLN A 1 152 ? 4.922   5.755   2.333   1.00 16.61 ? 191 GLN A CA  1 
ATOM   1253 C  C   . GLN A 1 152 ? 5.334   6.259   0.941   1.00 15.62 ? 191 GLN A C   1 
ATOM   1254 O  O   . GLN A 1 152 ? 6.536   6.177   0.592   1.00 16.15 ? 191 GLN A O   1 
ATOM   1255 C  CB  . GLN A 1 152 ? 5.307   6.802   3.377   1.00 20.51 ? 191 GLN A CB  1 
ATOM   1256 C  CG  . GLN A 1 152 ? 4.711   6.522   4.751   1.00 23.16 ? 191 GLN A CG  1 
ATOM   1257 C  CD  . GLN A 1 152 ? 5.377   7.361   5.808   1.00 29.81 ? 191 GLN A CD  1 
ATOM   1258 O  OE1 . GLN A 1 152 ? 6.249   8.187   5.512   1.00 34.49 ? 191 GLN A OE1 1 
ATOM   1259 N  NE2 . GLN A 1 152 ? 5.014   7.079   7.052   1.00 33.93 ? 191 GLN A NE2 1 
ATOM   1260 N  N   . PHE A 1 153 ? 4.401   6.846   0.222   1.00 15.04 ? 192 PHE A N   1 
ATOM   1261 C  CA  . PHE A 1 153 ? 4.713   7.434   -1.101  1.00 15.68 ? 192 PHE A CA  1 
ATOM   1262 C  C   . PHE A 1 153 ? 3.756   8.569   -1.385  1.00 15.88 ? 192 PHE A C   1 
ATOM   1263 O  O   . PHE A 1 153 ? 2.679   8.651   -0.767  1.00 15.64 ? 192 PHE A O   1 
ATOM   1264 C  CB  . PHE A 1 153 ? 4.607   6.350   -2.182  1.00 16.21 ? 192 PHE A CB  1 
ATOM   1265 C  CG  . PHE A 1 153 ? 3.222   5.777   -2.313  1.00 15.72 ? 192 PHE A CG  1 
ATOM   1266 C  CD1 . PHE A 1 153 ? 2.272   6.399   -3.107  1.00 14.97 ? 192 PHE A CD1 1 
ATOM   1267 C  CD2 . PHE A 1 153 ? 2.821   4.667   -1.568  1.00 16.15 ? 192 PHE A CD2 1 
ATOM   1268 C  CE1 . PHE A 1 153 ? 0.977   5.922   -3.214  1.00 17.04 ? 192 PHE A CE1 1 
ATOM   1269 C  CE2 . PHE A 1 153 ? 1.531   4.170   -1.699  1.00 17.57 ? 192 PHE A CE2 1 
ATOM   1270 C  CZ  . PHE A 1 153 ? 0.626   4.780   -2.528  1.00 16.99 ? 192 PHE A CZ  1 
ATOM   1271 N  N   . ILE A 1 154 ? 4.136   9.433   -2.332  1.00 15.39 ? 193 ILE A N   1 
ATOM   1272 C  CA  . ILE A 1 154 ? 3.221   10.453  -2.858  1.00 16.66 ? 193 ILE A CA  1 
ATOM   1273 C  C   . ILE A 1 154 ? 2.636   9.912   -4.158  1.00 16.02 ? 193 ILE A C   1 
ATOM   1274 O  O   . ILE A 1 154 ? 3.431   9.451   -5.050  1.00 16.42 ? 193 ILE A O   1 
ATOM   1275 C  CB  . ILE A 1 154 ? 3.973   11.792  -3.030  1.00 16.99 ? 193 ILE A CB  1 
ATOM   1276 C  CG1 . ILE A 1 154 ? 4.495   12.236  -1.658  1.00 17.53 ? 193 ILE A CG1 1 
ATOM   1277 C  CG2 . ILE A 1 154 ? 3.056   12.785  -3.718  1.00 17.87 ? 193 ILE A CG2 1 
ATOM   1278 C  CD1 . ILE A 1 154 ? 5.422   13.427  -1.738  1.00 19.48 ? 193 ILE A CD1 1 
ATOM   1279 N  N   . ALA A 1 155 ? 1.325   9.951   -4.335  1.00 16.19 ? 194 ALA A N   1 
ATOM   1280 C  CA  . ALA A 1 155 ? 0.675   9.605   -5.603  1.00 17.49 ? 194 ALA A CA  1 
ATOM   1281 C  C   . ALA A 1 155 ? 1.000   10.719  -6.598  1.00 19.16 ? 194 ALA A C   1 
ATOM   1282 O  O   . ALA A 1 155 ? 0.888   11.912  -6.188  1.00 21.42 ? 194 ALA A O   1 
ATOM   1283 C  CB  . ALA A 1 155 ? -0.803  9.450   -5.396  1.00 19.46 ? 194 ALA A CB  1 
ATOM   1284 N  N   . VAL A 1 156 ? 1.323   10.379  -7.825  1.00 18.31 ? 195 VAL A N   1 
ATOM   1285 C  CA  . VAL A 1 156 ? 1.632   11.419  -8.857  1.00 18.24 ? 195 VAL A CA  1 
ATOM   1286 C  C   . VAL A 1 156 ? 1.014   10.985  -10.185 1.00 21.40 ? 195 VAL A C   1 
ATOM   1287 O  O   . VAL A 1 156 ? 0.863   9.779   -10.405 1.00 20.96 ? 195 VAL A O   1 
ATOM   1288 C  CB  . VAL A 1 156 ? 3.138   11.652  -8.975  1.00 19.02 ? 195 VAL A CB  1 
ATOM   1289 C  CG1 . VAL A 1 156 ? 3.768   12.155  -7.702  1.00 19.15 ? 195 VAL A CG1 1 
ATOM   1290 C  CG2 . VAL A 1 156 ? 3.896   10.399  -9.424  1.00 18.22 ? 195 VAL A CG2 1 
ATOM   1291 N  N   . THR A 1 157 ? 0.701   11.917  -11.088 1.00 22.00 ? 196 THR A N   1 
ATOM   1292 C  CA  . THR A 1 157 ? 0.286   11.547  -12.467 1.00 21.89 ? 196 THR A CA  1 
ATOM   1293 C  C   . THR A 1 157 ? 1.518   11.301  -13.356 1.00 23.64 ? 196 THR A C   1 
ATOM   1294 O  O   . THR A 1 157 ? 1.396   10.653  -14.384 1.00 26.64 ? 196 THR A O   1 
ATOM   1295 C  CB  . THR A 1 157 ? -0.678  12.585  -13.047 1.00 26.27 ? 196 THR A CB  1 
ATOM   1296 O  OG1 . THR A 1 157 ? 0.062   13.803  -13.073 1.00 27.74 ? 196 THR A OG1 1 
ATOM   1297 C  CG2 . THR A 1 157 ? -1.921  12.740  -12.206 1.00 27.54 ? 196 THR A CG2 1 
ATOM   1298 N  N   . ALA A 1 158 ? 2.671   11.738  -12.913 1.00 21.11 ? 197 ALA A N   1 
ATOM   1299 C  CA  . ALA A 1 158 ? 3.965   11.665  -13.608 1.00 22.37 ? 197 ALA A CA  1 
ATOM   1300 C  C   . ALA A 1 158 ? 5.058   11.840  -12.567 1.00 21.20 ? 197 ALA A C   1 
ATOM   1301 O  O   . ALA A 1 158 ? 4.876   12.636  -11.639 1.00 20.99 ? 197 ALA A O   1 
ATOM   1302 C  CB  . ALA A 1 158 ? 4.053   12.725  -14.695 1.00 23.98 ? 197 ALA A CB  1 
ATOM   1303 N  N   . TYR A 1 159 ? 6.155   11.111  -12.674 1.00 19.99 ? 198 TYR A N   1 
ATOM   1304 C  CA  . TYR A 1 159 ? 7.283   11.236  -11.735 1.00 19.16 ? 198 TYR A CA  1 
ATOM   1305 C  C   . TYR A 1 159 ? 7.807   12.668  -11.747 1.00 21.06 ? 198 TYR A C   1 
ATOM   1306 O  O   . TYR A 1 159 ? 8.005   13.273  -12.799 1.00 22.34 ? 198 TYR A O   1 
ATOM   1307 C  CB  . TYR A 1 159 ? 8.378   10.225  -11.995 1.00 19.37 ? 198 TYR A CB  1 
ATOM   1308 C  CG  . TYR A 1 159 ? 7.961   8.808   -11.723 1.00 20.55 ? 198 TYR A CG  1 
ATOM   1309 C  CD1 . TYR A 1 159 ? 7.345   8.447   -10.527 1.00 20.22 ? 198 TYR A CD1 1 
ATOM   1310 C  CD2 . TYR A 1 159 ? 8.278   7.822   -12.625 1.00 24.30 ? 198 TYR A CD2 1 
ATOM   1311 C  CE1 . TYR A 1 159 ? 6.967   7.131   -10.291 1.00 22.88 ? 198 TYR A CE1 1 
ATOM   1312 C  CE2 . TYR A 1 159 ? 7.916   6.510   -12.403 1.00 25.78 ? 198 TYR A CE2 1 
ATOM   1313 C  CZ  . TYR A 1 159 ? 7.274   6.164   -11.232 1.00 27.86 ? 198 TYR A CZ  1 
ATOM   1314 O  OH  . TYR A 1 159 ? 6.971   4.841   -11.077 1.00 27.32 ? 198 TYR A OH  1 
ATOM   1315 N  N   . GLN A 1 160 ? 7.966   13.187  -10.557 1.00 20.25 ? 199 GLN A N   1 
ATOM   1316 C  CA  . GLN A 1 160 ? 8.559   14.544  -10.367 1.00 20.34 ? 199 GLN A CA  1 
ATOM   1317 C  C   . GLN A 1 160 ? 10.076  14.466  -10.234 1.00 21.15 ? 199 GLN A C   1 
ATOM   1318 O  O   . GLN A 1 160 ? 10.793  15.298  -10.794 1.00 26.39 ? 199 GLN A O   1 
ATOM   1319 C  CB  . GLN A 1 160 ? 7.958   15.145  -9.094  1.00 21.71 ? 199 GLN A CB  1 
ATOM   1320 C  CG  . GLN A 1 160 ? 6.448   15.180  -9.091  1.00 22.41 ? 199 GLN A CG  1 
ATOM   1321 C  CD  . GLN A 1 160 ? 5.963   16.083  -10.193 1.00 26.74 ? 199 GLN A CD  1 
ATOM   1322 O  OE1 . GLN A 1 160 ? 6.080   17.316  -10.119 1.00 23.71 ? 199 GLN A OE1 1 
ATOM   1323 N  NE2 . GLN A 1 160 ? 5.438   15.475  -11.249 1.00 25.69 ? 199 GLN A NE2 1 
ATOM   1324 N  N   . ASN A 1 161 ? 10.590  13.556  -9.422  1.00 18.50 ? 200 ASN A N   1 
ATOM   1325 C  CA  . ASN A 1 161 ? 12.011  13.414  -9.071  1.00 19.89 ? 200 ASN A CA  1 
ATOM   1326 C  C   . ASN A 1 161 ? 12.658  12.488  -10.097 1.00 22.15 ? 200 ASN A C   1 
ATOM   1327 O  O   . ASN A 1 161 ? 12.285  11.309  -10.132 1.00 20.80 ? 200 ASN A O   1 
ATOM   1328 C  CB  . ASN A 1 161 ? 12.143  12.862  -7.659  1.00 20.39 ? 200 ASN A CB  1 
ATOM   1329 C  CG  . ASN A 1 161 ? 13.542  12.720  -7.133  1.00 20.36 ? 200 ASN A CG  1 
ATOM   1330 O  OD1 . ASN A 1 161 ? 14.520  12.918  -7.876  1.00 22.30 ? 200 ASN A OD1 1 
ATOM   1331 N  ND2 . ASN A 1 161 ? 13.655  12.454  -5.837  1.00 20.12 ? 200 ASN A ND2 1 
ATOM   1332 N  N   . GLU A 1 162 ? 13.580  12.987  -10.909 1.00 23.00 ? 201 GLU A N   1 
ATOM   1333 C  CA  . GLU A 1 162 ? 14.277  12.122  -11.908 1.00 22.61 ? 201 GLU A CA  1 
ATOM   1334 C  C   . GLU A 1 162 ? 15.059  11.026  -11.186 1.00 22.40 ? 201 GLU A C   1 
ATOM   1335 O  O   . GLU A 1 162 ? 15.308  9.994   -11.867 1.00 22.94 ? 201 GLU A O   1 
ATOM   1336 C  CB  . GLU A 1 162 ? 15.160  12.960  -12.839 1.00 24.19 ? 201 GLU A CB  1 
ATOM   1337 C  CG  . GLU A 1 162 ? 16.463  13.379  -12.218 1.00 27.95 ? 201 GLU A CG  1 
ATOM   1338 C  CD  . GLU A 1 162 ? 16.415  14.396  -11.090 1.00 29.00 ? 201 GLU A CD  1 
ATOM   1339 O  OE1 . GLU A 1 162 ? 17.375  14.425  -10.319 1.00 34.29 ? 201 GLU A OE1 1 
ATOM   1340 O  OE2 . GLU A 1 162 ? 15.386  15.110  -10.950 1.00 34.10 ? 201 GLU A OE2 1 
ATOM   1341 N  N   . GLU A 1 163 ? 15.488  11.173  -9.927  1.00 20.55 ? 202 GLU A N   1 
ATOM   1342 C  CA  . GLU A 1 163 ? 16.182  10.068  -9.199  1.00 22.09 ? 202 GLU A CA  1 
ATOM   1343 C  C   . GLU A 1 163 ? 15.162  8.935   -8.980  1.00 21.45 ? 202 GLU A C   1 
ATOM   1344 O  O   . GLU A 1 163 ? 15.582  7.757   -8.954  1.00 21.16 ? 202 GLU A O   1 
ATOM   1345 C  CB  . GLU A 1 163 ? 16.843  10.494  -7.897  1.00 25.48 ? 202 GLU A CB  1 
ATOM   1346 C  CG  . GLU A 1 163 ? 18.042  11.408  -8.144  1.00 27.73 ? 202 GLU A CG  1 
ATOM   1347 C  CD  . GLU A 1 163 ? 19.059  11.495  -7.021  1.00 31.78 ? 202 GLU A CD  1 
ATOM   1348 O  OE1 . GLU A 1 163 ? 18.731  11.205  -5.884  1.00 38.54 ? 202 GLU A OE1 1 
ATOM   1349 O  OE2 . GLU A 1 163 ? 20.215  11.870  -7.306  1.00 40.17 ? 202 GLU A OE2 1 
ATOM   1350 N  N   . ILE A 1 164 ? 13.871  9.215   -8.793  1.00 19.91 ? 203 ILE A N   1 
ATOM   1351 C  CA  . ILE A 1 164 ? 12.845  8.128   -8.651  1.00 19.35 ? 203 ILE A CA  1 
ATOM   1352 C  C   . ILE A 1 164 ? 12.650  7.432   -9.992  1.00 21.77 ? 203 ILE A C   1 
ATOM   1353 O  O   . ILE A 1 164 ? 12.633  6.172   -10.041 1.00 21.76 ? 203 ILE A O   1 
ATOM   1354 C  CB  . ILE A 1 164 ? 11.516  8.675   -8.066  1.00 20.73 ? 203 ILE A CB  1 
ATOM   1355 C  CG1 . ILE A 1 164 ? 11.629  8.941   -6.567  1.00 19.43 ? 203 ILE A CG1 1 
ATOM   1356 C  CG2 . ILE A 1 164 ? 10.343  7.775   -8.409  1.00 20.88 ? 203 ILE A CG2 1 
ATOM   1357 C  CD1 . ILE A 1 164 ? 11.746  7.676   -5.695  1.00 21.11 ? 203 ILE A CD1 1 
ATOM   1358 N  N   . THR A 1 165 ? 12.506  8.178   -11.077 1.00 19.98 ? 204 THR A N   1 
ATOM   1359 C  CA  . THR A 1 165 ? 12.399  7.620   -12.423 1.00 21.18 ? 204 THR A CA  1 
ATOM   1360 C  C   . THR A 1 165 ? 13.549  6.642   -12.615 1.00 19.58 ? 204 THR A C   1 
ATOM   1361 O  O   . THR A 1 165 ? 13.255  5.493   -13.026 1.00 20.95 ? 204 THR A O   1 
ATOM   1362 C  CB  . THR A 1 165 ? 12.441  8.740   -13.453 1.00 21.55 ? 204 THR A CB  1 
ATOM   1363 O  OG1 . THR A 1 165 ? 11.399  9.623   -13.023 1.00 23.69 ? 204 THR A OG1 1 
ATOM   1364 C  CG2 . THR A 1 165 ? 12.143  8.233   -14.834 1.00 24.14 ? 204 THR A CG2 1 
ATOM   1365 N  N   . ALA A 1 166 ? 14.751  7.035   -12.259 1.00 19.45 ? 205 ALA A N   1 
ATOM   1366 C  CA  . ALA A 1 166 ? 15.949  6.204   -12.539 1.00 19.82 ? 205 ALA A CA  1 
ATOM   1367 C  C   . ALA A 1 166 ? 15.928  4.976   -11.624 1.00 21.03 ? 205 ALA A C   1 
ATOM   1368 O  O   . ALA A 1 166 ? 16.273  3.873   -12.110 1.00 22.90 ? 205 ALA A O   1 
ATOM   1369 C  CB  . ALA A 1 166 ? 17.182  7.005   -12.305 1.00 18.72 ? 205 ALA A CB  1 
ATOM   1370 N  N   . LEU A 1 167 ? 15.552  5.133   -10.350 1.00 20.80 ? 206 LEU A N   1 
ATOM   1371 C  CA  . LEU A 1 167 ? 15.526  3.997   -9.379  1.00 21.39 ? 206 LEU A CA  1 
ATOM   1372 C  C   . LEU A 1 167 ? 14.502  2.960   -9.819  1.00 20.81 ? 206 LEU A C   1 
ATOM   1373 O  O   . LEU A 1 167 ? 14.766  1.718   -9.627  1.00 20.93 ? 206 LEU A O   1 
ATOM   1374 C  CB  . LEU A 1 167 ? 15.131  4.564   -8.011  1.00 22.39 ? 206 LEU A CB  1 
ATOM   1375 C  CG  . LEU A 1 167 ? 16.053  4.478   -6.802  1.00 32.59 ? 206 LEU A CG  1 
ATOM   1376 C  CD1 . LEU A 1 167 ? 15.274  4.008   -5.578  1.00 32.80 ? 206 LEU A CD1 1 
ATOM   1377 C  CD2 . LEU A 1 167 ? 17.316  3.687   -6.974  1.00 31.36 ? 206 LEU A CD2 1 
ATOM   1378 N  N   . LYS A 1 168 ? 13.327  3.377   -10.292 1.00 19.16 ? 207 LYS A N   1 
ATOM   1379 C  CA  . LYS A 1 168 ? 12.242  2.493   -10.762 1.00 21.88 ? 207 LYS A CA  1 
ATOM   1380 C  C   . LYS A 1 168 ? 12.791  1.629   -11.909 1.00 23.90 ? 207 LYS A C   1 
ATOM   1381 O  O   . LYS A 1 168 ? 12.604  0.402   -11.895 1.00 27.77 ? 207 LYS A O   1 
ATOM   1382 C  CB  . LYS A 1 168 ? 11.010  3.291   -11.197 1.00 22.42 ? 207 LYS A CB  1 
ATOM   1383 C  CG  . LYS A 1 168 ? 10.358  4.127   -10.092 1.00 21.29 ? 207 LYS A CG  1 
ATOM   1384 C  CD  . LYS A 1 168 ? 9.256   3.403   -9.378  1.00 21.13 ? 207 LYS A CD  1 
ATOM   1385 C  CE  . LYS A 1 168 ? 8.648   4.271   -8.275  1.00 21.00 ? 207 LYS A CE  1 
ATOM   1386 N  NZ  . LYS A 1 168 ? 7.311   3.777   -7.864  1.00 22.02 ? 207 LYS A NZ  1 
ATOM   1387 N  N   . ILE A 1 169 ? 13.544  2.247   -12.797 1.00 22.39 ? 208 ILE A N   1 
ATOM   1388 C  CA  . ILE A 1 169 ? 14.173  1.523   -13.942 1.00 24.73 ? 208 ILE A CA  1 
ATOM   1389 C  C   . ILE A 1 169 ? 15.253  0.598   -13.417 1.00 24.28 ? 208 ILE A C   1 
ATOM   1390 O  O   . ILE A 1 169 ? 15.287  -0.570  -13.903 1.00 30.21 ? 208 ILE A O   1 
ATOM   1391 C  CB  . ILE A 1 169 ? 14.693  2.540   -14.967 1.00 26.20 ? 208 ILE A CB  1 
ATOM   1392 C  CG1 . ILE A 1 169 ? 13.538  3.087   -15.805 1.00 28.78 ? 208 ILE A CG1 1 
ATOM   1393 C  CG2 . ILE A 1 169 ? 15.816  1.911   -15.805 1.00 27.74 ? 208 ILE A CG2 1 
ATOM   1394 C  CD1 . ILE A 1 169 ? 13.895  4.321   -16.582 1.00 28.85 ? 208 ILE A CD1 1 
ATOM   1395 N  N   . LYS A 1 170 ? 16.113  1.040   -12.508 1.00 22.64 ? 209 LYS A N   1 
ATOM   1396 C  CA  . LYS A 1 170 ? 17.267  0.243   -11.997 1.00 22.39 ? 209 LYS A CA  1 
ATOM   1397 C  C   . LYS A 1 170 ? 16.747  -1.050  -11.348 1.00 24.76 ? 209 LYS A C   1 
ATOM   1398 O  O   . LYS A 1 170 ? 17.286  -2.116  -11.663 1.00 26.31 ? 209 LYS A O   1 
ATOM   1399 C  CB  . LYS A 1 170 ? 18.137  1.071   -11.052 1.00 25.80 ? 209 LYS A CB  1 
ATOM   1400 C  CG  . LYS A 1 170 ? 19.336  0.358   -10.441 1.00 25.88 ? 209 LYS A CG  1 
ATOM   1401 C  CD  . LYS A 1 170 ? 20.273  1.273   -9.704  1.00 27.80 ? 209 LYS A CD  1 
ATOM   1402 C  CE  . LYS A 1 170 ? 21.267  0.559   -8.808  1.00 29.84 ? 209 LYS A CE  1 
ATOM   1403 N  NZ  . LYS A 1 170 ? 22.200  -0.272  -9.606  1.00 30.90 ? 209 LYS A NZ  1 
ATOM   1404 N  N   . TYR A 1 171 ? 15.752  -0.974  -10.465 1.00 23.95 ? 210 TYR A N   1 
ATOM   1405 C  CA  . TYR A 1 171 ? 15.373  -2.118  -9.598  1.00 24.29 ? 210 TYR A CA  1 
ATOM   1406 C  C   . TYR A 1 171 ? 14.206  -2.910  -10.189 1.00 26.17 ? 210 TYR A C   1 
ATOM   1407 O  O   . TYR A 1 171 ? 13.962  -4.033  -9.641  1.00 27.14 ? 210 TYR A O   1 
ATOM   1408 C  CB  . TYR A 1 171 ? 15.136  -1.629  -8.174  1.00 23.32 ? 210 TYR A CB  1 
ATOM   1409 C  CG  . TYR A 1 171 ? 16.392  -1.233  -7.458  1.00 25.82 ? 210 TYR A CG  1 
ATOM   1410 C  CD1 . TYR A 1 171 ? 17.369  -2.148  -7.114  1.00 26.37 ? 210 TYR A CD1 1 
ATOM   1411 C  CD2 . TYR A 1 171 ? 16.608  0.078   -7.087  1.00 28.76 ? 210 TYR A CD2 1 
ATOM   1412 C  CE1 . TYR A 1 171 ? 18.522  -1.764  -6.449  1.00 29.99 ? 210 TYR A CE1 1 
ATOM   1413 C  CE2 . TYR A 1 171 ? 17.742  0.471   -6.406  1.00 31.39 ? 210 TYR A CE2 1 
ATOM   1414 C  CZ  . TYR A 1 171 ? 18.714  -0.447  -6.085  1.00 30.61 ? 210 TYR A CZ  1 
ATOM   1415 O  OH  . TYR A 1 171 ? 19.842  -0.022  -5.451  1.00 31.00 ? 210 TYR A OH  1 
ATOM   1416 N  N   . ASN A 1 172 ? 13.535  -2.414  -11.238 1.00 26.30 ? 211 ASN A N   1 
ATOM   1417 C  CA  . ASN A 1 172 ? 12.340  -3.033  -11.872 1.00 31.06 ? 211 ASN A CA  1 
ATOM   1418 C  C   . ASN A 1 172 ? 12.674  -3.367  -13.326 1.00 37.41 ? 211 ASN A C   1 
ATOM   1419 O  O   . ASN A 1 172 ? 13.705  -4.007  -13.571 1.00 40.35 ? 211 ASN A O   1 
ATOM   1420 C  CB  . ASN A 1 172 ? 11.100  -2.129  -11.819 1.00 31.64 ? 211 ASN A CB  1 
ATOM   1421 C  CG  . ASN A 1 172 ? 9.819   -2.839  -12.205 1.00 32.10 ? 211 ASN A CG  1 
ATOM   1422 O  OD1 . ASN A 1 172 ? 9.758   -4.060  -12.207 1.00 37.77 ? 211 ASN A OD1 1 
ATOM   1423 N  ND2 . ASN A 1 172 ? 8.779   -2.077  -12.486 1.00 34.00 ? 211 ASN A ND2 1 
HETATM 1424 NA NA  . NA  B 2 .   ? -15.094 2.392   -8.721  1.00 90.90 ? 301 NA  A NA  1 
HETATM 1425 O  O   . HOH C 3 .   ? 11.968  -11.507 12.720  1.00 36.67 ? 401 HOH A O   1 
HETATM 1426 O  O   . HOH C 3 .   ? 16.746  20.060  -4.899  1.00 41.87 ? 402 HOH A O   1 
HETATM 1427 O  O   . HOH C 3 .   ? 8.174   13.775  3.120   1.00 49.36 ? 403 HOH A O   1 
HETATM 1428 O  O   . HOH C 3 .   ? -8.770  -2.747  10.656  1.00 33.81 ? 404 HOH A O   1 
HETATM 1429 O  O   . HOH C 3 .   ? 18.660  16.347  -9.668  1.00 92.20 ? 405 HOH A O   1 
HETATM 1430 O  O   . HOH C 3 .   ? 5.260   -15.262 15.614  1.00 29.90 ? 406 HOH A O   1 
HETATM 1431 O  O   . HOH C 3 .   ? -6.739  -3.045  -7.838  1.00 28.26 ? 407 HOH A O   1 
HETATM 1432 O  O   . HOH C 3 .   ? -9.231  -8.879  -5.080  1.00 51.60 ? 408 HOH A O   1 
HETATM 1433 O  O   . HOH C 3 .   ? -5.947  -5.172  -9.859  1.00 43.32 ? 409 HOH A O   1 
HETATM 1434 O  O   . HOH C 3 .   ? 13.990  -9.474  -3.292  1.00 29.86 ? 410 HOH A O   1 
HETATM 1435 O  O   . HOH C 3 .   ? 10.487  17.541  -11.909 1.00 35.42 ? 411 HOH A O   1 
HETATM 1436 O  O   . HOH C 3 .   ? 13.835  -1.430  -15.784 1.00 42.47 ? 412 HOH A O   1 
HETATM 1437 O  O   . HOH C 3 .   ? 14.846  15.347  -4.832  1.00 24.68 ? 413 HOH A O   1 
HETATM 1438 O  O   . HOH C 3 .   ? -14.492 -14.847 18.435  1.00 28.26 ? 414 HOH A O   1 
HETATM 1439 O  O   . HOH C 3 .   ? -7.495  2.853   0.306   1.00 23.37 ? 415 HOH A O   1 
HETATM 1440 O  O   . HOH C 3 .   ? 15.304  5.528   3.663   1.00 39.00 ? 416 HOH A O   1 
HETATM 1441 O  O   . HOH C 3 .   ? 3.394   0.061   -12.689 1.00 40.66 ? 417 HOH A O   1 
HETATM 1442 O  O   . HOH C 3 .   ? 12.646  -9.812  1.900   0.50 15.58 ? 418 HOH A O   1 
HETATM 1443 O  O   . HOH C 3 .   ? 12.867  -0.478  8.487   1.00 39.28 ? 419 HOH A O   1 
HETATM 1444 O  O   . HOH C 3 .   ? 6.543   -12.327 10.209  1.00 28.70 ? 420 HOH A O   1 
HETATM 1445 O  O   . HOH C 3 .   ? -2.538  -28.080 12.582  1.00 43.51 ? 421 HOH A O   1 
HETATM 1446 O  O   . HOH C 3 .   ? -6.405  -8.739  -8.062  1.00 35.42 ? 422 HOH A O   1 
HETATM 1447 O  O   . HOH C 3 .   ? 3.075   -6.273  -10.223 1.00 32.35 ? 423 HOH A O   1 
HETATM 1448 O  O   . HOH C 3 .   ? 12.203  -13.232 1.000   1.00 21.45 ? 424 HOH A O   1 
HETATM 1449 O  O   . HOH C 3 .   ? 6.798   3.334   -13.218 1.00 34.07 ? 425 HOH A O   1 
HETATM 1450 O  O   . HOH C 3 .   ? -3.541  17.589  -6.164  1.00 38.89 ? 426 HOH A O   1 
HETATM 1451 O  O   . HOH C 3 .   ? -5.392  -23.390 0.739   1.00 29.93 ? 427 HOH A O   1 
HETATM 1452 O  O   . HOH C 3 .   ? 5.092   -4.092  -10.189 1.00 30.01 ? 428 HOH A O   1 
HETATM 1453 O  O   . HOH C 3 .   ? 8.003   7.570   8.578   1.00 51.47 ? 429 HOH A O   1 
HETATM 1454 O  O   . HOH C 3 .   ? 13.378  14.288  -2.944  1.00 30.71 ? 430 HOH A O   1 
HETATM 1455 O  O   . HOH C 3 .   ? -12.139 -13.489 21.400  1.00 28.50 ? 431 HOH A O   1 
HETATM 1456 O  O   . HOH C 3 .   ? 11.285  -13.961 4.432   1.00 27.13 ? 432 HOH A O   1 
HETATM 1457 O  O   . HOH C 3 .   ? 0.646   -3.486  -7.441  1.00 22.31 ? 433 HOH A O   1 
HETATM 1458 O  O   . HOH C 3 .   ? -2.398  -6.861  9.903   1.00 21.98 ? 434 HOH A O   1 
HETATM 1459 O  O   . HOH C 3 .   ? 18.204  5.986   -2.380  1.00 29.88 ? 435 HOH A O   1 
HETATM 1460 O  O   . HOH C 3 .   ? 9.614   20.772  -9.896  1.00 34.78 ? 436 HOH A O   1 
HETATM 1461 O  O   . HOH C 3 .   ? 5.767   25.020  1.130   1.00 32.92 ? 437 HOH A O   1 
HETATM 1462 O  O   . HOH C 3 .   ? 20.631  2.531   -5.569  1.00 36.86 ? 438 HOH A O   1 
HETATM 1463 O  O   . HOH C 3 .   ? 7.131   -2.085  8.651   1.00 27.83 ? 439 HOH A O   1 
HETATM 1464 O  O   . HOH C 3 .   ? -4.008  -0.819  -16.176 1.00 38.88 ? 440 HOH A O   1 
HETATM 1465 O  O   . HOH C 3 .   ? -2.596  22.949  -5.713  1.00 48.69 ? 441 HOH A O   1 
HETATM 1466 O  O   . HOH C 3 .   ? -15.708 -13.436 10.514  1.00 31.58 ? 442 HOH A O   1 
HETATM 1467 O  O   . HOH C 3 .   ? 7.991   -13.439 12.108  1.00 28.55 ? 443 HOH A O   1 
HETATM 1468 O  O   . HOH C 3 .   ? -7.806  -11.434 12.214  1.00 33.28 ? 444 HOH A O   1 
HETATM 1469 O  O   . HOH C 3 .   ? -21.449 -11.143 14.440  1.00 37.32 ? 445 HOH A O   1 
HETATM 1470 O  O   . HOH C 3 .   ? -6.975  6.453   0.714   1.00 30.70 ? 446 HOH A O   1 
HETATM 1471 O  O   . HOH C 3 .   ? 11.665  11.815  -14.570 1.00 32.14 ? 447 HOH A O   1 
HETATM 1472 O  O   . HOH C 3 .   ? -6.097  -15.462 14.845  1.00 33.75 ? 448 HOH A O   1 
HETATM 1473 O  O   . HOH C 3 .   ? -0.038  -17.530 -3.296  1.00 26.58 ? 449 HOH A O   1 
HETATM 1474 O  O   . HOH C 3 .   ? -13.803 -5.796  14.480  1.00 20.95 ? 450 HOH A O   1 
HETATM 1475 O  O   . HOH C 3 .   ? -0.774  17.189  8.567   1.00 33.22 ? 451 HOH A O   1 
HETATM 1476 O  O   . HOH C 3 .   ? -1.021  9.446   -15.004 1.00 34.36 ? 452 HOH A O   1 
HETATM 1477 O  O   . HOH C 3 .   ? 7.133   26.227  -2.814  1.00 28.29 ? 453 HOH A O   1 
HETATM 1478 O  O   . HOH C 3 .   ? -0.436  14.559  1.715   1.00 20.26 ? 454 HOH A O   1 
HETATM 1479 O  O   . HOH C 3 .   ? 11.913  -11.173 -2.084  1.00 31.07 ? 455 HOH A O   1 
HETATM 1480 O  O   . HOH C 3 .   ? 18.121  3.761   -14.097 1.00 23.62 ? 456 HOH A O   1 
HETATM 1481 O  O   . HOH C 3 .   ? 11.769  23.935  -2.572  1.00 25.60 ? 457 HOH A O   1 
HETATM 1482 O  O   . HOH C 3 .   ? 18.062  1.054   2.068   1.00 27.62 ? 458 HOH A O   1 
HETATM 1483 O  O   . HOH C 3 .   ? 18.214  7.040   -8.865  1.00 25.22 ? 459 HOH A O   1 
HETATM 1484 O  O   . HOH C 3 .   ? 1.281   2.854   -9.042  1.00 25.36 ? 460 HOH A O   1 
HETATM 1485 O  O   . HOH C 3 .   ? 1.516   -20.131 14.217  1.00 34.19 ? 461 HOH A O   1 
HETATM 1486 O  O   . HOH C 3 .   ? 5.644   -10.472 -5.882  1.00 42.90 ? 462 HOH A O   1 
HETATM 1487 O  O   . HOH C 3 .   ? -9.084  -14.759 -6.489  1.00 43.54 ? 463 HOH A O   1 
HETATM 1488 O  O   . HOH C 3 .   ? -4.390  24.805  -1.585  1.00 63.95 ? 464 HOH A O   1 
HETATM 1489 O  O   . HOH C 3 .   ? -13.412 -11.002 11.131  1.00 29.33 ? 465 HOH A O   1 
HETATM 1490 O  O   . HOH C 3 .   ? 2.611   -22.568 6.878   1.00 27.82 ? 466 HOH A O   1 
HETATM 1491 O  O   . HOH C 3 .   ? 0.522   20.756  -4.716  1.00 33.81 ? 467 HOH A O   1 
HETATM 1492 O  O   . HOH C 3 .   ? 5.668   1.979   -9.417  1.00 33.37 ? 468 HOH A O   1 
HETATM 1493 O  O   . HOH C 3 .   ? -2.933  -14.715 15.513  1.00 38.26 ? 469 HOH A O   1 
HETATM 1494 O  O   . HOH C 3 .   ? 8.597   0.670   -12.564 1.00 42.60 ? 470 HOH A O   1 
HETATM 1495 O  O   . HOH C 3 .   ? -12.588 -15.648 -2.738  1.00 40.40 ? 471 HOH A O   1 
HETATM 1496 O  O   . HOH C 3 .   ? -2.043  -5.037  -16.897 1.00 57.31 ? 472 HOH A O   1 
HETATM 1497 O  O   . HOH C 3 .   ? 13.512  12.757  0.346   1.00 42.10 ? 473 HOH A O   1 
HETATM 1498 O  O   . HOH C 3 .   ? 10.728  12.056  -5.079  1.00 17.48 ? 474 HOH A O   1 
HETATM 1499 O  O   . HOH C 3 .   ? -16.799 -14.970 7.675   1.00 31.96 ? 475 HOH A O   1 
HETATM 1500 O  O   . HOH C 3 .   ? 8.345   -4.688  8.849   1.00 26.73 ? 476 HOH A O   1 
HETATM 1501 O  O   . HOH C 3 .   ? -2.324  12.763  2.496   1.00 25.18 ? 477 HOH A O   1 
HETATM 1502 O  O   . HOH C 3 .   ? 7.705   -5.483  -0.041  1.00 18.32 ? 478 HOH A O   1 
HETATM 1503 O  O   . HOH C 3 .   ? -1.614  -15.250 -5.671  1.00 30.12 ? 479 HOH A O   1 
HETATM 1504 O  O   . HOH C 3 .   ? 8.438   8.218   0.685   1.00 20.58 ? 480 HOH A O   1 
HETATM 1505 O  O   . HOH C 3 .   ? 8.499   4.212   0.247   1.00 17.85 ? 481 HOH A O   1 
HETATM 1506 O  O   . HOH C 3 .   ? -2.228  -8.661  -5.506  1.00 23.50 ? 482 HOH A O   1 
HETATM 1507 O  O   . HOH C 3 .   ? 9.214   -5.299  -5.478  1.00 31.02 ? 483 HOH A O   1 
HETATM 1508 O  O   . HOH C 3 .   ? -6.681  -24.189 16.134  1.00 64.56 ? 484 HOH A O   1 
HETATM 1509 O  O   . HOH C 3 .   ? -7.865  -3.232  13.471  0.50 22.31 ? 485 HOH A O   1 
HETATM 1510 O  O   . HOH C 3 .   ? -6.329  20.916  5.798   1.00 39.18 ? 486 HOH A O   1 
HETATM 1511 O  O   . HOH C 3 .   ? -7.142  10.930  0.410   1.00 27.94 ? 487 HOH A O   1 
HETATM 1512 O  O   . HOH C 3 .   ? 1.425   -16.950 1.132   1.00 20.18 ? 488 HOH A O   1 
HETATM 1513 O  O   . HOH C 3 .   ? 4.384   -15.233 5.225   1.00 20.47 ? 489 HOH A O   1 
HETATM 1514 O  O   . HOH C 3 .   ? 10.970  27.154  -8.278  1.00 31.98 ? 490 HOH A O   1 
HETATM 1515 O  O   . HOH C 3 .   ? 1.628   -12.258 -6.504  1.00 38.78 ? 491 HOH A O   1 
HETATM 1516 O  O   . HOH C 3 .   ? -7.985  11.291  -7.740  1.00 37.16 ? 492 HOH A O   1 
HETATM 1517 O  O   . HOH C 3 .   ? 3.071   -7.576  15.048  1.00 27.04 ? 493 HOH A O   1 
HETATM 1518 O  O   . HOH C 3 .   ? 16.777  14.376  -6.924  1.00 30.07 ? 494 HOH A O   1 
HETATM 1519 O  O   . HOH C 3 .   ? 0.969   -13.732 -2.412  1.00 24.58 ? 495 HOH A O   1 
HETATM 1520 O  O   . HOH C 3 .   ? -8.518  5.080   -1.283  1.00 25.57 ? 496 HOH A O   1 
HETATM 1521 O  O   . HOH C 3 .   ? 3.686   3.578   -10.258 1.00 31.33 ? 497 HOH A O   1 
HETATM 1522 O  O   . HOH C 3 .   ? -13.427 -0.829  -1.658  1.00 43.86 ? 498 HOH A O   1 
HETATM 1523 O  O   . HOH C 3 .   ? -7.051  8.183   4.751   1.00 27.74 ? 499 HOH A O   1 
HETATM 1524 O  O   . HOH C 3 .   ? 10.743  -3.504  8.188   1.00 33.54 ? 500 HOH A O   1 
HETATM 1525 O  O   . HOH C 3 .   ? -3.004  -5.925  -11.995 1.00 35.27 ? 501 HOH A O   1 
HETATM 1526 O  O   . HOH C 3 .   ? 10.659  4.175   7.610   1.00 32.11 ? 502 HOH A O   1 
HETATM 1527 O  O   . HOH C 3 .   ? 10.505  10.444  2.543   1.00 46.71 ? 503 HOH A O   1 
HETATM 1528 O  O   . HOH C 3 .   ? 5.959   -2.762  -12.505 1.00 50.23 ? 504 HOH A O   1 
HETATM 1529 O  O   . HOH C 3 .   ? -5.973  13.259  -8.217  1.00 40.79 ? 505 HOH A O   1 
HETATM 1530 O  O   . HOH C 3 .   ? 12.457  16.208  -1.009  1.00 32.09 ? 506 HOH A O   1 
HETATM 1531 O  O   . HOH C 3 .   ? -11.398 -19.200 10.825  1.00 23.93 ? 507 HOH A O   1 
HETATM 1532 O  O   . HOH C 3 .   ? 1.767   -3.670  -3.886  1.00 21.05 ? 508 HOH A O   1 
HETATM 1533 O  O   . HOH C 3 .   ? 10.731  4.929   -14.375 1.00 29.93 ? 509 HOH A O   1 
HETATM 1534 O  O   . HOH C 3 .   ? 18.032  -3.043  -1.933  1.00 45.41 ? 510 HOH A O   1 
HETATM 1535 O  O   . HOH C 3 .   ? 10.576  24.036  -9.110  1.00 32.59 ? 511 HOH A O   1 
HETATM 1536 O  O   . HOH C 3 .   ? -0.659  -12.071 18.692  1.00 39.49 ? 512 HOH A O   1 
HETATM 1537 O  O   . HOH C 3 .   ? -5.314  13.334  -10.850 1.00 37.61 ? 513 HOH A O   1 
HETATM 1538 O  O   . HOH C 3 .   ? 3.770   -19.123 13.058  1.00 31.91 ? 514 HOH A O   1 
HETATM 1539 O  O   . HOH C 3 .   ? -8.075  4.180   3.790   1.00 36.50 ? 515 HOH A O   1 
HETATM 1540 O  O   . HOH C 3 .   ? -5.611  -21.540 -2.188  1.00 36.72 ? 516 HOH A O   1 
HETATM 1541 O  O   . HOH C 3 .   ? -10.523 -6.243  -4.170  1.00 29.16 ? 517 HOH A O   1 
HETATM 1542 O  O   . HOH C 3 .   ? 1.144   14.681  -10.191 1.00 35.49 ? 518 HOH A O   1 
HETATM 1543 O  O   . HOH C 3 .   ? -5.567  -19.036 -2.899  1.00 48.03 ? 519 HOH A O   1 
HETATM 1544 O  O   . HOH C 3 .   ? -15.337 -3.301  -12.663 1.00 45.70 ? 520 HOH A O   1 
HETATM 1545 O  O   . HOH C 3 .   ? 7.529   14.521  1.528   1.00 32.35 ? 521 HOH A O   1 
HETATM 1546 O  O   . HOH C 3 .   ? 13.159  26.233  -2.750  1.00 24.92 ? 522 HOH A O   1 
HETATM 1547 O  O   . HOH C 3 .   ? -4.512  8.599   -17.087 1.00 34.52 ? 523 HOH A O   1 
HETATM 1548 O  O   . HOH C 3 .   ? -4.222  2.074   11.435  1.00 28.85 ? 524 HOH A O   1 
HETATM 1549 O  O   . HOH C 3 .   ? -0.174  -15.143 -0.395  1.00 22.78 ? 525 HOH A O   1 
HETATM 1550 O  O   . HOH C 3 .   ? 0.155   -1.518  -14.335 1.00 28.82 ? 526 HOH A O   1 
HETATM 1551 O  O   . HOH C 3 .   ? 6.624   9.767   -15.314 1.00 27.69 ? 527 HOH A O   1 
HETATM 1552 O  O   . HOH C 3 .   ? 4.559   16.892  -13.748 1.00 44.01 ? 528 HOH A O   1 
HETATM 1553 O  O   . HOH C 3 .   ? 12.317  20.704  -9.382  1.00 30.12 ? 529 HOH A O   1 
HETATM 1554 O  O   . HOH C 3 .   ? -12.771 -12.537 1.411   1.00 37.08 ? 530 HOH A O   1 
HETATM 1555 O  O   . HOH C 3 .   ? 2.143   7.300   -17.266 1.00 60.77 ? 531 HOH A O   1 
HETATM 1556 O  O   . HOH C 3 .   ? -8.834  4.172   -21.747 1.00 46.05 ? 532 HOH A O   1 
HETATM 1557 O  O   . HOH C 3 .   ? -7.171  22.475  -6.156  1.00 52.58 ? 533 HOH A O   1 
HETATM 1558 O  O   . HOH C 3 .   ? -5.330  21.383  -8.205  1.00 59.54 ? 534 HOH A O   1 
HETATM 1559 O  O   . HOH C 3 .   ? -13.398 -17.960 13.583  1.00 34.75 ? 535 HOH A O   1 
HETATM 1560 O  O   . HOH C 3 .   ? -5.246  -11.563 12.560  1.00 31.10 ? 536 HOH A O   1 
HETATM 1561 O  O   . HOH C 3 .   ? 16.380  12.728  -4.435  1.00 30.38 ? 537 HOH A O   1 
HETATM 1562 O  O   . HOH C 3 .   ? 4.194   6.256   -16.787 1.00 43.14 ? 538 HOH A O   1 
HETATM 1563 O  O   . HOH C 3 .   ? 7.929   9.986   2.787   1.00 30.53 ? 539 HOH A O   1 
HETATM 1564 O  O   . HOH C 3 .   ? -4.718  4.981   -18.052 1.00 35.08 ? 540 HOH A O   1 
HETATM 1565 O  O   . HOH C 3 .   ? 10.087  -12.143 18.967  1.00 57.23 ? 541 HOH A O   1 
HETATM 1566 O  O   . HOH C 3 .   ? -1.467  -11.152 -5.749  1.00 32.98 ? 542 HOH A O   1 
HETATM 1567 O  O   . HOH C 3 .   ? 19.474  14.151  -4.930  1.00 33.76 ? 543 HOH A O   1 
HETATM 1568 O  O   . HOH C 3 .   ? 5.955   4.717   -15.691 1.00 46.23 ? 544 HOH A O   1 
HETATM 1569 O  O   . HOH C 3 .   ? 6.781   -16.637 4.704   1.00 30.69 ? 545 HOH A O   1 
HETATM 1570 O  O   . HOH C 3 .   ? 7.385   -22.103 5.374   1.00 47.70 ? 546 HOH A O   1 
HETATM 1571 O  O   . HOH C 3 .   ? 10.523  -13.000 11.486  1.00 37.01 ? 547 HOH A O   1 
HETATM 1572 O  O   . HOH C 3 .   ? -0.067  -13.249 -4.717  1.00 29.63 ? 548 HOH A O   1 
HETATM 1573 O  O   . HOH C 3 .   ? -12.590 -13.080 -1.159  1.00 36.58 ? 549 HOH A O   1 
HETATM 1574 O  O   . HOH C 3 .   ? -1.094  16.054  -10.523 1.00 48.39 ? 550 HOH A O   1 
HETATM 1575 O  O   . HOH C 3 .   ? -14.277 -0.312  0.666   1.00 61.37 ? 551 HOH A O   1 
HETATM 1576 O  O   . HOH C 3 .   ? -15.779 -14.589 22.688  1.00 35.11 ? 552 HOH A O   1 
HETATM 1577 O  O   . HOH C 3 .   ? 19.434  7.721   -6.264  1.00 36.12 ? 553 HOH A O   1 
HETATM 1578 O  O   . HOH C 3 .   ? 3.359   17.633  7.257   1.00 27.96 ? 554 HOH A O   1 
HETATM 1579 O  O   . HOH C 3 .   ? 7.425   -7.732  12.409  1.00 38.40 ? 555 HOH A O   1 
HETATM 1580 O  O   . HOH C 3 .   ? 14.070  18.468  -10.527 1.00 38.21 ? 556 HOH A O   1 
HETATM 1581 O  O   . HOH C 3 .   ? -4.117  13.517  8.152   1.00 51.91 ? 557 HOH A O   1 
HETATM 1582 O  O   . HOH C 3 .   ? 6.939   1.019   -11.821 1.00 37.80 ? 558 HOH A O   1 
HETATM 1583 O  O   . HOH C 3 .   ? 19.117  4.594   -9.695  1.00 26.82 ? 559 HOH A O   1 
HETATM 1584 O  O   . HOH C 3 .   ? -2.216  -23.430 16.570  1.00 55.60 ? 560 HOH A O   1 
HETATM 1585 O  O   . HOH C 3 .   ? -8.988  22.356  2.538   1.00 35.79 ? 561 HOH A O   1 
HETATM 1586 O  O   . HOH C 3 .   ? -8.024  -26.463 15.909  1.00 34.62 ? 562 HOH A O   1 
HETATM 1587 O  O   . HOH C 3 .   ? -7.858  8.716   1.787   1.00 37.37 ? 563 HOH A O   1 
HETATM 1588 O  O   . HOH C 3 .   ? -2.502  25.513  -4.401  1.00 48.04 ? 564 HOH A O   1 
HETATM 1589 O  O   . HOH C 3 .   ? 7.526   -8.059  14.491  1.00 52.98 ? 565 HOH A O   1 
HETATM 1590 O  O   . HOH C 3 .   ? 8.709   17.370  -13.333 1.00 54.77 ? 566 HOH A O   1 
HETATM 1591 O  O   . HOH C 3 .   ? 23.373  -5.319  -0.478  1.00 44.18 ? 567 HOH A O   1 
HETATM 1592 O  O   . HOH C 3 .   ? -10.530 -11.309 -4.739  1.00 53.71 ? 568 HOH A O   1 
HETATM 1593 O  O   . HOH C 3 .   ? 20.175  4.459   -12.223 1.00 25.55 ? 569 HOH A O   1 
HETATM 1594 O  O   . HOH C 3 .   ? -1.058  8.022   9.092   1.00 41.71 ? 570 HOH A O   1 
HETATM 1595 O  O   . HOH C 3 .   ? 19.192  1.584   -15.257 1.00 35.48 ? 571 HOH A O   1 
HETATM 1596 O  O   . HOH C 3 .   ? 1.799   -18.059 -1.348  1.00 30.54 ? 572 HOH A O   1 
HETATM 1597 O  O   . HOH C 3 .   ? 18.618  9.928   -14.487 1.00 24.86 ? 573 HOH A O   1 
HETATM 1598 O  O   . HOH C 3 .   ? 9.818   -18.052 3.507   1.00 49.44 ? 574 HOH A O   1 
HETATM 1599 O  O   . HOH C 3 .   ? -4.718  -12.975 14.578  1.00 34.60 ? 575 HOH A O   1 
HETATM 1600 O  O   . HOH C 3 .   ? 3.207   20.388  -8.648  1.00 39.59 ? 576 HOH A O   1 
HETATM 1601 O  O   . HOH C 3 .   ? 14.664  -6.663  -5.881  1.00 44.34 ? 577 HOH A O   1 
HETATM 1602 O  O   . HOH C 3 .   ? -14.037 -20.918 14.127  1.00 41.06 ? 578 HOH A O   1 
HETATM 1603 O  O   . HOH C 3 .   ? 19.959  8.389   -10.482 1.00 27.78 ? 579 HOH A O   1 
HETATM 1604 O  O   . HOH C 3 .   ? 8.217   24.784  2.955   1.00 33.89 ? 580 HOH A O   1 
HETATM 1605 O  O   . HOH C 3 .   ? 21.275  4.150   -7.895  1.00 34.65 ? 581 HOH A O   1 
HETATM 1606 O  O   . HOH C 3 .   ? 9.618   25.877  -1.880  1.00 29.33 ? 582 HOH A O   1 
HETATM 1607 O  O   . HOH C 3 .   ? -1.187  21.016  -9.191  1.00 43.41 ? 583 HOH A O   1 
HETATM 1608 O  O   . HOH C 3 .   ? 14.178  27.031  -0.505  1.00 34.43 ? 584 HOH A O   1 
HETATM 1609 O  O   . HOH C 3 .   ? -13.896 17.575  -4.715  1.00 32.74 ? 585 HOH A O   1 
HETATM 1610 O  O   . HOH C 3 .   ? 20.986  6.972   -12.645 1.00 29.22 ? 586 HOH A O   1 
HETATM 1611 O  O   . HOH C 3 .   ? 18.297  5.042   -18.230 1.00 36.37 ? 587 HOH A O   1 
# 
